data_2D7Q
#
_entry.id   2D7Q
#
_entity_poly.entity_id   1
_entity_poly.type   'polypeptide(L)'
_entity_poly.pdbx_seq_one_letter_code
;GSSGSSGAGDPGLVSAYGPGLEGGTTGVSSEFIVNTLNAGSGALSVTIDGPSKVQLDCRECPEGHVVTYTPMAPGNYLIA
IKYGGPQHIVGSPFKAKVTGPRLSGSGPSSG
;
_entity_poly.pdbx_strand_id   A
#
# COMPACT_ATOMS: atom_id res chain seq x y z
N GLY A 1 -3.67 -9.71 -32.37
CA GLY A 1 -3.53 -8.36 -32.93
C GLY A 1 -2.08 -7.97 -33.13
N SER A 2 -1.87 -6.86 -33.83
CA SER A 2 -0.52 -6.39 -34.09
C SER A 2 0.35 -6.44 -32.84
N SER A 3 1.66 -6.54 -33.03
CA SER A 3 2.59 -6.61 -31.91
C SER A 3 2.70 -5.25 -31.21
N GLY A 4 2.81 -5.29 -29.89
CA GLY A 4 2.93 -4.06 -29.12
C GLY A 4 2.82 -4.29 -27.64
N SER A 5 3.56 -3.51 -26.86
CA SER A 5 3.55 -3.64 -25.40
C SER A 5 2.17 -3.32 -24.84
N SER A 6 1.64 -4.24 -24.04
CA SER A 6 0.32 -4.06 -23.44
C SER A 6 0.37 -3.02 -22.32
N GLY A 7 0.24 -1.76 -22.70
CA GLY A 7 0.28 -0.69 -21.71
C GLY A 7 1.61 -0.62 -20.98
N ALA A 8 2.59 0.02 -21.61
CA ALA A 8 3.91 0.16 -21.00
C ALA A 8 3.97 1.38 -20.08
N GLY A 9 4.79 1.28 -19.04
CA GLY A 9 4.93 2.38 -18.09
C GLY A 9 6.32 2.45 -17.49
N ASP A 10 6.53 3.45 -16.64
CA ASP A 10 7.82 3.62 -15.98
C ASP A 10 7.68 3.56 -14.47
N PRO A 11 7.90 2.36 -13.90
CA PRO A 11 7.80 2.14 -12.45
C PRO A 11 8.92 2.81 -11.68
N GLY A 12 10.05 3.03 -12.36
CA GLY A 12 11.19 3.66 -11.72
C GLY A 12 10.87 5.07 -11.26
N LEU A 13 9.91 5.71 -11.92
CA LEU A 13 9.52 7.08 -11.58
C LEU A 13 8.30 7.08 -10.66
N VAL A 14 8.02 5.93 -10.05
CA VAL A 14 6.89 5.79 -9.14
C VAL A 14 7.35 5.44 -7.73
N SER A 15 6.86 6.20 -6.75
CA SER A 15 7.22 5.97 -5.36
C SER A 15 6.04 6.25 -4.43
N ALA A 16 6.08 5.68 -3.24
CA ALA A 16 5.01 5.87 -2.26
C ALA A 16 5.56 6.46 -0.96
N TYR A 17 4.79 7.35 -0.36
CA TYR A 17 5.19 7.99 0.89
C TYR A 17 4.05 7.99 1.89
N GLY A 18 4.37 7.75 3.16
CA GLY A 18 3.37 7.74 4.20
C GLY A 18 3.76 6.85 5.36
N PRO A 19 3.11 7.07 6.52
CA PRO A 19 3.38 6.30 7.74
C PRO A 19 2.89 4.86 7.63
N GLY A 20 2.04 4.59 6.64
CA GLY A 20 1.51 3.26 6.44
C GLY A 20 2.55 2.30 5.88
N LEU A 21 3.47 2.84 5.08
CA LEU A 21 4.52 2.03 4.47
C LEU A 21 5.64 1.74 5.47
N GLU A 22 5.91 2.71 6.34
CA GLU A 22 6.94 2.56 7.35
C GLU A 22 6.38 1.96 8.64
N GLY A 23 5.07 2.11 8.83
CA GLY A 23 4.42 1.58 10.01
C GLY A 23 3.96 2.67 10.95
N GLY A 24 3.39 2.27 12.09
CA GLY A 24 2.91 3.23 13.06
C GLY A 24 2.48 2.58 14.36
N THR A 25 1.20 2.73 14.69
CA THR A 25 0.65 2.16 15.91
C THR A 25 -0.61 1.35 15.63
N THR A 26 -0.90 0.39 16.50
CA THR A 26 -2.09 -0.45 16.34
C THR A 26 -3.36 0.35 16.53
N GLY A 27 -4.45 -0.11 15.92
CA GLY A 27 -5.71 0.59 16.02
C GLY A 27 -5.64 2.01 15.51
N VAL A 28 -4.63 2.30 14.70
CA VAL A 28 -4.45 3.63 14.14
C VAL A 28 -4.49 3.60 12.62
N SER A 29 -5.57 4.10 12.05
CA SER A 29 -5.74 4.13 10.60
C SER A 29 -4.47 4.62 9.92
N SER A 30 -3.75 3.71 9.27
CA SER A 30 -2.52 4.05 8.57
C SER A 30 -2.73 4.05 7.07
N GLU A 31 -2.32 5.15 6.43
CA GLU A 31 -2.46 5.28 4.98
C GLU A 31 -1.16 5.80 4.36
N PHE A 32 -1.15 5.92 3.04
CA PHE A 32 0.02 6.39 2.31
C PHE A 32 -0.35 6.80 0.88
N ILE A 33 0.37 7.78 0.35
CA ILE A 33 0.12 8.25 -1.00
C ILE A 33 1.15 7.69 -1.98
N VAL A 34 0.69 7.35 -3.18
CA VAL A 34 1.57 6.80 -4.21
C VAL A 34 1.72 7.77 -5.38
N ASN A 35 2.85 8.48 -5.40
CA ASN A 35 3.12 9.43 -6.46
C ASN A 35 3.41 8.72 -7.78
N THR A 36 2.41 8.64 -8.64
CA THR A 36 2.56 7.98 -9.93
C THR A 36 2.53 9.00 -11.07
N LEU A 37 2.36 10.27 -10.73
CA LEU A 37 2.32 11.34 -11.71
C LEU A 37 3.58 11.34 -12.56
N ASN A 38 4.73 11.40 -11.91
CA ASN A 38 6.02 11.40 -12.60
C ASN A 38 6.07 10.31 -13.67
N ALA A 39 5.39 9.20 -13.40
CA ALA A 39 5.35 8.08 -14.33
C ALA A 39 4.60 8.47 -15.62
N GLY A 40 3.32 8.81 -15.46
CA GLY A 40 2.52 9.19 -16.61
C GLY A 40 1.15 8.55 -16.59
N SER A 41 1.10 7.24 -16.67
CA SER A 41 -0.16 6.50 -16.66
C SER A 41 0.08 5.00 -16.55
N GLY A 42 -0.92 4.28 -16.04
CA GLY A 42 -0.79 2.85 -15.90
C GLY A 42 -1.63 2.30 -14.76
N ALA A 43 -1.60 0.98 -14.58
CA ALA A 43 -2.36 0.35 -13.51
C ALA A 43 -1.52 0.21 -12.25
N LEU A 44 -2.20 0.05 -11.11
CA LEU A 44 -1.51 -0.09 -9.83
C LEU A 44 -2.01 -1.30 -9.07
N SER A 45 -1.10 -2.02 -8.43
CA SER A 45 -1.45 -3.21 -7.66
C SER A 45 -0.96 -3.10 -6.22
N VAL A 46 -1.90 -2.92 -5.30
CA VAL A 46 -1.56 -2.80 -3.89
C VAL A 46 -2.11 -3.99 -3.10
N THR A 47 -1.32 -4.43 -2.11
CA THR A 47 -1.73 -5.56 -1.29
C THR A 47 -0.99 -5.55 0.04
N ILE A 48 -1.55 -6.22 1.04
CA ILE A 48 -0.94 -6.30 2.36
C ILE A 48 -0.90 -7.73 2.88
N ASP A 49 0.06 -8.01 3.75
CA ASP A 49 0.20 -9.35 4.32
C ASP A 49 0.87 -9.28 5.69
N GLY A 50 0.18 -9.80 6.71
CA GLY A 50 0.73 -9.79 8.05
C GLY A 50 0.16 -10.89 8.91
N PRO A 51 0.33 -10.76 10.23
CA PRO A 51 -0.16 -11.76 11.20
C PRO A 51 -1.69 -11.75 11.30
N SER A 52 -2.32 -10.74 10.71
CA SER A 52 -3.77 -10.63 10.74
C SER A 52 -4.25 -9.70 9.62
N LYS A 53 -5.11 -10.23 8.75
CA LYS A 53 -5.65 -9.46 7.64
C LYS A 53 -5.98 -8.03 8.08
N VAL A 54 -5.87 -7.09 7.15
CA VAL A 54 -6.15 -5.69 7.44
C VAL A 54 -7.11 -5.10 6.41
N GLN A 55 -8.12 -4.37 6.89
CA GLN A 55 -9.10 -3.76 6.01
C GLN A 55 -8.52 -2.51 5.34
N LEU A 56 -8.13 -2.65 4.08
CA LEU A 56 -7.56 -1.54 3.32
C LEU A 56 -8.59 -0.94 2.38
N ASP A 57 -8.44 0.35 2.09
CA ASP A 57 -9.36 1.04 1.19
C ASP A 57 -8.60 1.93 0.21
N CYS A 58 -8.64 1.56 -1.06
CA CYS A 58 -7.94 2.33 -2.10
C CYS A 58 -8.84 3.45 -2.63
N ARG A 59 -8.35 4.68 -2.56
CA ARG A 59 -9.09 5.83 -3.03
C ARG A 59 -8.27 6.65 -4.02
N GLU A 60 -8.95 7.50 -4.79
CA GLU A 60 -8.27 8.33 -5.77
C GLU A 60 -7.78 9.64 -5.14
N CYS A 61 -6.49 9.92 -5.30
CA CYS A 61 -5.90 11.13 -4.75
C CYS A 61 -5.28 11.99 -5.85
N PRO A 62 -5.22 13.30 -5.60
CA PRO A 62 -4.65 14.26 -6.56
C PRO A 62 -3.14 14.11 -6.70
N GLU A 63 -2.57 13.15 -5.98
CA GLU A 63 -1.13 12.91 -6.03
C GLU A 63 -0.84 11.52 -6.58
N GLY A 64 -1.89 10.79 -6.95
CA GLY A 64 -1.72 9.46 -7.49
C GLY A 64 -2.72 8.47 -6.93
N HIS A 65 -2.25 7.58 -6.07
CA HIS A 65 -3.12 6.58 -5.46
C HIS A 65 -2.91 6.53 -3.94
N VAL A 66 -4.03 6.52 -3.20
CA VAL A 66 -3.97 6.48 -1.75
C VAL A 66 -4.66 5.23 -1.21
N VAL A 67 -4.15 4.71 -0.10
CA VAL A 67 -4.72 3.53 0.52
C VAL A 67 -4.72 3.64 2.04
N THR A 68 -5.88 3.40 2.65
CA THR A 68 -6.01 3.47 4.10
C THR A 68 -6.33 2.11 4.70
N TYR A 69 -5.57 1.71 5.71
CA TYR A 69 -5.78 0.44 6.37
C TYR A 69 -5.68 0.57 7.89
N THR A 70 -6.20 -0.42 8.59
CA THR A 70 -6.17 -0.41 10.05
C THR A 70 -5.56 -1.70 10.60
N PRO A 71 -4.48 -1.56 11.38
CA PRO A 71 -3.78 -2.71 11.98
C PRO A 71 -4.61 -3.36 13.09
N MET A 72 -4.61 -4.69 13.10
CA MET A 72 -5.35 -5.44 14.10
C MET A 72 -4.40 -6.19 15.04
N ALA A 73 -3.11 -6.09 14.76
CA ALA A 73 -2.11 -6.76 15.58
C ALA A 73 -0.71 -6.21 15.28
N PRO A 74 0.12 -6.12 16.33
CA PRO A 74 1.48 -5.60 16.22
C PRO A 74 2.40 -6.56 15.45
N GLY A 75 2.88 -6.11 14.30
CA GLY A 75 3.76 -6.94 13.50
C GLY A 75 4.26 -6.21 12.26
N ASN A 76 4.78 -6.97 11.30
CA ASN A 76 5.31 -6.39 10.07
C ASN A 76 4.44 -6.78 8.87
N TYR A 77 3.73 -5.79 8.33
CA TYR A 77 2.85 -6.03 7.19
C TYR A 77 3.58 -5.73 5.88
N LEU A 78 3.59 -6.71 4.97
CA LEU A 78 4.24 -6.54 3.68
C LEU A 78 3.33 -5.81 2.70
N ILE A 79 3.67 -4.56 2.42
CA ILE A 79 2.89 -3.75 1.48
C ILE A 79 3.51 -3.75 0.09
N ALA A 80 2.96 -4.55 -0.80
CA ALA A 80 3.45 -4.64 -2.17
C ALA A 80 2.84 -3.56 -3.05
N ILE A 81 3.68 -2.95 -3.88
CA ILE A 81 3.22 -1.89 -4.78
C ILE A 81 3.84 -2.03 -6.16
N LYS A 82 2.99 -2.21 -7.17
CA LYS A 82 3.46 -2.36 -8.54
C LYS A 82 2.77 -1.36 -9.46
N TYR A 83 3.42 -1.05 -10.58
CA TYR A 83 2.87 -0.10 -11.55
C TYR A 83 3.41 -0.36 -12.95
N GLY A 84 2.52 -0.42 -13.92
CA GLY A 84 2.94 -0.67 -15.30
C GLY A 84 4.07 -1.67 -15.39
N GLY A 85 3.86 -2.85 -14.81
CA GLY A 85 4.88 -3.88 -14.83
C GLY A 85 4.62 -4.97 -13.82
N PRO A 86 4.99 -6.21 -14.17
CA PRO A 86 4.80 -7.37 -13.30
C PRO A 86 5.74 -7.34 -12.09
N GLN A 87 6.72 -6.46 -12.14
CA GLN A 87 7.69 -6.33 -11.05
C GLN A 87 7.28 -5.22 -10.09
N HIS A 88 8.01 -5.08 -8.99
CA HIS A 88 7.73 -4.06 -8.00
C HIS A 88 8.32 -2.72 -8.41
N ILE A 89 7.93 -1.66 -7.71
CA ILE A 89 8.42 -0.32 -8.00
C ILE A 89 9.67 0.00 -7.18
N VAL A 90 10.38 1.05 -7.58
CA VAL A 90 11.59 1.47 -6.88
C VAL A 90 11.30 1.73 -5.40
N GLY A 91 11.84 0.87 -4.54
CA GLY A 91 11.63 1.03 -3.12
C GLY A 91 10.79 -0.08 -2.53
N SER A 92 9.90 -0.65 -3.33
CA SER A 92 9.03 -1.73 -2.88
C SER A 92 9.74 -3.07 -2.96
N PRO A 93 9.23 -4.06 -2.21
CA PRO A 93 8.05 -3.87 -1.36
C PRO A 93 8.35 -2.99 -0.15
N PHE A 94 7.32 -2.69 0.63
CA PHE A 94 7.47 -1.85 1.81
C PHE A 94 6.99 -2.58 3.07
N LYS A 95 7.89 -2.76 4.02
CA LYS A 95 7.56 -3.44 5.27
C LYS A 95 7.08 -2.44 6.32
N ALA A 96 5.81 -2.55 6.70
CA ALA A 96 5.23 -1.66 7.70
C ALA A 96 5.21 -2.32 9.07
N LYS A 97 5.99 -1.78 9.99
CA LYS A 97 6.07 -2.32 11.35
C LYS A 97 5.14 -1.53 12.29
N VAL A 98 4.04 -2.16 12.68
CA VAL A 98 3.08 -1.52 13.58
C VAL A 98 3.27 -2.01 15.01
N THR A 99 3.30 -1.07 15.95
CA THR A 99 3.48 -1.41 17.36
C THR A 99 2.20 -1.15 18.15
N GLY A 100 2.17 -1.65 19.38
CA GLY A 100 1.00 -1.46 20.21
C GLY A 100 0.25 -2.74 20.48
N PRO A 101 -0.67 -2.71 21.45
CA PRO A 101 -1.47 -3.89 21.83
C PRO A 101 -2.49 -4.26 20.75
N ARG A 102 -2.77 -5.55 20.64
CA ARG A 102 -3.72 -6.04 19.65
C ARG A 102 -5.07 -5.33 19.79
N LEU A 103 -5.52 -4.70 18.72
CA LEU A 103 -6.78 -3.98 18.72
C LEU A 103 -7.64 -4.38 17.52
N SER A 104 -8.73 -5.08 17.80
CA SER A 104 -9.64 -5.53 16.75
C SER A 104 -11.07 -5.08 17.03
N GLY A 105 -11.61 -4.25 16.14
CA GLY A 105 -12.96 -3.76 16.32
C GLY A 105 -13.94 -4.40 15.35
N SER A 106 -14.94 -5.09 15.89
CA SER A 106 -15.95 -5.75 15.07
C SER A 106 -17.16 -4.86 14.85
N GLY A 107 -17.78 -4.43 15.94
CA GLY A 107 -18.94 -3.57 15.85
C GLY A 107 -19.58 -3.31 17.20
N PRO A 108 -20.62 -2.45 17.21
CA PRO A 108 -21.33 -2.11 18.45
C PRO A 108 -22.17 -3.26 18.98
N SER A 109 -22.28 -3.35 20.31
CA SER A 109 -23.04 -4.41 20.94
C SER A 109 -24.34 -3.87 21.52
N SER A 110 -24.24 -2.86 22.38
CA SER A 110 -25.41 -2.25 22.99
C SER A 110 -25.91 -1.06 22.18
N GLY A 111 -27.17 -0.70 22.38
CA GLY A 111 -27.74 0.41 21.66
C GLY A 111 -28.92 1.03 22.38
N GLY A 1 4.01 -9.88 -32.21
CA GLY A 1 3.13 -8.74 -32.34
C GLY A 1 3.11 -7.87 -31.10
N SER A 2 2.34 -8.27 -30.11
CA SER A 2 2.23 -7.51 -28.87
C SER A 2 2.09 -8.45 -27.67
N SER A 3 3.05 -8.38 -26.75
CA SER A 3 3.03 -9.23 -25.57
C SER A 3 2.99 -8.39 -24.30
N GLY A 4 1.82 -8.31 -23.68
CA GLY A 4 1.67 -7.53 -22.47
C GLY A 4 0.39 -6.71 -22.46
N SER A 5 0.52 -5.41 -22.65
CA SER A 5 -0.63 -4.52 -22.66
C SER A 5 -0.32 -3.23 -23.42
N SER A 6 -1.36 -2.57 -23.91
CA SER A 6 -1.20 -1.32 -24.66
C SER A 6 -0.59 -0.24 -23.77
N GLY A 7 0.19 0.65 -24.38
CA GLY A 7 0.81 1.73 -23.64
C GLY A 7 1.80 1.23 -22.60
N ALA A 8 3.08 1.40 -22.89
CA ALA A 8 4.14 0.96 -21.98
C ALA A 8 4.16 1.80 -20.71
N GLY A 9 4.20 1.14 -19.56
CA GLY A 9 4.22 1.85 -18.29
C GLY A 9 5.63 2.11 -17.80
N ASP A 10 5.75 2.98 -16.80
CA ASP A 10 7.05 3.32 -16.23
C ASP A 10 7.03 3.23 -14.71
N PRO A 11 7.43 2.07 -14.17
CA PRO A 11 7.46 1.84 -12.72
C PRO A 11 8.55 2.65 -12.03
N GLY A 12 9.69 2.80 -12.69
CA GLY A 12 10.79 3.55 -12.11
C GLY A 12 10.37 4.94 -11.68
N LEU A 13 9.36 5.49 -12.34
CA LEU A 13 8.87 6.82 -12.03
C LEU A 13 7.69 6.74 -11.06
N VAL A 14 7.63 5.67 -10.28
CA VAL A 14 6.56 5.48 -9.32
C VAL A 14 7.11 5.24 -7.92
N SER A 15 6.56 5.96 -6.94
CA SER A 15 7.00 5.84 -5.56
C SER A 15 5.83 5.98 -4.60
N ALA A 16 6.05 5.63 -3.33
CA ALA A 16 5.01 5.72 -2.32
C ALA A 16 5.58 6.23 -1.00
N TYR A 17 4.86 7.15 -0.37
CA TYR A 17 5.30 7.72 0.91
C TYR A 17 4.12 7.86 1.87
N GLY A 18 4.42 7.75 3.16
CA GLY A 18 3.37 7.86 4.17
C GLY A 18 3.71 7.10 5.44
N PRO A 19 3.02 7.43 6.53
CA PRO A 19 3.22 6.78 7.83
C PRO A 19 2.74 5.33 7.85
N GLY A 20 1.98 4.97 6.82
CA GLY A 20 1.46 3.62 6.73
C GLY A 20 2.48 2.64 6.18
N LEU A 21 3.29 3.10 5.23
CA LEU A 21 4.31 2.27 4.62
C LEU A 21 5.43 1.96 5.61
N GLU A 22 5.84 2.98 6.36
CA GLU A 22 6.90 2.83 7.35
C GLU A 22 6.39 2.16 8.61
N GLY A 23 5.08 2.27 8.83
CA GLY A 23 4.48 1.67 10.02
C GLY A 23 3.91 2.70 10.97
N GLY A 24 3.17 2.24 11.97
CA GLY A 24 2.58 3.16 12.93
C GLY A 24 2.13 2.45 14.19
N THR A 25 0.85 2.58 14.52
CA THR A 25 0.30 1.96 15.72
C THR A 25 -0.85 1.02 15.35
N THR A 26 -1.16 0.08 16.26
CA THR A 26 -2.23 -0.88 16.04
C THR A 26 -3.59 -0.20 16.12
N GLY A 27 -4.56 -0.72 15.37
CA GLY A 27 -5.90 -0.15 15.38
C GLY A 27 -5.90 1.33 15.07
N VAL A 28 -4.88 1.78 14.32
CA VAL A 28 -4.78 3.18 13.95
C VAL A 28 -4.82 3.35 12.44
N SER A 29 -5.89 3.97 11.95
CA SER A 29 -6.05 4.20 10.51
C SER A 29 -4.74 4.68 9.88
N SER A 30 -4.06 3.77 9.20
CA SER A 30 -2.79 4.09 8.55
C SER A 30 -2.95 4.10 7.03
N GLU A 31 -2.51 5.18 6.41
CA GLU A 31 -2.60 5.32 4.95
C GLU A 31 -1.29 5.86 4.39
N PHE A 32 -1.24 5.96 3.05
CA PHE A 32 -0.04 6.46 2.38
C PHE A 32 -0.38 6.92 0.96
N ILE A 33 0.42 7.85 0.45
CA ILE A 33 0.21 8.37 -0.89
C ILE A 33 1.20 7.78 -1.88
N VAL A 34 0.75 7.53 -3.10
CA VAL A 34 1.59 6.96 -4.14
C VAL A 34 1.75 7.92 -5.32
N ASN A 35 2.94 8.49 -5.46
CA ASN A 35 3.22 9.42 -6.54
C ASN A 35 3.29 8.70 -7.88
N THR A 36 2.26 8.86 -8.69
CA THR A 36 2.21 8.23 -10.00
C THR A 36 1.95 9.26 -11.10
N LEU A 37 2.30 10.51 -10.83
CA LEU A 37 2.11 11.59 -11.80
C LEU A 37 3.24 11.61 -12.81
N ASN A 38 4.43 11.18 -12.40
CA ASN A 38 5.58 11.14 -13.27
C ASN A 38 5.46 10.03 -14.31
N ALA A 39 4.86 8.92 -13.90
CA ALA A 39 4.66 7.78 -14.78
C ALA A 39 3.73 8.13 -15.94
N GLY A 40 2.54 8.63 -15.61
CA GLY A 40 1.58 9.01 -16.63
C GLY A 40 0.25 8.27 -16.47
N SER A 41 0.23 7.00 -16.84
CA SER A 41 -0.98 6.20 -16.74
C SER A 41 -0.64 4.71 -16.74
N GLY A 42 -1.43 3.94 -16.01
CA GLY A 42 -1.20 2.50 -15.94
C GLY A 42 -2.10 1.82 -14.92
N ALA A 43 -1.62 0.71 -14.37
CA ALA A 43 -2.38 -0.04 -13.37
C ALA A 43 -1.59 -0.20 -12.08
N LEU A 44 -2.14 0.29 -10.98
CA LEU A 44 -1.49 0.19 -9.68
C LEU A 44 -2.00 -1.02 -8.90
N SER A 45 -1.11 -1.63 -8.12
CA SER A 45 -1.47 -2.79 -7.33
C SER A 45 -0.99 -2.64 -5.89
N VAL A 46 -1.92 -2.72 -4.95
CA VAL A 46 -1.60 -2.59 -3.53
C VAL A 46 -2.04 -3.82 -2.75
N THR A 47 -1.19 -4.28 -1.85
CA THR A 47 -1.49 -5.45 -1.03
C THR A 47 -0.76 -5.39 0.30
N ILE A 48 -1.34 -6.03 1.33
CA ILE A 48 -0.75 -6.04 2.65
C ILE A 48 -0.77 -7.45 3.24
N ASP A 49 0.36 -7.89 3.77
CA ASP A 49 0.48 -9.21 4.36
C ASP A 49 1.07 -9.13 5.78
N GLY A 50 0.30 -9.61 6.76
CA GLY A 50 0.76 -9.57 8.13
C GLY A 50 0.19 -10.71 8.96
N PRO A 51 0.39 -10.64 10.29
CA PRO A 51 -0.10 -11.66 11.22
C PRO A 51 -1.62 -11.65 11.33
N SER A 52 -2.26 -10.69 10.66
CA SER A 52 -3.71 -10.57 10.71
C SER A 52 -4.21 -9.65 9.59
N LYS A 53 -4.99 -10.21 8.68
CA LYS A 53 -5.53 -9.44 7.57
C LYS A 53 -5.84 -8.01 7.99
N VAL A 54 -5.73 -7.07 7.05
CA VAL A 54 -5.99 -5.66 7.33
C VAL A 54 -6.89 -5.05 6.27
N GLN A 55 -8.09 -4.68 6.66
CA GLN A 55 -9.06 -4.08 5.74
C GLN A 55 -8.50 -2.79 5.13
N LEU A 56 -8.25 -2.82 3.82
CA LEU A 56 -7.72 -1.66 3.13
C LEU A 56 -8.78 -1.02 2.23
N ASP A 57 -8.58 0.25 1.90
CA ASP A 57 -9.51 0.97 1.04
C ASP A 57 -8.77 1.89 0.08
N CYS A 58 -9.08 1.76 -1.21
CA CYS A 58 -8.44 2.58 -2.23
C CYS A 58 -9.19 3.90 -2.40
N ARG A 59 -8.43 4.99 -2.57
CA ARG A 59 -9.01 6.31 -2.74
C ARG A 59 -8.30 7.08 -3.86
N GLU A 60 -8.77 8.29 -4.13
CA GLU A 60 -8.19 9.12 -5.17
C GLU A 60 -7.52 10.36 -4.58
N CYS A 61 -6.29 10.62 -5.00
CA CYS A 61 -5.54 11.77 -4.51
C CYS A 61 -4.88 12.52 -5.66
N PRO A 62 -4.67 13.83 -5.46
CA PRO A 62 -4.05 14.70 -6.46
C PRO A 62 -2.57 14.39 -6.66
N GLU A 63 -2.08 13.39 -5.93
CA GLU A 63 -0.68 13.00 -6.03
C GLU A 63 -0.53 11.68 -6.78
N GLY A 64 -1.65 11.00 -7.00
CA GLY A 64 -1.62 9.74 -7.71
C GLY A 64 -2.66 8.76 -7.18
N HIS A 65 -2.24 7.92 -6.24
CA HIS A 65 -3.14 6.93 -5.64
C HIS A 65 -2.90 6.80 -4.15
N VAL A 66 -3.99 6.80 -3.38
CA VAL A 66 -3.90 6.68 -1.93
C VAL A 66 -4.73 5.51 -1.41
N VAL A 67 -4.26 4.89 -0.34
CA VAL A 67 -4.96 3.74 0.25
C VAL A 67 -4.92 3.81 1.76
N THR A 68 -6.04 3.47 2.40
CA THR A 68 -6.14 3.50 3.85
C THR A 68 -6.39 2.09 4.40
N TYR A 69 -5.74 1.77 5.51
CA TYR A 69 -5.89 0.47 6.14
C TYR A 69 -5.80 0.57 7.66
N THR A 70 -6.21 -0.49 8.35
CA THR A 70 -6.17 -0.50 9.81
C THR A 70 -5.65 -1.84 10.33
N PRO A 71 -4.53 -1.80 11.05
CA PRO A 71 -3.90 -3.00 11.62
C PRO A 71 -4.73 -3.60 12.75
N MET A 72 -4.65 -4.92 12.89
CA MET A 72 -5.39 -5.63 13.93
C MET A 72 -4.44 -6.23 14.96
N ALA A 73 -3.20 -6.48 14.54
CA ALA A 73 -2.21 -7.05 15.43
C ALA A 73 -0.83 -6.44 15.17
N PRO A 74 -0.05 -6.26 16.25
CA PRO A 74 1.30 -5.69 16.17
C PRO A 74 2.30 -6.62 15.48
N GLY A 75 2.87 -6.14 14.39
CA GLY A 75 3.83 -6.95 13.65
C GLY A 75 4.36 -6.24 12.42
N ASN A 76 4.99 -7.00 11.53
CA ASN A 76 5.54 -6.43 10.30
C ASN A 76 4.68 -6.78 9.10
N TYR A 77 3.96 -5.79 8.59
CA TYR A 77 3.08 -5.99 7.45
C TYR A 77 3.79 -5.63 6.14
N LEU A 78 3.84 -6.59 5.23
CA LEU A 78 4.50 -6.38 3.93
C LEU A 78 3.57 -5.67 2.96
N ILE A 79 3.98 -4.49 2.51
CA ILE A 79 3.18 -3.71 1.58
C ILE A 79 3.77 -3.78 0.17
N ALA A 80 3.16 -4.60 -0.68
CA ALA A 80 3.62 -4.75 -2.06
C ALA A 80 2.96 -3.73 -2.97
N ILE A 81 3.78 -2.95 -3.66
CA ILE A 81 3.27 -1.93 -4.57
C ILE A 81 3.87 -2.09 -5.97
N LYS A 82 3.01 -2.23 -6.97
CA LYS A 82 3.45 -2.39 -8.35
C LYS A 82 2.81 -1.34 -9.25
N TYR A 83 3.35 -1.20 -10.46
CA TYR A 83 2.83 -0.23 -11.42
C TYR A 83 3.47 -0.42 -12.79
N GLY A 84 2.66 -0.80 -13.77
CA GLY A 84 3.17 -1.01 -15.11
C GLY A 84 4.18 -2.13 -15.18
N GLY A 85 3.85 -3.26 -14.58
CA GLY A 85 4.75 -4.40 -14.58
C GLY A 85 4.51 -5.35 -13.43
N PRO A 86 4.70 -6.65 -13.67
CA PRO A 86 4.49 -7.68 -12.65
C PRO A 86 5.56 -7.63 -11.56
N GLN A 87 6.54 -6.76 -11.73
CA GLN A 87 7.61 -6.62 -10.76
C GLN A 87 7.34 -5.45 -9.81
N HIS A 88 8.04 -5.44 -8.68
CA HIS A 88 7.87 -4.38 -7.69
C HIS A 88 8.47 -3.06 -8.19
N ILE A 89 7.96 -1.95 -7.66
CA ILE A 89 8.45 -0.64 -8.05
C ILE A 89 9.71 -0.27 -7.28
N VAL A 90 10.39 0.78 -7.73
CA VAL A 90 11.61 1.24 -7.08
C VAL A 90 11.37 1.52 -5.60
N GLY A 91 12.03 0.74 -4.76
CA GLY A 91 11.89 0.90 -3.32
C GLY A 91 11.17 -0.25 -2.67
N SER A 92 10.12 -0.75 -3.32
CA SER A 92 9.35 -1.87 -2.79
C SER A 92 10.16 -3.16 -2.82
N PRO A 93 9.74 -4.13 -2.00
CA PRO A 93 8.57 -3.99 -1.13
C PRO A 93 8.81 -3.01 0.01
N PHE A 94 7.76 -2.68 0.73
CA PHE A 94 7.86 -1.75 1.85
C PHE A 94 7.40 -2.41 3.16
N LYS A 95 8.34 -2.57 4.09
CA LYS A 95 8.04 -3.18 5.38
C LYS A 95 7.45 -2.16 6.35
N ALA A 96 6.30 -2.49 6.93
CA ALA A 96 5.64 -1.61 7.87
C ALA A 96 5.54 -2.25 9.25
N LYS A 97 6.33 -1.75 10.20
CA LYS A 97 6.34 -2.28 11.56
C LYS A 97 5.35 -1.53 12.43
N VAL A 98 4.25 -2.19 12.78
CA VAL A 98 3.22 -1.59 13.63
C VAL A 98 3.41 -1.98 15.09
N THR A 99 3.29 -0.99 15.97
CA THR A 99 3.44 -1.23 17.41
C THR A 99 2.13 -1.00 18.15
N GLY A 100 2.01 -1.61 19.32
CA GLY A 100 0.80 -1.47 20.11
C GLY A 100 0.13 -2.81 20.41
N PRO A 101 -0.86 -2.78 21.30
CA PRO A 101 -1.60 -3.99 21.69
C PRO A 101 -2.49 -4.52 20.57
N ARG A 102 -2.68 -5.82 20.53
CA ARG A 102 -3.50 -6.45 19.51
C ARG A 102 -4.93 -5.91 19.56
N LEU A 103 -5.20 -4.89 18.75
CA LEU A 103 -6.53 -4.29 18.71
C LEU A 103 -7.37 -4.90 17.61
N SER A 104 -7.48 -6.23 17.63
CA SER A 104 -8.27 -6.94 16.62
C SER A 104 -9.65 -7.29 17.16
N GLY A 105 -10.65 -6.51 16.75
CA GLY A 105 -12.01 -6.75 17.21
C GLY A 105 -12.69 -7.84 16.41
N SER A 106 -13.98 -8.08 16.71
CA SER A 106 -14.74 -9.11 16.02
C SER A 106 -15.22 -8.61 14.66
N GLY A 107 -15.43 -9.54 13.74
CA GLY A 107 -15.89 -9.17 12.41
C GLY A 107 -16.77 -10.25 11.78
N PRO A 108 -16.87 -10.22 10.45
CA PRO A 108 -17.68 -11.19 9.70
C PRO A 108 -17.08 -12.59 9.72
N SER A 109 -17.94 -13.59 9.61
CA SER A 109 -17.49 -14.99 9.61
C SER A 109 -17.95 -15.72 8.36
N SER A 110 -19.26 -15.72 8.13
CA SER A 110 -19.83 -16.38 6.96
C SER A 110 -19.20 -15.86 5.68
N GLY A 111 -19.26 -16.66 4.62
CA GLY A 111 -18.70 -16.27 3.34
C GLY A 111 -19.66 -15.45 2.51
N GLY A 1 19.32 -3.78 -26.77
CA GLY A 1 18.47 -3.89 -27.95
C GLY A 1 17.03 -3.52 -27.67
N SER A 2 16.20 -3.57 -28.70
CA SER A 2 14.78 -3.22 -28.56
C SER A 2 13.98 -4.45 -28.13
N SER A 3 13.36 -4.37 -26.95
CA SER A 3 12.56 -5.47 -26.43
C SER A 3 11.37 -4.94 -25.64
N GLY A 4 10.43 -5.83 -25.35
CA GLY A 4 9.25 -5.44 -24.59
C GLY A 4 7.99 -5.44 -25.44
N SER A 5 6.90 -4.92 -24.88
CA SER A 5 5.63 -4.86 -25.59
C SER A 5 5.14 -3.43 -25.72
N SER A 6 4.07 -3.24 -26.47
CA SER A 6 3.50 -1.91 -26.68
C SER A 6 2.52 -1.55 -25.57
N GLY A 7 2.51 -0.27 -25.18
CA GLY A 7 1.62 0.17 -24.13
C GLY A 7 2.14 -0.17 -22.75
N ALA A 8 3.03 0.65 -22.22
CA ALA A 8 3.60 0.43 -20.89
C ALA A 8 4.04 1.75 -20.26
N GLY A 9 4.09 1.77 -18.93
CA GLY A 9 4.48 2.97 -18.22
C GLY A 9 5.93 2.91 -17.77
N ASP A 10 6.17 3.26 -16.51
CA ASP A 10 7.52 3.27 -15.96
C ASP A 10 7.49 3.28 -14.44
N PRO A 11 7.77 2.11 -13.83
CA PRO A 11 7.79 1.97 -12.37
C PRO A 11 8.94 2.71 -11.71
N GLY A 12 10.03 2.88 -12.45
CA GLY A 12 11.19 3.57 -11.94
C GLY A 12 10.87 4.99 -11.52
N LEU A 13 9.82 5.56 -12.10
CA LEU A 13 9.41 6.92 -11.78
C LEU A 13 8.22 6.93 -10.82
N VAL A 14 7.97 5.79 -10.20
CA VAL A 14 6.86 5.67 -9.25
C VAL A 14 7.37 5.38 -7.84
N SER A 15 6.88 6.15 -6.87
CA SER A 15 7.28 5.97 -5.49
C SER A 15 6.11 6.22 -4.54
N ALA A 16 6.25 5.77 -3.30
CA ALA A 16 5.20 5.95 -2.30
C ALA A 16 5.78 6.53 -1.00
N TYR A 17 4.97 7.30 -0.30
CA TYR A 17 5.39 7.91 0.95
C TYR A 17 4.23 8.02 1.94
N GLY A 18 4.52 7.83 3.21
CA GLY A 18 3.49 7.90 4.23
C GLY A 18 3.84 7.10 5.46
N PRO A 19 3.15 7.39 6.58
CA PRO A 19 3.37 6.69 7.85
C PRO A 19 2.89 5.24 7.81
N GLY A 20 2.07 4.93 6.82
CA GLY A 20 1.54 3.58 6.68
C GLY A 20 2.58 2.61 6.17
N LEU A 21 3.44 3.08 5.27
CA LEU A 21 4.48 2.24 4.69
C LEU A 21 5.59 1.98 5.69
N GLU A 22 5.86 2.97 6.55
CA GLU A 22 6.90 2.85 7.55
C GLU A 22 6.34 2.23 8.83
N GLY A 23 5.03 2.29 9.00
CA GLY A 23 4.39 1.73 10.18
C GLY A 23 3.93 2.80 11.15
N GLY A 24 3.11 2.40 12.11
CA GLY A 24 2.60 3.34 13.09
C GLY A 24 2.17 2.67 14.38
N THR A 25 0.89 2.80 14.72
CA THR A 25 0.36 2.20 15.94
C THR A 25 -0.92 1.41 15.65
N THR A 26 -1.18 0.40 16.47
CA THR A 26 -2.38 -0.43 16.30
C THR A 26 -3.64 0.39 16.50
N GLY A 27 -4.75 -0.09 15.95
CA GLY A 27 -6.01 0.61 16.09
C GLY A 27 -5.96 2.01 15.52
N VAL A 28 -4.93 2.28 14.73
CA VAL A 28 -4.76 3.60 14.12
C VAL A 28 -4.79 3.51 12.59
N SER A 29 -5.80 4.12 11.99
CA SER A 29 -5.94 4.09 10.53
C SER A 29 -4.66 4.58 9.86
N SER A 30 -3.91 3.66 9.27
CA SER A 30 -2.66 4.00 8.60
C SER A 30 -2.85 4.02 7.08
N GLU A 31 -2.38 5.10 6.46
CA GLU A 31 -2.50 5.25 5.01
C GLU A 31 -1.21 5.80 4.41
N PHE A 32 -1.14 5.82 3.09
CA PHE A 32 0.04 6.32 2.39
C PHE A 32 -0.31 6.76 0.97
N ILE A 33 0.45 7.72 0.45
CA ILE A 33 0.23 8.22 -0.90
C ILE A 33 1.25 7.67 -1.89
N VAL A 34 0.79 7.30 -3.07
CA VAL A 34 1.67 6.76 -4.10
C VAL A 34 1.82 7.73 -5.26
N ASN A 35 3.02 8.30 -5.40
CA ASN A 35 3.29 9.25 -6.48
C ASN A 35 3.48 8.52 -7.81
N THR A 36 2.43 8.49 -8.61
CA THR A 36 2.48 7.83 -9.91
C THR A 36 2.37 8.84 -11.05
N LEU A 37 2.40 10.12 -10.70
CA LEU A 37 2.31 11.19 -11.69
C LEU A 37 3.55 11.22 -12.57
N ASN A 38 4.72 11.16 -11.94
CA ASN A 38 5.99 11.18 -12.67
C ASN A 38 6.02 10.07 -13.71
N ALA A 39 5.21 9.03 -13.51
CA ALA A 39 5.15 7.91 -14.43
C ALA A 39 4.45 8.30 -15.73
N GLY A 40 3.20 8.74 -15.62
CA GLY A 40 2.44 9.14 -16.79
C GLY A 40 1.03 8.59 -16.78
N SER A 41 0.90 7.29 -17.03
CA SER A 41 -0.41 6.65 -17.05
C SER A 41 -0.26 5.13 -17.10
N GLY A 42 -1.01 4.44 -16.24
CA GLY A 42 -0.94 2.99 -16.20
C GLY A 42 -1.76 2.41 -15.05
N ALA A 43 -1.69 1.10 -14.89
CA ALA A 43 -2.42 0.42 -13.83
C ALA A 43 -1.55 0.23 -12.59
N LEU A 44 -2.18 0.27 -11.43
CA LEU A 44 -1.47 0.10 -10.16
C LEU A 44 -2.05 -1.05 -9.36
N SER A 45 -1.19 -1.68 -8.55
CA SER A 45 -1.61 -2.82 -7.73
C SER A 45 -1.15 -2.63 -6.29
N VAL A 46 -2.08 -2.78 -5.35
CA VAL A 46 -1.76 -2.63 -3.94
C VAL A 46 -2.24 -3.85 -3.14
N THR A 47 -1.40 -4.29 -2.20
CA THR A 47 -1.72 -5.45 -1.37
C THR A 47 -0.93 -5.43 -0.07
N ILE A 48 -1.48 -6.07 0.95
CA ILE A 48 -0.82 -6.13 2.26
C ILE A 48 -0.84 -7.55 2.81
N ASP A 49 0.13 -7.85 3.67
CA ASP A 49 0.23 -9.17 4.28
C ASP A 49 0.85 -9.08 5.67
N GLY A 50 0.11 -9.53 6.68
CA GLY A 50 0.61 -9.49 8.05
C GLY A 50 0.08 -10.64 8.89
N PRO A 51 0.29 -10.55 10.21
CA PRO A 51 -0.16 -11.57 11.15
C PRO A 51 -1.68 -11.60 11.30
N SER A 52 -2.35 -10.66 10.64
CA SER A 52 -3.81 -10.57 10.71
C SER A 52 -4.35 -9.79 9.51
N LYS A 53 -5.42 -10.29 8.92
CA LYS A 53 -6.04 -9.64 7.77
C LYS A 53 -6.35 -8.18 8.08
N VAL A 54 -5.91 -7.29 7.20
CA VAL A 54 -6.14 -5.86 7.37
C VAL A 54 -7.15 -5.34 6.35
N GLN A 55 -7.98 -4.39 6.78
CA GLN A 55 -8.99 -3.81 5.91
C GLN A 55 -8.47 -2.54 5.25
N LEU A 56 -8.11 -2.65 3.97
CA LEU A 56 -7.60 -1.51 3.22
C LEU A 56 -8.70 -0.85 2.39
N ASP A 57 -8.53 0.43 2.09
CA ASP A 57 -9.52 1.17 1.31
C ASP A 57 -8.83 2.00 0.24
N CYS A 58 -8.99 1.58 -1.01
CA CYS A 58 -8.39 2.28 -2.15
C CYS A 58 -9.18 3.53 -2.49
N ARG A 59 -8.49 4.65 -2.60
CA ARG A 59 -9.12 5.93 -2.93
C ARG A 59 -8.35 6.67 -4.02
N GLU A 60 -8.88 7.81 -4.44
CA GLU A 60 -8.23 8.60 -5.48
C GLU A 60 -7.69 9.91 -4.90
N CYS A 61 -6.41 10.17 -5.14
CA CYS A 61 -5.76 11.37 -4.64
C CYS A 61 -5.15 12.18 -5.78
N PRO A 62 -5.06 13.51 -5.59
CA PRO A 62 -4.49 14.40 -6.60
C PRO A 62 -2.99 14.23 -6.76
N GLU A 63 -2.42 13.30 -5.99
CA GLU A 63 -0.99 13.03 -6.05
C GLU A 63 -0.72 11.63 -6.60
N GLY A 64 -1.79 10.89 -6.88
CA GLY A 64 -1.66 9.55 -7.40
C GLY A 64 -2.69 8.60 -6.83
N HIS A 65 -2.24 7.62 -6.06
CA HIS A 65 -3.14 6.64 -5.46
C HIS A 65 -2.93 6.58 -3.94
N VAL A 66 -4.03 6.50 -3.20
CA VAL A 66 -3.97 6.44 -1.75
C VAL A 66 -4.77 5.25 -1.22
N VAL A 67 -4.20 4.57 -0.23
CA VAL A 67 -4.86 3.41 0.36
C VAL A 67 -4.79 3.46 1.89
N THR A 68 -5.95 3.45 2.53
CA THR A 68 -6.02 3.49 3.98
C THR A 68 -6.37 2.13 4.56
N TYR A 69 -5.65 1.73 5.61
CA TYR A 69 -5.88 0.45 6.26
C TYR A 69 -5.80 0.57 7.77
N THR A 70 -6.38 -0.40 8.48
CA THR A 70 -6.38 -0.39 9.93
C THR A 70 -5.77 -1.68 10.48
N PRO A 71 -4.69 -1.54 11.27
CA PRO A 71 -4.00 -2.68 11.88
C PRO A 71 -4.84 -3.35 12.96
N MET A 72 -4.59 -4.65 13.16
CA MET A 72 -5.32 -5.40 14.17
C MET A 72 -4.36 -6.17 15.07
N ALA A 73 -3.07 -6.07 14.77
CA ALA A 73 -2.05 -6.75 15.56
C ALA A 73 -0.66 -6.21 15.23
N PRO A 74 0.21 -6.14 16.26
CA PRO A 74 1.57 -5.65 16.12
C PRO A 74 2.45 -6.60 15.31
N GLY A 75 2.90 -6.16 14.14
CA GLY A 75 3.74 -6.99 13.30
C GLY A 75 4.24 -6.25 12.08
N ASN A 76 4.89 -6.98 11.17
CA ASN A 76 5.43 -6.38 9.96
C ASN A 76 4.53 -6.71 8.76
N TYR A 77 3.75 -5.72 8.33
CA TYR A 77 2.84 -5.91 7.20
C TYR A 77 3.56 -5.61 5.88
N LEU A 78 3.72 -6.65 5.06
CA LEU A 78 4.38 -6.50 3.77
C LEU A 78 3.48 -5.77 2.78
N ILE A 79 3.89 -4.57 2.38
CA ILE A 79 3.12 -3.79 1.43
C ILE A 79 3.71 -3.89 0.03
N ALA A 80 3.06 -4.69 -0.82
CA ALA A 80 3.52 -4.87 -2.19
C ALA A 80 2.84 -3.88 -3.13
N ILE A 81 3.65 -3.02 -3.75
CA ILE A 81 3.13 -2.02 -4.68
C ILE A 81 3.77 -2.16 -6.06
N LYS A 82 2.94 -2.42 -7.07
CA LYS A 82 3.43 -2.58 -8.43
C LYS A 82 2.78 -1.55 -9.36
N TYR A 83 3.38 -1.36 -10.53
CA TYR A 83 2.87 -0.40 -11.50
C TYR A 83 3.39 -0.71 -12.89
N GLY A 84 2.50 -0.65 -13.89
CA GLY A 84 2.89 -0.94 -15.25
C GLY A 84 3.94 -2.03 -15.35
N GLY A 85 3.63 -3.19 -14.75
CA GLY A 85 4.56 -4.30 -14.78
C GLY A 85 4.43 -5.19 -13.57
N PRO A 86 4.65 -6.50 -13.77
CA PRO A 86 4.55 -7.49 -12.69
C PRO A 86 5.69 -7.36 -11.68
N GLN A 87 6.66 -6.51 -12.00
CA GLN A 87 7.81 -6.30 -11.13
C GLN A 87 7.52 -5.17 -10.13
N HIS A 88 8.14 -5.26 -8.96
CA HIS A 88 7.96 -4.26 -7.92
C HIS A 88 8.53 -2.92 -8.35
N ILE A 89 7.99 -1.83 -7.80
CA ILE A 89 8.44 -0.49 -8.13
C ILE A 89 9.64 -0.10 -7.27
N VAL A 90 10.40 0.89 -7.74
CA VAL A 90 11.57 1.37 -7.02
C VAL A 90 11.23 1.66 -5.56
N GLY A 91 11.93 1.00 -4.65
CA GLY A 91 11.70 1.20 -3.24
C GLY A 91 10.96 0.04 -2.60
N SER A 92 10.07 -0.58 -3.36
CA SER A 92 9.28 -1.71 -2.87
C SER A 92 10.11 -3.00 -2.91
N PRO A 93 9.68 -4.00 -2.12
CA PRO A 93 8.48 -3.88 -1.28
C PRO A 93 8.71 -2.93 -0.11
N PHE A 94 7.62 -2.62 0.60
CA PHE A 94 7.69 -1.72 1.75
C PHE A 94 7.22 -2.42 3.02
N LYS A 95 8.13 -2.54 3.99
CA LYS A 95 7.81 -3.19 5.26
C LYS A 95 7.18 -2.20 6.23
N ALA A 96 6.01 -2.55 6.76
CA ALA A 96 5.31 -1.69 7.71
C ALA A 96 5.26 -2.34 9.09
N LYS A 97 6.02 -1.78 10.02
CA LYS A 97 6.07 -2.29 11.39
C LYS A 97 5.16 -1.48 12.30
N VAL A 98 4.09 -2.10 12.79
CA VAL A 98 3.15 -1.44 13.67
C VAL A 98 3.44 -1.77 15.13
N THR A 99 3.24 -0.79 16.01
CA THR A 99 3.47 -1.00 17.44
C THR A 99 2.18 -0.90 18.22
N GLY A 100 2.14 -1.57 19.37
CA GLY A 100 0.95 -1.55 20.20
C GLY A 100 0.38 -2.93 20.44
N PRO A 101 -0.60 -3.03 21.36
CA PRO A 101 -1.23 -4.30 21.69
C PRO A 101 -2.12 -4.83 20.56
N ARG A 102 -2.44 -6.11 20.62
CA ARG A 102 -3.27 -6.73 19.60
C ARG A 102 -4.70 -6.20 19.67
N LEU A 103 -4.96 -5.13 18.92
CA LEU A 103 -6.29 -4.53 18.90
C LEU A 103 -7.12 -5.07 17.74
N SER A 104 -7.79 -6.19 17.97
CA SER A 104 -8.62 -6.82 16.95
C SER A 104 -10.03 -7.06 17.45
N GLY A 105 -10.99 -6.38 16.86
CA GLY A 105 -12.38 -6.53 17.27
C GLY A 105 -12.82 -5.45 18.24
N SER A 106 -13.30 -4.33 17.71
CA SER A 106 -13.75 -3.22 18.54
C SER A 106 -15.17 -3.47 19.05
N GLY A 107 -15.34 -3.38 20.37
CA GLY A 107 -16.64 -3.59 20.96
C GLY A 107 -16.59 -3.68 22.47
N PRO A 108 -16.48 -4.91 23.00
CA PRO A 108 -16.41 -5.15 24.44
C PRO A 108 -15.11 -4.68 25.05
N SER A 109 -15.11 -4.47 26.35
CA SER A 109 -13.92 -4.00 27.06
C SER A 109 -13.02 -5.18 27.45
N SER A 110 -11.73 -4.90 27.59
CA SER A 110 -10.76 -5.94 27.94
C SER A 110 -9.81 -5.43 29.03
N GLY A 111 -9.05 -6.36 29.61
CA GLY A 111 -8.12 -5.99 30.66
C GLY A 111 -8.54 -6.50 32.03
N GLY A 1 -4.06 -9.05 -23.57
CA GLY A 1 -3.59 -10.13 -24.41
C GLY A 1 -2.34 -10.80 -23.85
N SER A 2 -1.60 -11.49 -24.71
CA SER A 2 -0.38 -12.18 -24.29
C SER A 2 0.79 -11.22 -24.23
N SER A 3 1.87 -11.65 -23.59
CA SER A 3 3.06 -10.82 -23.45
C SER A 3 3.74 -10.63 -24.80
N GLY A 4 4.66 -9.66 -24.87
CA GLY A 4 5.36 -9.39 -26.11
C GLY A 4 6.30 -8.20 -25.99
N SER A 5 5.95 -7.11 -26.66
CA SER A 5 6.78 -5.91 -26.64
C SER A 5 6.51 -5.11 -25.37
N SER A 6 7.39 -4.14 -25.10
CA SER A 6 7.26 -3.30 -23.91
C SER A 6 6.14 -2.28 -24.09
N GLY A 7 5.18 -2.31 -23.18
CA GLY A 7 4.06 -1.39 -23.26
C GLY A 7 4.28 -0.14 -22.42
N ALA A 8 3.23 0.66 -22.28
CA ALA A 8 3.31 1.89 -21.49
C ALA A 8 3.37 1.59 -20.00
N GLY A 9 4.33 2.19 -19.31
CA GLY A 9 4.47 1.96 -17.88
C GLY A 9 5.89 2.20 -17.39
N ASP A 10 6.05 3.14 -16.46
CA ASP A 10 7.36 3.45 -15.92
C ASP A 10 7.35 3.36 -14.39
N PRO A 11 7.75 2.19 -13.87
CA PRO A 11 7.79 1.95 -12.42
C PRO A 11 8.89 2.76 -11.74
N GLY A 12 10.03 2.89 -12.41
CA GLY A 12 11.15 3.64 -11.84
C GLY A 12 10.75 5.03 -11.40
N LEU A 13 9.71 5.57 -12.02
CA LEU A 13 9.22 6.91 -11.69
C LEU A 13 7.99 6.84 -10.79
N VAL A 14 7.86 5.73 -10.07
CA VAL A 14 6.73 5.54 -9.18
C VAL A 14 7.20 5.10 -7.78
N SER A 15 6.77 5.84 -6.77
CA SER A 15 7.15 5.54 -5.39
C SER A 15 5.99 5.83 -4.44
N ALA A 16 6.14 5.38 -3.20
CA ALA A 16 5.10 5.59 -2.19
C ALA A 16 5.69 6.21 -0.93
N TYR A 17 4.97 7.18 -0.36
CA TYR A 17 5.43 7.85 0.85
C TYR A 17 4.29 8.02 1.85
N GLY A 18 4.58 7.75 3.12
CA GLY A 18 3.57 7.88 4.15
C GLY A 18 3.87 7.05 5.37
N PRO A 19 3.16 7.32 6.48
CA PRO A 19 3.35 6.59 7.74
C PRO A 19 2.86 5.15 7.66
N GLY A 20 1.92 4.89 6.75
CA GLY A 20 1.39 3.55 6.59
C GLY A 20 2.42 2.58 6.08
N LEU A 21 3.26 3.03 5.15
CA LEU A 21 4.29 2.19 4.57
C LEU A 21 5.39 1.91 5.58
N GLU A 22 5.73 2.92 6.38
CA GLU A 22 6.77 2.77 7.39
C GLU A 22 6.21 2.15 8.66
N GLY A 23 4.90 2.30 8.87
CA GLY A 23 4.27 1.74 10.05
C GLY A 23 3.75 2.81 10.99
N GLY A 24 3.07 2.38 12.05
CA GLY A 24 2.52 3.33 13.01
C GLY A 24 2.11 2.66 14.31
N THR A 25 0.82 2.70 14.61
CA THR A 25 0.30 2.10 15.83
C THR A 25 -0.89 1.20 15.54
N THR A 26 -1.09 0.19 16.38
CA THR A 26 -2.21 -0.74 16.22
C THR A 26 -3.54 -0.04 16.44
N GLY A 27 -4.55 -0.46 15.68
CA GLY A 27 -5.87 0.14 15.82
C GLY A 27 -5.90 1.59 15.37
N VAL A 28 -4.93 1.97 14.55
CA VAL A 28 -4.86 3.34 14.05
C VAL A 28 -4.84 3.37 12.53
N SER A 29 -5.90 3.93 11.95
CA SER A 29 -6.02 4.01 10.50
C SER A 29 -4.76 4.60 9.88
N SER A 30 -4.03 3.76 9.13
CA SER A 30 -2.79 4.20 8.49
C SER A 30 -2.94 4.17 6.98
N GLU A 31 -2.52 5.26 6.33
CA GLU A 31 -2.60 5.36 4.88
C GLU A 31 -1.26 5.80 4.29
N PHE A 32 -1.21 5.91 2.96
CA PHE A 32 0.01 6.33 2.27
C PHE A 32 -0.30 6.78 0.85
N ILE A 33 0.48 7.74 0.36
CA ILE A 33 0.29 8.27 -0.98
C ILE A 33 1.30 7.67 -1.95
N VAL A 34 0.84 7.35 -3.16
CA VAL A 34 1.70 6.78 -4.18
C VAL A 34 1.93 7.75 -5.33
N ASN A 35 3.10 8.37 -5.35
CA ASN A 35 3.45 9.33 -6.40
C ASN A 35 3.65 8.62 -7.73
N THR A 36 2.62 8.63 -8.57
CA THR A 36 2.69 7.99 -9.88
C THR A 36 2.69 9.03 -10.99
N LEU A 37 2.35 10.26 -10.65
CA LEU A 37 2.30 11.35 -11.63
C LEU A 37 3.55 11.34 -12.50
N ASN A 38 4.71 11.24 -11.86
CA ASN A 38 5.97 11.22 -12.58
C ASN A 38 5.99 10.12 -13.63
N ALA A 39 5.26 9.05 -13.36
CA ALA A 39 5.18 7.92 -14.29
C ALA A 39 4.49 8.33 -15.60
N GLY A 40 3.28 8.84 -15.48
CA GLY A 40 2.54 9.27 -16.66
C GLY A 40 1.20 8.58 -16.79
N SER A 41 1.21 7.24 -16.73
CA SER A 41 -0.02 6.46 -16.84
C SER A 41 0.26 4.98 -16.60
N GLY A 42 -0.77 4.25 -16.19
CA GLY A 42 -0.62 2.83 -15.93
C GLY A 42 -1.46 2.36 -14.76
N ALA A 43 -1.55 1.05 -14.59
CA ALA A 43 -2.34 0.47 -13.50
C ALA A 43 -1.53 0.42 -12.21
N LEU A 44 -2.21 0.12 -11.11
CA LEU A 44 -1.55 0.04 -9.81
C LEU A 44 -2.06 -1.15 -9.01
N SER A 45 -1.14 -1.87 -8.37
CA SER A 45 -1.51 -3.04 -7.57
C SER A 45 -1.01 -2.89 -6.14
N VAL A 46 -1.94 -2.99 -5.18
CA VAL A 46 -1.60 -2.87 -3.78
C VAL A 46 -2.02 -4.11 -3.00
N THR A 47 -1.19 -4.52 -2.04
CA THR A 47 -1.49 -5.69 -1.23
C THR A 47 -0.72 -5.64 0.10
N ILE A 48 -1.31 -6.23 1.12
CA ILE A 48 -0.69 -6.27 2.45
C ILE A 48 -0.64 -7.69 3.00
N ASP A 49 0.34 -7.95 3.86
CA ASP A 49 0.51 -9.26 4.46
C ASP A 49 1.04 -9.15 5.89
N GLY A 50 0.24 -9.56 6.86
CA GLY A 50 0.65 -9.50 8.24
C GLY A 50 0.09 -10.63 9.08
N PRO A 51 0.30 -10.56 10.39
CA PRO A 51 -0.19 -11.59 11.33
C PRO A 51 -1.70 -11.56 11.48
N SER A 52 -2.32 -10.55 10.91
CA SER A 52 -3.78 -10.41 10.98
C SER A 52 -4.30 -9.54 9.82
N LYS A 53 -5.07 -10.17 8.93
CA LYS A 53 -5.63 -9.47 7.79
C LYS A 53 -5.97 -8.03 8.15
N VAL A 54 -5.81 -7.13 7.18
CA VAL A 54 -6.11 -5.71 7.40
C VAL A 54 -7.05 -5.18 6.32
N GLN A 55 -8.16 -4.60 6.76
CA GLN A 55 -9.15 -4.04 5.84
C GLN A 55 -8.62 -2.77 5.18
N LEU A 56 -8.21 -2.88 3.92
CA LEU A 56 -7.68 -1.74 3.19
C LEU A 56 -8.76 -1.11 2.32
N ASP A 57 -8.69 0.21 2.15
CA ASP A 57 -9.66 0.93 1.34
C ASP A 57 -8.97 1.82 0.31
N CYS A 58 -9.03 1.41 -0.95
CA CYS A 58 -8.41 2.17 -2.03
C CYS A 58 -9.17 3.45 -2.31
N ARG A 59 -8.44 4.56 -2.47
CA ARG A 59 -9.05 5.85 -2.74
C ARG A 59 -8.24 6.64 -3.76
N GLU A 60 -8.78 7.77 -4.18
CA GLU A 60 -8.09 8.62 -5.16
C GLU A 60 -7.45 9.82 -4.49
N CYS A 61 -6.33 10.27 -5.03
CA CYS A 61 -5.60 11.42 -4.48
C CYS A 61 -5.03 12.27 -5.59
N PRO A 62 -4.89 13.58 -5.32
CA PRO A 62 -4.34 14.54 -6.28
C PRO A 62 -2.85 14.34 -6.53
N GLU A 63 -2.27 13.38 -5.82
CA GLU A 63 -0.85 13.08 -5.96
C GLU A 63 -0.64 11.73 -6.64
N GLY A 64 -1.72 10.97 -6.80
CA GLY A 64 -1.64 9.67 -7.43
C GLY A 64 -2.64 8.68 -6.87
N HIS A 65 -2.17 7.73 -6.07
CA HIS A 65 -3.04 6.73 -5.47
C HIS A 65 -2.88 6.70 -3.96
N VAL A 66 -3.99 6.52 -3.26
CA VAL A 66 -3.98 6.48 -1.79
C VAL A 66 -4.72 5.25 -1.28
N VAL A 67 -4.19 4.66 -0.21
CA VAL A 67 -4.81 3.48 0.40
C VAL A 67 -4.78 3.55 1.92
N THR A 68 -5.95 3.39 2.53
CA THR A 68 -6.05 3.45 3.98
C THR A 68 -6.37 2.06 4.56
N TYR A 69 -5.61 1.66 5.57
CA TYR A 69 -5.81 0.37 6.20
C TYR A 69 -5.72 0.49 7.72
N THR A 70 -6.17 -0.55 8.42
CA THR A 70 -6.15 -0.57 9.87
C THR A 70 -5.54 -1.86 10.41
N PRO A 71 -4.45 -1.73 11.17
CA PRO A 71 -3.74 -2.88 11.75
C PRO A 71 -4.56 -3.55 12.86
N MET A 72 -4.51 -4.88 12.90
CA MET A 72 -5.24 -5.64 13.91
C MET A 72 -4.30 -6.15 14.99
N ALA A 73 -3.04 -6.36 14.63
CA ALA A 73 -2.04 -6.84 15.57
C ALA A 73 -0.67 -6.24 15.28
N PRO A 74 0.13 -6.04 16.33
CA PRO A 74 1.48 -5.47 16.21
C PRO A 74 2.45 -6.42 15.53
N GLY A 75 2.96 -6.00 14.38
CA GLY A 75 3.90 -6.83 13.65
C GLY A 75 4.44 -6.14 12.40
N ASN A 76 4.98 -6.93 11.48
CA ASN A 76 5.53 -6.38 10.24
C ASN A 76 4.64 -6.72 9.06
N TYR A 77 3.94 -5.71 8.54
CA TYR A 77 3.05 -5.90 7.40
C TYR A 77 3.76 -5.61 6.09
N LEU A 78 3.78 -6.59 5.20
CA LEU A 78 4.44 -6.44 3.91
C LEU A 78 3.52 -5.71 2.92
N ILE A 79 3.92 -4.50 2.54
CA ILE A 79 3.15 -3.71 1.60
C ILE A 79 3.76 -3.74 0.21
N ALA A 80 3.13 -4.49 -0.69
CA ALA A 80 3.61 -4.62 -2.06
C ALA A 80 2.91 -3.62 -2.98
N ILE A 81 3.68 -3.00 -3.87
CA ILE A 81 3.13 -2.02 -4.80
C ILE A 81 3.74 -2.19 -6.18
N LYS A 82 2.89 -2.25 -7.21
CA LYS A 82 3.34 -2.39 -8.58
C LYS A 82 2.69 -1.36 -9.49
N TYR A 83 3.29 -1.13 -10.65
CA TYR A 83 2.76 -0.17 -11.60
C TYR A 83 3.37 -0.37 -12.98
N GLY A 84 2.52 -0.35 -14.01
CA GLY A 84 3.00 -0.54 -15.37
C GLY A 84 4.12 -1.56 -15.45
N GLY A 85 3.86 -2.77 -14.99
CA GLY A 85 4.87 -3.82 -15.03
C GLY A 85 4.60 -4.91 -14.02
N PRO A 86 4.88 -6.16 -14.40
CA PRO A 86 4.68 -7.33 -13.54
C PRO A 86 5.67 -7.36 -12.38
N GLN A 87 6.61 -6.42 -12.37
CA GLN A 87 7.61 -6.34 -11.32
C GLN A 87 7.28 -5.23 -10.33
N HIS A 88 7.97 -5.23 -9.19
CA HIS A 88 7.75 -4.22 -8.16
C HIS A 88 8.36 -2.88 -8.57
N ILE A 89 7.85 -1.80 -7.98
CA ILE A 89 8.35 -0.47 -8.29
C ILE A 89 9.58 -0.13 -7.44
N VAL A 90 10.23 0.98 -7.76
CA VAL A 90 11.40 1.42 -7.02
C VAL A 90 11.08 1.64 -5.56
N GLY A 91 11.59 0.75 -4.70
CA GLY A 91 11.35 0.87 -3.27
C GLY A 91 10.61 -0.32 -2.71
N SER A 92 9.60 -0.78 -3.44
CA SER A 92 8.80 -1.93 -3.00
C SER A 92 9.60 -3.23 -3.15
N PRO A 93 9.23 -4.24 -2.35
CA PRO A 93 8.13 -4.12 -1.38
C PRO A 93 8.48 -3.19 -0.22
N PHE A 94 7.46 -2.75 0.51
CA PHE A 94 7.65 -1.87 1.64
C PHE A 94 7.30 -2.57 2.96
N LYS A 95 8.26 -2.58 3.89
CA LYS A 95 8.05 -3.22 5.19
C LYS A 95 7.52 -2.22 6.20
N ALA A 96 6.30 -2.44 6.67
CA ALA A 96 5.68 -1.55 7.65
C ALA A 96 5.64 -2.21 9.03
N LYS A 97 6.18 -1.52 10.02
CA LYS A 97 6.22 -2.03 11.39
C LYS A 97 5.23 -1.27 12.27
N VAL A 98 4.25 -2.00 12.81
CA VAL A 98 3.24 -1.40 13.67
C VAL A 98 3.44 -1.83 15.12
N THR A 99 3.28 -0.89 16.04
CA THR A 99 3.44 -1.17 17.46
C THR A 99 2.14 -0.90 18.23
N GLY A 100 1.99 -1.58 19.36
CA GLY A 100 0.78 -1.40 20.16
C GLY A 100 0.06 -2.71 20.43
N PRO A 101 -0.90 -2.67 21.37
CA PRO A 101 -1.68 -3.86 21.73
C PRO A 101 -2.63 -4.30 20.63
N ARG A 102 -2.92 -5.59 20.57
CA ARG A 102 -3.82 -6.13 19.56
C ARG A 102 -5.18 -5.45 19.61
N LEU A 103 -5.45 -4.60 18.63
CA LEU A 103 -6.72 -3.89 18.57
C LEU A 103 -7.54 -4.34 17.37
N SER A 104 -8.84 -4.53 17.59
CA SER A 104 -9.73 -4.96 16.52
C SER A 104 -10.76 -3.88 16.19
N GLY A 105 -11.39 -4.00 15.03
CA GLY A 105 -12.39 -3.03 14.63
C GLY A 105 -13.79 -3.62 14.56
N SER A 106 -14.76 -2.77 14.27
CA SER A 106 -16.16 -3.20 14.19
C SER A 106 -17.01 -2.18 13.47
N GLY A 107 -17.99 -2.65 12.70
CA GLY A 107 -18.86 -1.77 11.96
C GLY A 107 -19.63 -2.48 10.87
N PRO A 108 -20.56 -1.76 10.23
CA PRO A 108 -21.39 -2.32 9.16
C PRO A 108 -20.58 -2.58 7.89
N SER A 109 -20.93 -3.67 7.19
CA SER A 109 -20.23 -4.03 5.96
C SER A 109 -20.59 -3.06 4.83
N SER A 110 -21.60 -2.24 5.06
CA SER A 110 -22.04 -1.28 4.06
C SER A 110 -21.59 0.14 4.44
N GLY A 111 -21.70 1.06 3.49
CA GLY A 111 -21.30 2.43 3.74
C GLY A 111 -19.83 2.55 4.09
N GLY A 1 17.51 1.19 -20.36
CA GLY A 1 16.54 0.18 -20.01
C GLY A 1 16.09 -0.63 -21.21
N SER A 2 14.78 -0.82 -21.33
CA SER A 2 14.21 -1.59 -22.44
C SER A 2 14.38 -0.83 -23.76
N SER A 3 14.17 -1.53 -24.87
CA SER A 3 14.29 -0.93 -26.19
C SER A 3 13.15 -1.38 -27.10
N GLY A 4 13.04 -0.73 -28.26
CA GLY A 4 11.99 -1.07 -29.19
C GLY A 4 10.81 -0.11 -29.11
N SER A 5 9.62 -0.62 -29.42
CA SER A 5 8.42 0.19 -29.38
C SER A 5 8.18 0.76 -27.98
N SER A 6 8.32 2.07 -27.86
CA SER A 6 8.12 2.74 -26.58
C SER A 6 6.92 2.17 -25.84
N GLY A 7 7.09 1.92 -24.54
CA GLY A 7 6.01 1.37 -23.74
C GLY A 7 5.32 2.42 -22.90
N ALA A 8 4.06 2.17 -22.57
CA ALA A 8 3.28 3.11 -21.76
C ALA A 8 3.34 2.73 -20.29
N GLY A 9 4.30 3.29 -19.56
CA GLY A 9 4.44 3.00 -18.15
C GLY A 9 5.89 2.95 -17.72
N ASP A 10 6.15 3.43 -16.50
CA ASP A 10 7.51 3.45 -15.97
C ASP A 10 7.49 3.42 -14.44
N PRO A 11 7.81 2.25 -13.86
CA PRO A 11 7.83 2.06 -12.41
C PRO A 11 8.99 2.81 -11.75
N GLY A 12 10.09 2.94 -12.47
CA GLY A 12 11.25 3.65 -11.94
C GLY A 12 10.93 5.06 -11.52
N LEU A 13 9.86 5.61 -12.09
CA LEU A 13 9.45 6.98 -11.77
C LEU A 13 8.25 6.98 -10.82
N VAL A 14 8.04 5.85 -10.14
CA VAL A 14 6.94 5.72 -9.20
C VAL A 14 7.45 5.49 -7.79
N SER A 15 6.88 6.21 -6.83
CA SER A 15 7.29 6.09 -5.43
C SER A 15 6.09 6.30 -4.50
N ALA A 16 6.20 5.78 -3.29
CA ALA A 16 5.14 5.91 -2.30
C ALA A 16 5.67 6.43 -0.97
N TYR A 17 4.96 7.37 -0.38
CA TYR A 17 5.38 7.95 0.90
C TYR A 17 4.19 8.05 1.86
N GLY A 18 4.44 7.78 3.13
CA GLY A 18 3.38 7.85 4.12
C GLY A 18 3.67 6.97 5.33
N PRO A 19 2.91 7.20 6.42
CA PRO A 19 3.07 6.44 7.67
C PRO A 19 2.62 4.99 7.52
N GLY A 20 1.73 4.74 6.56
CA GLY A 20 1.24 3.39 6.34
C GLY A 20 2.29 2.48 5.74
N LEU A 21 3.28 3.07 5.06
CA LEU A 21 4.34 2.31 4.43
C LEU A 21 5.46 2.02 5.44
N GLU A 22 5.60 2.90 6.42
CA GLU A 22 6.63 2.74 7.44
C GLU A 22 6.06 2.09 8.70
N GLY A 23 4.74 2.15 8.84
CA GLY A 23 4.09 1.57 10.00
C GLY A 23 3.52 2.63 10.93
N GLY A 24 2.85 2.17 11.98
CA GLY A 24 2.26 3.10 12.94
C GLY A 24 1.88 2.42 14.25
N THR A 25 0.62 2.59 14.65
CA THR A 25 0.13 1.98 15.88
C THR A 25 -1.10 1.13 15.62
N THR A 26 -1.35 0.18 16.51
CA THR A 26 -2.50 -0.72 16.38
C THR A 26 -3.80 0.04 16.56
N GLY A 27 -4.83 -0.36 15.81
CA GLY A 27 -6.12 0.29 15.90
C GLY A 27 -6.09 1.73 15.41
N VAL A 28 -5.02 2.08 14.70
CA VAL A 28 -4.86 3.43 14.17
C VAL A 28 -4.86 3.42 12.65
N SER A 29 -5.79 4.15 12.06
CA SER A 29 -5.90 4.22 10.60
C SER A 29 -4.61 4.74 9.99
N SER A 30 -3.95 3.89 9.19
CA SER A 30 -2.70 4.27 8.55
C SER A 30 -2.83 4.22 7.03
N GLU A 31 -2.44 5.30 6.37
CA GLU A 31 -2.51 5.39 4.92
C GLU A 31 -1.21 5.92 4.34
N PHE A 32 -1.15 6.01 3.01
CA PHE A 32 0.03 6.49 2.33
C PHE A 32 -0.31 6.96 0.91
N ILE A 33 0.50 7.89 0.39
CA ILE A 33 0.29 8.41 -0.95
C ILE A 33 1.31 7.85 -1.93
N VAL A 34 0.82 7.36 -3.08
CA VAL A 34 1.69 6.80 -4.09
C VAL A 34 1.84 7.75 -5.27
N ASN A 35 2.98 8.44 -5.34
CA ASN A 35 3.25 9.38 -6.41
C ASN A 35 3.54 8.65 -7.72
N THR A 36 2.52 8.53 -8.57
CA THR A 36 2.67 7.86 -9.86
C THR A 36 2.60 8.84 -11.01
N LEU A 37 2.35 10.11 -10.69
CA LEU A 37 2.26 11.15 -11.70
C LEU A 37 3.47 11.13 -12.63
N ASN A 38 4.66 11.23 -12.04
CA ASN A 38 5.90 11.21 -12.80
C ASN A 38 5.89 10.07 -13.83
N ALA A 39 5.20 8.99 -13.48
CA ALA A 39 5.11 7.83 -14.36
C ALA A 39 4.31 8.16 -15.62
N GLY A 40 3.06 8.57 -15.43
CA GLY A 40 2.21 8.91 -16.55
C GLY A 40 0.85 8.21 -16.46
N SER A 41 0.81 6.96 -16.90
CA SER A 41 -0.43 6.19 -16.89
C SER A 41 -0.14 4.70 -16.79
N GLY A 42 -1.02 3.98 -16.11
CA GLY A 42 -0.85 2.54 -15.95
C GLY A 42 -1.66 1.98 -14.81
N ALA A 43 -1.64 0.66 -14.66
CA ALA A 43 -2.38 -0.01 -13.60
C ALA A 43 -1.57 -0.05 -12.30
N LEU A 44 -2.28 -0.08 -11.17
CA LEU A 44 -1.63 -0.12 -9.87
C LEU A 44 -2.08 -1.34 -9.07
N SER A 45 -1.16 -1.93 -8.32
CA SER A 45 -1.46 -3.10 -7.52
C SER A 45 -0.90 -2.95 -6.11
N VAL A 46 -1.79 -2.79 -5.13
CA VAL A 46 -1.37 -2.64 -3.74
C VAL A 46 -1.98 -3.74 -2.87
N THR A 47 -1.17 -4.31 -1.98
CA THR A 47 -1.62 -5.36 -1.09
C THR A 47 -0.93 -5.27 0.27
N ILE A 48 -1.41 -6.05 1.23
CA ILE A 48 -0.84 -6.06 2.57
C ILE A 48 -0.66 -7.48 3.08
N ASP A 49 0.48 -7.74 3.70
CA ASP A 49 0.77 -9.07 4.24
C ASP A 49 1.28 -8.97 5.67
N GLY A 50 0.39 -9.21 6.64
CA GLY A 50 0.78 -9.15 8.04
C GLY A 50 0.26 -10.32 8.84
N PRO A 51 0.45 -10.27 10.17
CA PRO A 51 0.01 -11.34 11.07
C PRO A 51 -1.51 -11.40 11.19
N SER A 52 -2.18 -10.33 10.78
CA SER A 52 -3.63 -10.26 10.84
C SER A 52 -4.20 -9.57 9.61
N LYS A 53 -5.22 -10.16 9.02
CA LYS A 53 -5.86 -9.59 7.84
C LYS A 53 -6.36 -8.17 8.11
N VAL A 54 -5.84 -7.21 7.37
CA VAL A 54 -6.23 -5.82 7.53
C VAL A 54 -7.22 -5.39 6.44
N GLN A 55 -8.07 -4.43 6.77
CA GLN A 55 -9.06 -3.93 5.83
C GLN A 55 -8.61 -2.62 5.20
N LEU A 56 -7.95 -2.72 4.04
CA LEU A 56 -7.46 -1.54 3.33
C LEU A 56 -8.57 -0.92 2.47
N ASP A 57 -8.41 0.35 2.15
CA ASP A 57 -9.39 1.07 1.34
C ASP A 57 -8.70 1.89 0.24
N CYS A 58 -9.07 1.63 -1.00
CA CYS A 58 -8.49 2.34 -2.14
C CYS A 58 -9.27 3.62 -2.43
N ARG A 59 -8.55 4.74 -2.51
CA ARG A 59 -9.18 6.02 -2.78
C ARG A 59 -8.38 6.80 -3.83
N GLU A 60 -8.90 7.97 -4.22
CA GLU A 60 -8.24 8.80 -5.21
C GLU A 60 -7.54 9.99 -4.56
N CYS A 61 -6.45 10.43 -5.16
CA CYS A 61 -5.69 11.56 -4.63
C CYS A 61 -5.10 12.39 -5.76
N PRO A 62 -4.89 13.69 -5.51
CA PRO A 62 -4.33 14.61 -6.49
C PRO A 62 -2.85 14.34 -6.77
N GLU A 63 -2.29 13.36 -6.06
CA GLU A 63 -0.89 13.00 -6.22
C GLU A 63 -0.76 11.66 -6.93
N GLY A 64 -1.86 10.92 -7.02
CA GLY A 64 -1.84 9.63 -7.67
C GLY A 64 -2.86 8.67 -7.09
N HIS A 65 -2.41 7.83 -6.16
CA HIS A 65 -3.29 6.86 -5.52
C HIS A 65 -3.05 6.80 -4.01
N VAL A 66 -4.12 6.72 -3.25
CA VAL A 66 -4.03 6.67 -1.79
C VAL A 66 -4.76 5.46 -1.23
N VAL A 67 -4.15 4.81 -0.24
CA VAL A 67 -4.75 3.64 0.39
C VAL A 67 -4.71 3.75 1.91
N THR A 68 -5.85 3.47 2.54
CA THR A 68 -5.96 3.54 3.99
C THR A 68 -6.33 2.18 4.58
N TYR A 69 -5.62 1.78 5.63
CA TYR A 69 -5.88 0.51 6.28
C TYR A 69 -5.81 0.63 7.79
N THR A 70 -6.30 -0.37 8.50
CA THR A 70 -6.30 -0.37 9.95
C THR A 70 -5.67 -1.64 10.51
N PRO A 71 -4.61 -1.48 11.31
CA PRO A 71 -3.90 -2.61 11.91
C PRO A 71 -4.72 -3.29 13.00
N MET A 72 -4.53 -4.60 13.14
CA MET A 72 -5.26 -5.38 14.14
C MET A 72 -4.29 -6.13 15.06
N ALA A 73 -3.00 -6.04 14.75
CA ALA A 73 -1.98 -6.71 15.54
C ALA A 73 -0.59 -6.18 15.20
N PRO A 74 0.30 -6.16 16.20
CA PRO A 74 1.68 -5.68 16.04
C PRO A 74 2.52 -6.62 15.18
N GLY A 75 3.01 -6.12 14.05
CA GLY A 75 3.82 -6.93 13.17
C GLY A 75 4.34 -6.15 11.98
N ASN A 76 4.95 -6.86 11.03
CA ASN A 76 5.50 -6.22 9.84
C ASN A 76 4.62 -6.51 8.61
N TYR A 77 3.72 -5.58 8.31
CA TYR A 77 2.83 -5.73 7.17
C TYR A 77 3.55 -5.42 5.87
N LEU A 78 3.82 -6.46 5.08
CA LEU A 78 4.51 -6.30 3.81
C LEU A 78 3.58 -5.70 2.76
N ILE A 79 3.86 -4.46 2.37
CA ILE A 79 3.06 -3.77 1.38
C ILE A 79 3.64 -3.94 -0.03
N ALA A 80 2.92 -4.65 -0.89
CA ALA A 80 3.38 -4.89 -2.25
C ALA A 80 2.81 -3.83 -3.20
N ILE A 81 3.69 -2.97 -3.71
CA ILE A 81 3.28 -1.92 -4.63
C ILE A 81 3.89 -2.12 -6.01
N LYS A 82 3.04 -2.24 -7.02
CA LYS A 82 3.49 -2.43 -8.39
C LYS A 82 2.83 -1.44 -9.34
N TYR A 83 3.42 -1.26 -10.51
CA TYR A 83 2.89 -0.33 -11.50
C TYR A 83 3.45 -0.63 -12.88
N GLY A 84 2.58 -0.57 -13.89
CA GLY A 84 3.01 -0.84 -15.26
C GLY A 84 4.08 -1.90 -15.32
N GLY A 85 3.87 -3.01 -14.62
CA GLY A 85 4.84 -4.09 -14.61
C GLY A 85 4.53 -5.14 -13.56
N PRO A 86 4.83 -6.40 -13.87
CA PRO A 86 4.60 -7.53 -12.96
C PRO A 86 5.53 -7.50 -11.77
N GLN A 87 6.60 -6.72 -11.87
CA GLN A 87 7.58 -6.62 -10.80
C GLN A 87 7.23 -5.47 -9.86
N HIS A 88 8.02 -5.32 -8.80
CA HIS A 88 7.79 -4.26 -7.82
C HIS A 88 8.45 -2.95 -8.27
N ILE A 89 7.92 -1.84 -7.78
CA ILE A 89 8.46 -0.52 -8.13
C ILE A 89 9.74 -0.24 -7.36
N VAL A 90 10.53 0.71 -7.87
CA VAL A 90 11.78 1.09 -7.24
C VAL A 90 11.58 1.40 -5.75
N GLY A 91 11.99 0.48 -4.90
CA GLY A 91 11.84 0.66 -3.46
C GLY A 91 11.05 -0.44 -2.81
N SER A 92 10.05 -0.96 -3.52
CA SER A 92 9.20 -2.02 -3.00
C SER A 92 9.93 -3.36 -3.05
N PRO A 93 9.45 -4.33 -2.25
CA PRO A 93 8.29 -4.12 -1.38
C PRO A 93 8.60 -3.18 -0.21
N PHE A 94 7.55 -2.76 0.49
CA PHE A 94 7.71 -1.85 1.63
C PHE A 94 7.30 -2.54 2.93
N LYS A 95 8.19 -2.52 3.91
CA LYS A 95 7.93 -3.14 5.20
C LYS A 95 7.30 -2.13 6.17
N ALA A 96 6.16 -2.50 6.74
CA ALA A 96 5.47 -1.62 7.68
C ALA A 96 5.33 -2.30 9.04
N LYS A 97 5.99 -1.73 10.04
CA LYS A 97 5.95 -2.27 11.39
C LYS A 97 4.95 -1.51 12.25
N VAL A 98 4.04 -2.24 12.89
CA VAL A 98 3.03 -1.62 13.74
C VAL A 98 3.30 -1.92 15.22
N THR A 99 3.16 -0.90 16.05
CA THR A 99 3.38 -1.05 17.49
C THR A 99 2.07 -1.06 18.25
N GLY A 100 2.11 -1.57 19.49
CA GLY A 100 0.91 -1.63 20.30
C GLY A 100 0.38 -3.04 20.44
N PRO A 101 -0.53 -3.24 21.40
CA PRO A 101 -1.14 -4.55 21.67
C PRO A 101 -2.08 -4.99 20.55
N ARG A 102 -2.57 -6.21 20.65
CA ARG A 102 -3.48 -6.75 19.64
C ARG A 102 -4.90 -6.25 19.85
N LEU A 103 -5.30 -5.26 19.06
CA LEU A 103 -6.63 -4.67 19.16
C LEU A 103 -7.57 -5.30 18.14
N SER A 104 -8.18 -6.42 18.51
CA SER A 104 -9.11 -7.11 17.63
C SER A 104 -10.23 -7.78 18.42
N GLY A 105 -11.46 -7.58 17.96
CA GLY A 105 -12.60 -8.16 18.64
C GLY A 105 -12.75 -7.67 20.07
N SER A 106 -13.93 -7.16 20.40
CA SER A 106 -14.18 -6.65 21.75
C SER A 106 -14.47 -7.78 22.72
N GLY A 107 -13.54 -8.02 23.64
CA GLY A 107 -13.71 -9.08 24.62
C GLY A 107 -14.79 -8.75 25.63
N PRO A 108 -15.49 -9.80 26.10
CA PRO A 108 -16.56 -9.65 27.09
C PRO A 108 -16.03 -9.26 28.46
N SER A 109 -16.57 -8.18 29.02
CA SER A 109 -16.15 -7.70 30.33
C SER A 109 -16.51 -8.70 31.42
N SER A 110 -15.57 -8.95 32.32
CA SER A 110 -15.78 -9.90 33.41
C SER A 110 -16.08 -9.17 34.71
N GLY A 111 -17.12 -9.62 35.42
CA GLY A 111 -17.48 -8.99 36.68
C GLY A 111 -17.82 -10.01 37.75
N GLY A 1 -13.99 2.16 -28.84
CA GLY A 1 -13.45 0.83 -28.68
C GLY A 1 -11.99 0.73 -29.09
N SER A 2 -11.34 -0.35 -28.69
CA SER A 2 -9.93 -0.55 -29.01
C SER A 2 -9.55 -2.03 -28.90
N SER A 3 -8.63 -2.47 -29.75
CA SER A 3 -8.18 -3.86 -29.74
C SER A 3 -7.03 -4.05 -28.75
N GLY A 4 -7.22 -3.59 -27.53
CA GLY A 4 -6.19 -3.71 -26.52
C GLY A 4 -5.94 -2.43 -25.77
N SER A 5 -5.31 -2.52 -24.61
CA SER A 5 -5.01 -1.35 -23.79
C SER A 5 -3.63 -0.80 -24.11
N SER A 6 -2.63 -1.67 -24.07
CA SER A 6 -1.25 -1.27 -24.36
C SER A 6 -0.81 -0.15 -23.42
N GLY A 7 -1.22 -0.26 -22.15
CA GLY A 7 -0.85 0.75 -21.17
C GLY A 7 0.61 0.68 -20.78
N ALA A 8 1.39 1.67 -21.22
CA ALA A 8 2.81 1.71 -20.93
C ALA A 8 3.12 2.76 -19.85
N GLY A 9 4.20 2.54 -19.12
CA GLY A 9 4.58 3.46 -18.06
C GLY A 9 6.02 3.30 -17.63
N ASP A 10 6.28 3.51 -16.34
CA ASP A 10 7.63 3.38 -15.81
C ASP A 10 7.61 3.34 -14.28
N PRO A 11 7.99 2.19 -13.71
CA PRO A 11 8.03 1.99 -12.27
C PRO A 11 9.13 2.81 -11.59
N GLY A 12 10.28 2.91 -12.25
CA GLY A 12 11.39 3.66 -11.70
C GLY A 12 10.99 5.07 -11.31
N LEU A 13 10.01 5.63 -12.01
CA LEU A 13 9.54 6.98 -11.72
C LEU A 13 8.29 6.95 -10.85
N VAL A 14 8.10 5.84 -10.14
CA VAL A 14 6.95 5.67 -9.25
C VAL A 14 7.38 5.23 -7.86
N SER A 15 6.94 5.96 -6.85
CA SER A 15 7.28 5.64 -5.46
C SER A 15 6.12 5.97 -4.53
N ALA A 16 6.22 5.51 -3.29
CA ALA A 16 5.18 5.75 -2.29
C ALA A 16 5.76 6.44 -1.06
N TYR A 17 4.95 7.28 -0.43
CA TYR A 17 5.39 8.00 0.77
C TYR A 17 4.25 8.12 1.78
N GLY A 18 4.57 7.85 3.04
CA GLY A 18 3.57 7.92 4.09
C GLY A 18 3.94 7.12 5.32
N PRO A 19 3.35 7.46 6.47
CA PRO A 19 3.62 6.77 7.74
C PRO A 19 3.06 5.35 7.75
N GLY A 20 2.18 5.06 6.80
CA GLY A 20 1.59 3.73 6.71
C GLY A 20 2.55 2.69 6.17
N LEU A 21 3.37 3.10 5.21
CA LEU A 21 4.34 2.19 4.60
C LEU A 21 5.42 1.81 5.60
N GLU A 22 5.90 2.79 6.36
CA GLU A 22 6.94 2.56 7.35
C GLU A 22 6.35 1.92 8.62
N GLY A 23 5.05 2.11 8.81
CA GLY A 23 4.39 1.55 9.97
C GLY A 23 3.91 2.62 10.94
N GLY A 24 3.13 2.22 11.92
CA GLY A 24 2.61 3.17 12.90
C GLY A 24 2.20 2.50 14.19
N THR A 25 0.90 2.57 14.50
CA THR A 25 0.37 1.97 15.73
C THR A 25 -0.82 1.07 15.42
N THR A 26 -1.11 0.17 16.35
CA THR A 26 -2.24 -0.75 16.18
C THR A 26 -3.57 -0.03 16.35
N GLY A 27 -4.62 -0.56 15.72
CA GLY A 27 -5.93 0.05 15.82
C GLY A 27 -5.93 1.49 15.36
N VAL A 28 -4.89 1.88 14.64
CA VAL A 28 -4.79 3.24 14.13
C VAL A 28 -4.76 3.27 12.61
N SER A 29 -5.81 3.85 12.02
CA SER A 29 -5.92 3.94 10.57
C SER A 29 -4.63 4.47 9.96
N SER A 30 -4.00 3.65 9.13
CA SER A 30 -2.75 4.03 8.48
C SER A 30 -2.90 4.02 6.96
N GLU A 31 -2.50 5.11 6.32
CA GLU A 31 -2.59 5.24 4.87
C GLU A 31 -1.26 5.69 4.28
N PHE A 32 -1.25 5.89 2.96
CA PHE A 32 -0.04 6.32 2.27
C PHE A 32 -0.37 6.79 0.85
N ILE A 33 0.44 7.71 0.34
CA ILE A 33 0.25 8.24 -0.99
C ILE A 33 1.27 7.68 -1.97
N VAL A 34 0.81 7.29 -3.15
CA VAL A 34 1.68 6.73 -4.17
C VAL A 34 1.87 7.71 -5.33
N ASN A 35 3.02 8.37 -5.36
CA ASN A 35 3.33 9.32 -6.41
C ASN A 35 3.56 8.61 -7.74
N THR A 36 2.54 8.59 -8.59
CA THR A 36 2.63 7.94 -9.88
C THR A 36 2.68 8.97 -11.01
N LEU A 37 2.49 10.24 -10.65
CA LEU A 37 2.50 11.32 -11.63
C LEU A 37 3.77 11.26 -12.48
N ASN A 38 4.92 11.30 -11.82
CA ASN A 38 6.21 11.26 -12.52
C ASN A 38 6.18 10.22 -13.63
N ALA A 39 5.57 9.07 -13.35
CA ALA A 39 5.47 8.00 -14.34
C ALA A 39 4.79 8.48 -15.61
N GLY A 40 3.55 8.93 -15.47
CA GLY A 40 2.81 9.41 -16.63
C GLY A 40 1.40 8.83 -16.70
N SER A 41 1.31 7.50 -16.72
CA SER A 41 0.02 6.83 -16.78
C SER A 41 0.20 5.32 -16.66
N GLY A 42 -0.75 4.67 -15.98
CA GLY A 42 -0.68 3.24 -15.80
C GLY A 42 -1.47 2.77 -14.59
N ALA A 43 -1.66 1.46 -14.48
CA ALA A 43 -2.41 0.88 -13.37
C ALA A 43 -1.49 0.60 -12.18
N LEU A 44 -2.04 0.71 -10.98
CA LEU A 44 -1.28 0.47 -9.76
C LEU A 44 -1.90 -0.65 -8.93
N SER A 45 -1.07 -1.53 -8.40
CA SER A 45 -1.53 -2.65 -7.59
C SER A 45 -1.08 -2.49 -6.14
N VAL A 46 -2.03 -2.58 -5.23
CA VAL A 46 -1.73 -2.47 -3.80
C VAL A 46 -2.18 -3.71 -3.03
N THR A 47 -1.34 -4.15 -2.10
CA THR A 47 -1.64 -5.33 -1.30
C THR A 47 -0.85 -5.33 0.00
N ILE A 48 -1.39 -6.00 1.02
CA ILE A 48 -0.73 -6.07 2.32
C ILE A 48 -0.73 -7.51 2.84
N ASP A 49 0.27 -7.83 3.66
CA ASP A 49 0.38 -9.16 4.24
C ASP A 49 0.99 -9.10 5.64
N GLY A 50 0.20 -9.45 6.65
CA GLY A 50 0.68 -9.42 8.02
C GLY A 50 0.14 -10.57 8.84
N PRO A 51 0.39 -10.53 10.16
CA PRO A 51 -0.06 -11.57 11.09
C PRO A 51 -1.57 -11.57 11.27
N SER A 52 -2.22 -10.51 10.81
CA SER A 52 -3.67 -10.38 10.92
C SER A 52 -4.24 -9.60 9.74
N LYS A 53 -5.25 -10.18 9.10
CA LYS A 53 -5.89 -9.53 7.95
C LYS A 53 -6.17 -8.06 8.24
N VAL A 54 -5.87 -7.21 7.27
CA VAL A 54 -6.10 -5.77 7.42
C VAL A 54 -7.09 -5.26 6.39
N GLN A 55 -8.07 -4.48 6.85
CA GLN A 55 -9.08 -3.93 5.96
C GLN A 55 -8.58 -2.66 5.27
N LEU A 56 -8.14 -2.81 4.02
CA LEU A 56 -7.64 -1.68 3.25
C LEU A 56 -8.73 -1.09 2.36
N ASP A 57 -8.65 0.21 2.12
CA ASP A 57 -9.63 0.89 1.28
C ASP A 57 -8.93 1.78 0.25
N CYS A 58 -9.02 1.38 -1.01
CA CYS A 58 -8.40 2.13 -2.10
C CYS A 58 -9.20 3.39 -2.42
N ARG A 59 -8.50 4.45 -2.79
CA ARG A 59 -9.15 5.72 -3.12
C ARG A 59 -8.37 6.47 -4.19
N GLU A 60 -8.81 7.67 -4.51
CA GLU A 60 -8.16 8.49 -5.52
C GLU A 60 -7.64 9.80 -4.92
N CYS A 61 -6.45 10.21 -5.33
CA CYS A 61 -5.84 11.44 -4.83
C CYS A 61 -5.18 12.22 -5.96
N PRO A 62 -5.06 13.53 -5.77
CA PRO A 62 -4.44 14.42 -6.77
C PRO A 62 -2.94 14.20 -6.90
N GLU A 63 -2.42 13.27 -6.11
CA GLU A 63 -0.99 12.96 -6.14
C GLU A 63 -0.75 11.59 -6.76
N GLY A 64 -1.81 10.82 -6.91
CA GLY A 64 -1.69 9.49 -7.49
C GLY A 64 -2.69 8.51 -6.91
N HIS A 65 -2.21 7.57 -6.10
CA HIS A 65 -3.07 6.57 -5.47
C HIS A 65 -2.95 6.61 -3.96
N VAL A 66 -4.08 6.48 -3.28
CA VAL A 66 -4.08 6.50 -1.81
C VAL A 66 -4.92 5.35 -1.26
N VAL A 67 -4.41 4.72 -0.20
CA VAL A 67 -5.10 3.61 0.43
C VAL A 67 -5.02 3.69 1.95
N THR A 68 -6.12 3.37 2.62
CA THR A 68 -6.18 3.42 4.08
C THR A 68 -6.56 2.05 4.65
N TYR A 69 -5.80 1.60 5.65
CA TYR A 69 -6.06 0.32 6.28
C TYR A 69 -5.94 0.43 7.80
N THR A 70 -6.47 -0.57 8.50
CA THR A 70 -6.42 -0.59 9.96
C THR A 70 -5.81 -1.89 10.47
N PRO A 71 -4.71 -1.77 11.23
CA PRO A 71 -4.02 -2.92 11.81
C PRO A 71 -4.83 -3.60 12.90
N MET A 72 -4.62 -4.90 13.06
CA MET A 72 -5.32 -5.67 14.09
C MET A 72 -4.34 -6.28 15.08
N ALA A 73 -3.10 -6.48 14.65
CA ALA A 73 -2.07 -7.05 15.51
C ALA A 73 -0.71 -6.44 15.20
N PRO A 74 0.12 -6.27 16.26
CA PRO A 74 1.46 -5.70 16.12
C PRO A 74 2.42 -6.64 15.40
N GLY A 75 2.93 -6.20 14.25
CA GLY A 75 3.84 -7.01 13.48
C GLY A 75 4.35 -6.30 12.25
N ASN A 76 4.92 -7.06 11.31
CA ASN A 76 5.45 -6.50 10.08
C ASN A 76 4.52 -6.79 8.90
N TYR A 77 3.86 -5.76 8.40
CA TYR A 77 2.93 -5.90 7.28
C TYR A 77 3.63 -5.59 5.96
N LEU A 78 3.77 -6.61 5.12
CA LEU A 78 4.42 -6.46 3.83
C LEU A 78 3.50 -5.74 2.84
N ILE A 79 3.91 -4.56 2.40
CA ILE A 79 3.13 -3.78 1.45
C ILE A 79 3.69 -3.90 0.04
N ALA A 80 3.02 -4.69 -0.79
CA ALA A 80 3.45 -4.89 -2.17
C ALA A 80 2.81 -3.88 -3.10
N ILE A 81 3.62 -3.07 -3.76
CA ILE A 81 3.12 -2.06 -4.69
C ILE A 81 3.74 -2.23 -6.07
N LYS A 82 2.89 -2.40 -7.07
CA LYS A 82 3.35 -2.56 -8.45
C LYS A 82 2.69 -1.54 -9.37
N TYR A 83 3.38 -1.21 -10.46
CA TYR A 83 2.86 -0.25 -11.43
C TYR A 83 3.21 -0.66 -12.85
N GLY A 84 2.22 -0.63 -13.73
CA GLY A 84 2.45 -1.00 -15.12
C GLY A 84 3.46 -2.12 -15.26
N GLY A 85 3.27 -3.18 -14.49
CA GLY A 85 4.18 -4.32 -14.56
C GLY A 85 4.11 -5.17 -13.31
N PRO A 86 4.30 -6.49 -13.49
CA PRO A 86 4.27 -7.45 -12.38
C PRO A 86 5.47 -7.31 -11.45
N GLN A 87 6.38 -6.40 -11.80
CA GLN A 87 7.58 -6.17 -11.00
C GLN A 87 7.35 -5.02 -10.02
N HIS A 88 7.88 -5.18 -8.80
CA HIS A 88 7.73 -4.16 -7.77
C HIS A 88 8.37 -2.85 -8.22
N ILE A 89 7.75 -1.73 -7.84
CA ILE A 89 8.27 -0.42 -8.21
C ILE A 89 9.51 -0.06 -7.39
N VAL A 90 10.30 0.88 -7.90
CA VAL A 90 11.52 1.30 -7.22
C VAL A 90 11.24 1.61 -5.75
N GLY A 91 11.83 0.83 -4.86
CA GLY A 91 11.65 1.05 -3.44
C GLY A 91 10.91 -0.09 -2.77
N SER A 92 9.94 -0.67 -3.48
CA SER A 92 9.15 -1.77 -2.96
C SER A 92 9.94 -3.07 -3.00
N PRO A 93 9.51 -4.06 -2.20
CA PRO A 93 8.35 -3.92 -1.33
C PRO A 93 8.61 -2.96 -0.17
N PHE A 94 7.56 -2.65 0.58
CA PHE A 94 7.67 -1.74 1.72
C PHE A 94 7.30 -2.46 3.02
N LYS A 95 8.23 -2.44 3.98
CA LYS A 95 8.00 -3.08 5.26
C LYS A 95 7.35 -2.12 6.24
N ALA A 96 6.21 -2.52 6.78
CA ALA A 96 5.48 -1.69 7.74
C ALA A 96 5.47 -2.33 9.13
N LYS A 97 6.22 -1.74 10.05
CA LYS A 97 6.29 -2.25 11.41
C LYS A 97 5.36 -1.48 12.34
N VAL A 98 4.21 -2.09 12.64
CA VAL A 98 3.23 -1.46 13.52
C VAL A 98 3.46 -1.85 14.97
N THR A 99 3.23 -0.91 15.88
CA THR A 99 3.41 -1.16 17.31
C THR A 99 2.10 -0.96 18.07
N GLY A 100 2.09 -1.38 19.34
CA GLY A 100 0.90 -1.23 20.16
C GLY A 100 0.24 -2.57 20.45
N PRO A 101 -0.71 -2.56 21.40
CA PRO A 101 -1.44 -3.77 21.80
C PRO A 101 -2.39 -4.26 20.71
N ARG A 102 -2.52 -5.57 20.60
CA ARG A 102 -3.40 -6.17 19.60
C ARG A 102 -4.79 -5.53 19.65
N LEU A 103 -5.04 -4.62 18.71
CA LEU A 103 -6.33 -3.93 18.65
C LEU A 103 -7.13 -4.40 17.43
N SER A 104 -7.97 -5.40 17.63
CA SER A 104 -8.79 -5.94 16.56
C SER A 104 -9.90 -4.97 16.18
N GLY A 105 -10.68 -4.55 17.18
CA GLY A 105 -11.78 -3.63 16.93
C GLY A 105 -13.09 -4.11 17.49
N SER A 106 -14.14 -4.04 16.69
CA SER A 106 -15.47 -4.47 17.10
C SER A 106 -15.43 -5.91 17.61
N GLY A 107 -16.50 -6.32 18.28
CA GLY A 107 -16.57 -7.67 18.80
C GLY A 107 -16.14 -8.72 17.79
N PRO A 108 -15.52 -9.80 18.27
CA PRO A 108 -15.03 -10.89 17.43
C PRO A 108 -16.18 -11.69 16.81
N SER A 109 -16.59 -11.31 15.61
CA SER A 109 -17.68 -11.99 14.92
C SER A 109 -17.50 -13.51 15.00
N SER A 110 -18.43 -14.17 15.70
CA SER A 110 -18.37 -15.61 15.85
C SER A 110 -19.07 -16.32 14.70
N GLY A 111 -18.31 -16.57 13.63
CA GLY A 111 -18.86 -17.23 12.46
C GLY A 111 -17.94 -17.16 11.26
N GLY A 1 5.77 -15.61 -30.42
CA GLY A 1 5.95 -14.58 -29.41
C GLY A 1 5.21 -14.89 -28.13
N SER A 2 5.95 -15.19 -27.07
CA SER A 2 5.35 -15.50 -25.78
C SER A 2 4.35 -14.43 -25.37
N SER A 3 3.11 -14.84 -25.11
CA SER A 3 2.06 -13.92 -24.70
C SER A 3 1.87 -13.94 -23.20
N GLY A 4 2.44 -12.95 -22.51
CA GLY A 4 2.31 -12.87 -21.06
C GLY A 4 1.69 -11.58 -20.60
N SER A 5 2.30 -10.94 -19.61
CA SER A 5 1.80 -9.69 -19.07
C SER A 5 2.60 -8.51 -19.61
N SER A 6 1.96 -7.71 -20.46
CA SER A 6 2.61 -6.56 -21.06
C SER A 6 2.41 -5.32 -20.18
N GLY A 7 3.15 -4.25 -20.51
CA GLY A 7 3.04 -3.03 -19.74
C GLY A 7 3.87 -1.90 -20.33
N ALA A 8 3.22 -0.79 -20.66
CA ALA A 8 3.90 0.36 -21.24
C ALA A 8 4.01 1.49 -20.22
N GLY A 9 4.29 1.13 -18.97
CA GLY A 9 4.42 2.13 -17.92
C GLY A 9 5.85 2.28 -17.43
N ASP A 10 6.07 3.22 -16.54
CA ASP A 10 7.40 3.47 -15.99
C ASP A 10 7.37 3.43 -14.46
N PRO A 11 7.68 2.26 -13.89
CA PRO A 11 7.70 2.07 -12.44
C PRO A 11 8.85 2.80 -11.77
N GLY A 12 9.96 2.95 -12.50
CA GLY A 12 11.11 3.64 -11.95
C GLY A 12 10.80 5.05 -11.53
N LEU A 13 9.82 5.67 -12.18
CA LEU A 13 9.42 7.04 -11.87
C LEU A 13 8.23 7.06 -10.91
N VAL A 14 7.98 5.92 -10.26
CA VAL A 14 6.89 5.81 -9.33
C VAL A 14 7.39 5.49 -7.92
N SER A 15 6.88 6.20 -6.93
CA SER A 15 7.28 6.00 -5.55
C SER A 15 6.09 6.16 -4.60
N ALA A 16 6.26 5.70 -3.36
CA ALA A 16 5.19 5.79 -2.37
C ALA A 16 5.75 6.27 -1.02
N TYR A 17 5.09 7.25 -0.43
CA TYR A 17 5.52 7.79 0.85
C TYR A 17 4.32 7.93 1.80
N GLY A 18 4.58 7.76 3.09
CA GLY A 18 3.53 7.88 4.09
C GLY A 18 3.82 7.06 5.34
N PRO A 19 3.11 7.39 6.43
CA PRO A 19 3.28 6.70 7.71
C PRO A 19 2.76 5.26 7.67
N GLY A 20 2.06 4.93 6.59
CA GLY A 20 1.52 3.58 6.45
C GLY A 20 2.55 2.59 5.95
N LEU A 21 3.40 3.04 5.03
CA LEU A 21 4.43 2.18 4.46
C LEU A 21 5.51 1.87 5.51
N GLU A 22 5.75 2.81 6.40
CA GLU A 22 6.74 2.63 7.45
C GLU A 22 6.12 2.00 8.68
N GLY A 23 4.84 2.26 8.91
CA GLY A 23 4.15 1.70 10.06
C GLY A 23 3.69 2.77 11.03
N GLY A 24 2.96 2.36 12.06
CA GLY A 24 2.47 3.29 13.04
C GLY A 24 2.04 2.62 14.33
N THR A 25 0.78 2.81 14.72
CA THR A 25 0.25 2.21 15.94
C THR A 25 -0.95 1.34 15.63
N THR A 26 -1.13 0.29 16.43
CA THR A 26 -2.25 -0.63 16.25
C THR A 26 -3.59 0.09 16.41
N GLY A 27 -4.60 -0.38 15.69
CA GLY A 27 -5.91 0.23 15.75
C GLY A 27 -5.90 1.68 15.30
N VAL A 28 -4.94 2.02 14.44
CA VAL A 28 -4.83 3.37 13.92
C VAL A 28 -4.83 3.39 12.40
N SER A 29 -5.73 4.20 11.83
CA SER A 29 -5.84 4.30 10.37
C SER A 29 -4.53 4.79 9.75
N SER A 30 -3.84 3.89 9.06
CA SER A 30 -2.57 4.22 8.42
C SER A 30 -2.69 4.15 6.91
N GLU A 31 -2.30 5.23 6.23
CA GLU A 31 -2.36 5.29 4.78
C GLU A 31 -1.07 5.85 4.20
N PHE A 32 -1.05 6.06 2.90
CA PHE A 32 0.13 6.58 2.21
C PHE A 32 -0.23 7.10 0.82
N ILE A 33 0.65 7.94 0.27
CA ILE A 33 0.42 8.50 -1.05
C ILE A 33 1.41 7.93 -2.07
N VAL A 34 0.87 7.40 -3.17
CA VAL A 34 1.70 6.83 -4.23
C VAL A 34 1.86 7.80 -5.39
N ASN A 35 3.00 8.49 -5.43
CA ASN A 35 3.28 9.44 -6.49
C ASN A 35 3.50 8.73 -7.81
N THR A 36 2.49 8.76 -8.67
CA THR A 36 2.59 8.12 -9.98
C THR A 36 2.52 9.14 -11.11
N LEU A 37 2.34 10.41 -10.74
CA LEU A 37 2.26 11.48 -11.72
C LEU A 37 3.50 11.49 -12.62
N ASN A 38 4.66 11.44 -12.00
CA ASN A 38 5.92 11.44 -12.76
C ASN A 38 5.93 10.32 -13.79
N ALA A 39 5.29 9.20 -13.46
CA ALA A 39 5.22 8.05 -14.36
C ALA A 39 4.50 8.41 -15.64
N GLY A 40 3.25 8.87 -15.51
CA GLY A 40 2.47 9.24 -16.68
C GLY A 40 1.10 8.59 -16.68
N SER A 41 1.09 7.27 -16.85
CA SER A 41 -0.17 6.52 -16.88
C SER A 41 0.08 5.03 -16.70
N GLY A 42 -0.86 4.35 -16.07
CA GLY A 42 -0.72 2.92 -15.84
C GLY A 42 -1.52 2.43 -14.65
N ALA A 43 -1.65 1.12 -14.52
CA ALA A 43 -2.40 0.53 -13.41
C ALA A 43 -1.51 0.36 -12.18
N LEU A 44 -2.14 0.21 -11.02
CA LEU A 44 -1.41 0.03 -9.77
C LEU A 44 -1.96 -1.14 -8.97
N SER A 45 -1.07 -1.90 -8.34
CA SER A 45 -1.48 -3.05 -7.54
C SER A 45 -1.02 -2.90 -6.10
N VAL A 46 -1.96 -3.02 -5.17
CA VAL A 46 -1.65 -2.89 -3.75
C VAL A 46 -2.10 -4.13 -2.98
N THR A 47 -1.29 -4.54 -2.00
CA THR A 47 -1.60 -5.71 -1.19
C THR A 47 -0.87 -5.66 0.14
N ILE A 48 -1.54 -6.11 1.20
CA ILE A 48 -0.95 -6.12 2.53
C ILE A 48 -0.98 -7.52 3.14
N ASP A 49 0.13 -7.91 3.75
CA ASP A 49 0.23 -9.22 4.37
C ASP A 49 0.84 -9.13 5.76
N GLY A 50 0.09 -9.59 6.76
CA GLY A 50 0.57 -9.53 8.14
C GLY A 50 0.07 -10.69 8.97
N PRO A 51 0.28 -10.61 10.29
CA PRO A 51 -0.15 -11.66 11.22
C PRO A 51 -1.67 -11.72 11.38
N SER A 52 -2.35 -10.72 10.82
CA SER A 52 -3.81 -10.66 10.89
C SER A 52 -4.37 -9.84 9.73
N LYS A 53 -5.39 -10.39 9.08
CA LYS A 53 -6.03 -9.72 7.95
C LYS A 53 -6.28 -8.25 8.28
N VAL A 54 -6.03 -7.39 7.30
CA VAL A 54 -6.23 -5.95 7.47
C VAL A 54 -7.25 -5.42 6.48
N GLN A 55 -8.04 -4.45 6.90
CA GLN A 55 -9.05 -3.84 6.05
C GLN A 55 -8.51 -2.59 5.36
N LEU A 56 -8.10 -2.73 4.11
CA LEU A 56 -7.56 -1.61 3.34
C LEU A 56 -8.64 -0.94 2.52
N ASP A 57 -8.40 0.30 2.13
CA ASP A 57 -9.36 1.05 1.33
C ASP A 57 -8.66 1.88 0.26
N CYS A 58 -8.95 1.58 -1.01
CA CYS A 58 -8.35 2.28 -2.12
C CYS A 58 -9.14 3.53 -2.48
N ARG A 59 -8.43 4.63 -2.72
CA ARG A 59 -9.08 5.89 -3.06
C ARG A 59 -8.27 6.64 -4.13
N GLU A 60 -8.79 7.79 -4.54
CA GLU A 60 -8.12 8.61 -5.55
C GLU A 60 -7.69 9.94 -4.97
N CYS A 61 -6.41 10.27 -5.15
CA CYS A 61 -5.86 11.53 -4.64
C CYS A 61 -5.23 12.34 -5.77
N PRO A 62 -5.04 13.64 -5.52
CA PRO A 62 -4.45 14.55 -6.50
C PRO A 62 -2.97 14.28 -6.72
N GLU A 63 -2.40 13.40 -5.91
CA GLU A 63 -0.99 13.05 -6.01
C GLU A 63 -0.81 11.73 -6.75
N GLY A 64 -1.89 10.96 -6.84
CA GLY A 64 -1.82 9.67 -7.51
C GLY A 64 -2.75 8.64 -6.89
N HIS A 65 -2.18 7.57 -6.36
CA HIS A 65 -2.96 6.52 -5.73
C HIS A 65 -2.79 6.54 -4.22
N VAL A 66 -3.92 6.45 -3.50
CA VAL A 66 -3.89 6.46 -2.04
C VAL A 66 -4.64 5.26 -1.48
N VAL A 67 -4.08 4.67 -0.42
CA VAL A 67 -4.70 3.52 0.23
C VAL A 67 -4.61 3.62 1.75
N THR A 68 -5.73 3.38 2.42
CA THR A 68 -5.77 3.43 3.88
C THR A 68 -6.13 2.08 4.47
N TYR A 69 -5.46 1.72 5.56
CA TYR A 69 -5.72 0.45 6.24
C TYR A 69 -5.61 0.59 7.75
N THR A 70 -6.18 -0.36 8.47
CA THR A 70 -6.14 -0.34 9.93
C THR A 70 -5.61 -1.65 10.48
N PRO A 71 -4.48 -1.57 11.22
CA PRO A 71 -3.84 -2.75 11.82
C PRO A 71 -4.67 -3.33 12.96
N MET A 72 -4.50 -4.64 13.19
CA MET A 72 -5.24 -5.32 14.25
C MET A 72 -4.27 -5.98 15.24
N ALA A 73 -3.07 -6.28 14.76
CA ALA A 73 -2.05 -6.91 15.60
C ALA A 73 -0.67 -6.33 15.32
N PRO A 74 0.15 -6.23 16.37
CA PRO A 74 1.51 -5.70 16.26
C PRO A 74 2.44 -6.65 15.50
N GLY A 75 2.82 -6.24 14.29
CA GLY A 75 3.71 -7.07 13.48
C GLY A 75 4.23 -6.33 12.26
N ASN A 76 4.86 -7.06 11.35
CA ASN A 76 5.41 -6.46 10.13
C ASN A 76 4.53 -6.79 8.93
N TYR A 77 3.72 -5.82 8.51
CA TYR A 77 2.83 -6.00 7.36
C TYR A 77 3.55 -5.65 6.06
N LEU A 78 3.69 -6.63 5.19
CA LEU A 78 4.35 -6.43 3.90
C LEU A 78 3.42 -5.70 2.92
N ILE A 79 3.84 -4.52 2.51
CA ILE A 79 3.05 -3.72 1.57
C ILE A 79 3.67 -3.73 0.17
N ALA A 80 3.03 -4.47 -0.74
CA ALA A 80 3.52 -4.56 -2.11
C ALA A 80 2.87 -3.49 -3.00
N ILE A 81 3.69 -2.85 -3.82
CA ILE A 81 3.20 -1.81 -4.72
C ILE A 81 3.81 -1.95 -6.11
N LYS A 82 2.97 -2.29 -7.09
CA LYS A 82 3.43 -2.47 -8.46
C LYS A 82 2.78 -1.44 -9.38
N TYR A 83 3.38 -1.22 -10.54
CA TYR A 83 2.86 -0.26 -11.51
C TYR A 83 3.30 -0.62 -12.93
N GLY A 84 2.33 -0.78 -13.83
CA GLY A 84 2.64 -1.12 -15.19
C GLY A 84 3.74 -2.16 -15.31
N GLY A 85 3.54 -3.30 -14.64
CA GLY A 85 4.53 -4.36 -14.68
C GLY A 85 4.37 -5.33 -13.52
N PRO A 86 4.67 -6.62 -13.79
CA PRO A 86 4.57 -7.67 -12.79
C PRO A 86 5.63 -7.54 -11.70
N GLN A 87 6.59 -6.65 -11.92
CA GLN A 87 7.66 -6.43 -10.95
C GLN A 87 7.30 -5.32 -9.97
N HIS A 88 8.14 -5.13 -8.96
CA HIS A 88 7.91 -4.10 -7.96
C HIS A 88 8.54 -2.78 -8.39
N ILE A 89 8.02 -1.68 -7.84
CA ILE A 89 8.54 -0.35 -8.17
C ILE A 89 9.76 -0.02 -7.34
N VAL A 90 10.50 1.00 -7.75
CA VAL A 90 11.70 1.42 -7.04
C VAL A 90 11.41 1.63 -5.56
N GLY A 91 11.96 0.75 -4.73
CA GLY A 91 11.76 0.85 -3.30
C GLY A 91 10.90 -0.28 -2.75
N SER A 92 9.84 -0.61 -3.48
CA SER A 92 8.93 -1.67 -3.06
C SER A 92 9.62 -3.04 -3.12
N PRO A 93 9.12 -3.98 -2.32
CA PRO A 93 7.98 -3.75 -1.43
C PRO A 93 8.33 -2.82 -0.27
N PHE A 94 7.36 -2.59 0.61
CA PHE A 94 7.57 -1.71 1.76
C PHE A 94 7.18 -2.42 3.06
N LYS A 95 8.12 -2.50 3.99
CA LYS A 95 7.88 -3.14 5.28
C LYS A 95 7.30 -2.15 6.29
N ALA A 96 6.15 -2.48 6.86
CA ALA A 96 5.50 -1.63 7.84
C ALA A 96 5.44 -2.30 9.20
N LYS A 97 6.01 -1.64 10.21
CA LYS A 97 6.02 -2.17 11.57
C LYS A 97 5.05 -1.41 12.46
N VAL A 98 3.97 -2.08 12.86
CA VAL A 98 2.97 -1.47 13.73
C VAL A 98 3.21 -1.82 15.19
N THR A 99 3.18 -0.80 16.05
CA THR A 99 3.40 -0.99 17.48
C THR A 99 2.09 -0.91 18.25
N GLY A 100 2.04 -1.56 19.40
CA GLY A 100 0.85 -1.55 20.22
C GLY A 100 0.29 -2.93 20.47
N PRO A 101 -0.71 -3.03 21.36
CA PRO A 101 -1.34 -4.30 21.72
C PRO A 101 -2.17 -4.87 20.57
N ARG A 102 -2.55 -6.13 20.70
CA ARG A 102 -3.36 -6.80 19.68
C ARG A 102 -4.81 -6.33 19.72
N LEU A 103 -5.12 -5.31 18.93
CA LEU A 103 -6.47 -4.76 18.89
C LEU A 103 -7.37 -5.61 18.00
N SER A 104 -8.05 -6.58 18.60
CA SER A 104 -8.94 -7.47 17.86
C SER A 104 -8.16 -8.33 16.88
N GLY A 105 -6.99 -8.81 17.32
CA GLY A 105 -6.17 -9.64 16.47
C GLY A 105 -6.35 -11.13 16.74
N SER A 106 -7.04 -11.81 15.83
CA SER A 106 -7.29 -13.24 15.99
C SER A 106 -6.16 -14.06 15.37
N GLY A 107 -5.83 -15.18 16.01
CA GLY A 107 -4.77 -16.03 15.50
C GLY A 107 -4.71 -17.37 16.22
N PRO A 108 -4.34 -18.42 15.48
CA PRO A 108 -4.24 -19.77 16.04
C PRO A 108 -3.07 -19.91 17.01
N SER A 109 -3.36 -20.42 18.21
CA SER A 109 -2.35 -20.61 19.23
C SER A 109 -2.18 -22.08 19.57
N SER A 110 -1.17 -22.71 18.96
CA SER A 110 -0.89 -24.12 19.21
C SER A 110 -0.19 -24.33 20.53
N GLY A 111 -0.55 -25.41 21.22
CA GLY A 111 0.06 -25.70 22.51
C GLY A 111 -0.56 -24.90 23.64
N GLY A 1 6.21 9.50 -33.97
CA GLY A 1 5.87 10.91 -34.10
C GLY A 1 6.63 11.79 -33.14
N SER A 2 6.48 13.10 -33.28
CA SER A 2 7.17 14.05 -32.41
C SER A 2 6.18 14.98 -31.73
N SER A 3 6.66 15.72 -30.75
CA SER A 3 5.81 16.65 -30.00
C SER A 3 4.56 15.95 -29.50
N GLY A 4 4.74 14.76 -28.95
CA GLY A 4 3.61 14.01 -28.42
C GLY A 4 3.91 13.36 -27.08
N SER A 5 3.99 12.04 -27.05
CA SER A 5 4.26 11.31 -25.82
C SER A 5 5.75 11.08 -25.65
N SER A 6 6.30 11.59 -24.55
CA SER A 6 7.72 11.44 -24.26
C SER A 6 8.04 10.03 -23.77
N GLY A 7 7.47 9.67 -22.63
CA GLY A 7 7.70 8.34 -22.07
C GLY A 7 6.57 7.89 -21.18
N ALA A 8 5.78 6.93 -21.67
CA ALA A 8 4.66 6.41 -20.91
C ALA A 8 4.97 5.02 -20.36
N GLY A 9 4.44 4.72 -19.17
CA GLY A 9 4.67 3.43 -18.56
C GLY A 9 6.10 3.27 -18.08
N ASP A 10 6.34 3.60 -16.80
CA ASP A 10 7.66 3.49 -16.22
C ASP A 10 7.58 3.41 -14.70
N PRO A 11 7.80 2.21 -14.15
CA PRO A 11 7.75 1.97 -12.70
C PRO A 11 8.93 2.62 -11.98
N GLY A 12 10.02 2.82 -12.71
CA GLY A 12 11.20 3.42 -12.10
C GLY A 12 10.95 4.85 -11.66
N LEU A 13 9.88 5.45 -12.15
CA LEU A 13 9.54 6.82 -11.80
C LEU A 13 8.31 6.85 -10.89
N VAL A 14 8.07 5.75 -10.17
CA VAL A 14 6.94 5.67 -9.27
C VAL A 14 7.39 5.31 -7.85
N SER A 15 6.93 6.11 -6.88
CA SER A 15 7.29 5.88 -5.49
C SER A 15 6.11 6.17 -4.58
N ALA A 16 6.21 5.70 -3.34
CA ALA A 16 5.14 5.90 -2.36
C ALA A 16 5.69 6.49 -1.06
N TYR A 17 4.82 7.17 -0.32
CA TYR A 17 5.22 7.79 0.94
C TYR A 17 4.06 7.82 1.93
N GLY A 18 4.38 7.97 3.21
CA GLY A 18 3.35 8.01 4.23
C GLY A 18 3.72 7.21 5.46
N PRO A 19 3.03 7.46 6.58
CA PRO A 19 3.27 6.78 7.84
C PRO A 19 2.83 5.31 7.80
N GLY A 20 2.08 4.95 6.76
CA GLY A 20 1.62 3.59 6.61
C GLY A 20 2.71 2.65 6.09
N LEU A 21 3.61 3.20 5.28
CA LEU A 21 4.69 2.41 4.72
C LEU A 21 5.78 2.15 5.76
N GLU A 22 6.01 3.14 6.62
CA GLU A 22 7.02 3.02 7.67
C GLU A 22 6.45 2.33 8.91
N GLY A 23 5.12 2.30 8.99
CA GLY A 23 4.46 1.68 10.13
C GLY A 23 3.86 2.69 11.08
N GLY A 24 3.22 2.19 12.13
CA GLY A 24 2.60 3.08 13.11
C GLY A 24 2.16 2.34 14.35
N THR A 25 0.91 2.56 14.75
CA THR A 25 0.36 1.92 15.94
C THR A 25 -0.90 1.13 15.60
N THR A 26 -1.24 0.17 16.46
CA THR A 26 -2.41 -0.66 16.26
C THR A 26 -3.69 0.16 16.38
N GLY A 27 -4.77 -0.33 15.78
CA GLY A 27 -6.04 0.37 15.83
C GLY A 27 -5.95 1.77 15.28
N VAL A 28 -4.85 2.07 14.59
CA VAL A 28 -4.65 3.38 14.01
C VAL A 28 -4.70 3.34 12.49
N SER A 29 -5.67 4.05 11.91
CA SER A 29 -5.84 4.08 10.46
C SER A 29 -4.55 4.51 9.78
N SER A 30 -3.83 3.55 9.21
CA SER A 30 -2.57 3.83 8.53
C SER A 30 -2.77 3.83 7.01
N GLU A 31 -2.35 4.92 6.37
CA GLU A 31 -2.47 5.04 4.92
C GLU A 31 -1.18 5.57 4.31
N PHE A 32 -1.17 5.67 2.98
CA PHE A 32 0.01 6.15 2.27
C PHE A 32 -0.34 6.54 0.83
N ILE A 33 0.36 7.54 0.31
CA ILE A 33 0.12 7.99 -1.05
C ILE A 33 1.15 7.41 -2.02
N VAL A 34 0.76 7.29 -3.29
CA VAL A 34 1.65 6.76 -4.32
C VAL A 34 1.81 7.74 -5.47
N ASN A 35 2.96 8.41 -5.51
CA ASN A 35 3.23 9.38 -6.57
C ASN A 35 3.47 8.68 -7.91
N THR A 36 2.42 8.63 -8.72
CA THR A 36 2.50 7.99 -10.03
C THR A 36 2.43 9.02 -11.15
N LEU A 37 2.40 10.29 -10.79
CA LEU A 37 2.33 11.36 -11.76
C LEU A 37 3.56 11.36 -12.67
N ASN A 38 4.73 11.24 -12.04
CA ASN A 38 5.99 11.23 -12.79
C ASN A 38 5.95 10.17 -13.89
N ALA A 39 5.38 9.01 -13.58
CA ALA A 39 5.28 7.92 -14.53
C ALA A 39 4.48 8.34 -15.76
N GLY A 40 3.29 8.88 -15.53
CA GLY A 40 2.45 9.31 -16.63
C GLY A 40 1.06 8.69 -16.58
N SER A 41 1.01 7.37 -16.76
CA SER A 41 -0.26 6.66 -16.76
C SER A 41 -0.04 5.15 -16.63
N GLY A 42 -0.97 4.46 -15.99
CA GLY A 42 -0.86 3.03 -15.82
C GLY A 42 -1.65 2.53 -14.62
N ALA A 43 -1.76 1.20 -14.51
CA ALA A 43 -2.49 0.60 -13.41
C ALA A 43 -1.61 0.47 -12.16
N LEU A 44 -2.25 0.29 -11.01
CA LEU A 44 -1.52 0.15 -9.76
C LEU A 44 -2.06 -1.03 -8.94
N SER A 45 -1.15 -1.76 -8.32
CA SER A 45 -1.52 -2.92 -7.51
C SER A 45 -1.00 -2.78 -6.09
N VAL A 46 -1.88 -3.01 -5.12
CA VAL A 46 -1.51 -2.91 -3.71
C VAL A 46 -1.99 -4.13 -2.93
N THR A 47 -1.18 -4.58 -1.97
CA THR A 47 -1.51 -5.73 -1.16
C THR A 47 -0.75 -5.73 0.16
N ILE A 48 -1.40 -6.16 1.22
CA ILE A 48 -0.77 -6.21 2.54
C ILE A 48 -0.86 -7.61 3.15
N ASP A 49 0.21 -8.04 3.78
CA ASP A 49 0.25 -9.36 4.41
C ASP A 49 0.90 -9.28 5.79
N GLY A 50 0.12 -9.60 6.82
CA GLY A 50 0.63 -9.57 8.17
C GLY A 50 0.07 -10.67 9.04
N PRO A 51 0.26 -10.55 10.37
CA PRO A 51 -0.23 -11.55 11.33
C PRO A 51 -1.75 -11.52 11.46
N SER A 52 -2.36 -10.45 10.97
CA SER A 52 -3.81 -10.32 11.03
C SER A 52 -4.33 -9.53 9.84
N LYS A 53 -5.13 -10.19 8.99
CA LYS A 53 -5.69 -9.56 7.81
C LYS A 53 -6.08 -8.12 8.10
N VAL A 54 -5.70 -7.21 7.20
CA VAL A 54 -6.02 -5.80 7.36
C VAL A 54 -7.05 -5.35 6.33
N GLN A 55 -7.90 -4.41 6.73
CA GLN A 55 -8.93 -3.88 5.84
C GLN A 55 -8.47 -2.59 5.16
N LEU A 56 -7.96 -2.73 3.94
CA LEU A 56 -7.48 -1.58 3.19
C LEU A 56 -8.59 -0.97 2.35
N ASP A 57 -8.54 0.35 2.15
CA ASP A 57 -9.54 1.04 1.37
C ASP A 57 -8.89 1.91 0.29
N CYS A 58 -9.01 1.48 -0.96
CA CYS A 58 -8.43 2.22 -2.08
C CYS A 58 -9.25 3.46 -2.39
N ARG A 59 -8.55 4.56 -2.69
CA ARG A 59 -9.22 5.82 -3.00
C ARG A 59 -8.38 6.66 -3.97
N GLU A 60 -8.94 7.75 -4.44
CA GLU A 60 -8.25 8.64 -5.36
C GLU A 60 -7.59 9.80 -4.62
N CYS A 61 -6.46 10.27 -5.13
CA CYS A 61 -5.75 11.37 -4.51
C CYS A 61 -5.09 12.25 -5.58
N PRO A 62 -4.93 13.54 -5.25
CA PRO A 62 -4.31 14.51 -6.17
C PRO A 62 -2.82 14.27 -6.35
N GLU A 63 -2.30 13.23 -5.71
CA GLU A 63 -0.89 12.89 -5.80
C GLU A 63 -0.70 11.52 -6.43
N GLY A 64 -1.79 10.94 -6.91
CA GLY A 64 -1.74 9.63 -7.52
C GLY A 64 -2.77 8.67 -6.95
N HIS A 65 -2.31 7.77 -6.08
CA HIS A 65 -3.20 6.79 -5.47
C HIS A 65 -2.95 6.71 -3.96
N VAL A 66 -4.02 6.47 -3.20
CA VAL A 66 -3.93 6.38 -1.75
C VAL A 66 -4.66 5.14 -1.24
N VAL A 67 -4.15 4.56 -0.16
CA VAL A 67 -4.77 3.37 0.43
C VAL A 67 -4.76 3.47 1.95
N THR A 68 -5.95 3.44 2.54
CA THR A 68 -6.09 3.52 3.99
C THR A 68 -6.44 2.16 4.58
N TYR A 69 -5.66 1.73 5.57
CA TYR A 69 -5.88 0.44 6.22
C TYR A 69 -5.79 0.58 7.73
N THR A 70 -6.35 -0.40 8.45
CA THR A 70 -6.33 -0.40 9.91
C THR A 70 -5.76 -1.70 10.46
N PRO A 71 -4.68 -1.61 11.23
CA PRO A 71 -4.03 -2.77 11.83
C PRO A 71 -4.87 -3.40 12.93
N MET A 72 -4.67 -4.69 13.16
CA MET A 72 -5.41 -5.42 14.19
C MET A 72 -4.47 -6.07 15.19
N ALA A 73 -3.22 -6.29 14.77
CA ALA A 73 -2.21 -6.90 15.63
C ALA A 73 -0.83 -6.36 15.34
N PRO A 74 0.02 -6.28 16.37
CA PRO A 74 1.39 -5.77 16.24
C PRO A 74 2.28 -6.72 15.46
N GLY A 75 2.99 -6.18 14.48
CA GLY A 75 3.88 -6.99 13.66
C GLY A 75 4.37 -6.26 12.43
N ASN A 76 4.93 -7.00 11.49
CA ASN A 76 5.44 -6.42 10.25
C ASN A 76 4.60 -6.82 9.06
N TYR A 77 3.98 -5.83 8.41
CA TYR A 77 3.13 -6.08 7.25
C TYR A 77 3.89 -5.81 5.96
N LEU A 78 3.75 -6.72 4.99
CA LEU A 78 4.42 -6.58 3.71
C LEU A 78 3.54 -5.82 2.72
N ILE A 79 3.92 -4.59 2.44
CA ILE A 79 3.17 -3.75 1.50
C ILE A 79 3.76 -3.83 0.09
N ALA A 80 3.11 -4.60 -0.77
CA ALA A 80 3.58 -4.76 -2.14
C ALA A 80 2.88 -3.76 -3.07
N ILE A 81 3.68 -2.99 -3.80
CA ILE A 81 3.15 -1.99 -4.72
C ILE A 81 3.77 -2.13 -6.11
N LYS A 82 2.93 -2.21 -7.13
CA LYS A 82 3.40 -2.36 -8.50
C LYS A 82 2.77 -1.29 -9.40
N TYR A 83 3.34 -1.11 -10.59
CA TYR A 83 2.84 -0.13 -11.54
C TYR A 83 3.34 -0.42 -12.95
N GLY A 84 2.43 -0.42 -13.91
CA GLY A 84 2.80 -0.68 -15.28
C GLY A 84 3.80 -1.81 -15.40
N GLY A 85 3.66 -2.83 -14.57
CA GLY A 85 4.56 -3.96 -14.61
C GLY A 85 4.38 -4.89 -13.41
N PRO A 86 4.55 -6.20 -13.65
CA PRO A 86 4.41 -7.21 -12.60
C PRO A 86 5.53 -7.15 -11.57
N GLN A 87 6.57 -6.37 -11.88
CA GLN A 87 7.71 -6.22 -10.99
C GLN A 87 7.43 -5.17 -9.92
N HIS A 88 8.28 -5.13 -8.90
CA HIS A 88 8.12 -4.18 -7.81
C HIS A 88 8.72 -2.82 -8.19
N ILE A 89 7.96 -1.76 -7.96
CA ILE A 89 8.40 -0.41 -8.28
C ILE A 89 9.63 -0.03 -7.45
N VAL A 90 10.39 0.94 -7.94
CA VAL A 90 11.59 1.39 -7.26
C VAL A 90 11.31 1.68 -5.78
N GLY A 91 11.81 0.80 -4.92
CA GLY A 91 11.61 0.97 -3.49
C GLY A 91 10.87 -0.20 -2.87
N SER A 92 9.90 -0.74 -3.60
CA SER A 92 9.10 -1.86 -3.12
C SER A 92 9.93 -3.15 -3.11
N PRO A 93 9.50 -4.13 -2.30
CA PRO A 93 8.32 -3.99 -1.46
C PRO A 93 8.53 -3.00 -0.31
N PHE A 94 7.48 -2.78 0.48
CA PHE A 94 7.55 -1.86 1.60
C PHE A 94 7.16 -2.56 2.89
N LYS A 95 8.13 -2.67 3.81
CA LYS A 95 7.88 -3.32 5.10
C LYS A 95 7.39 -2.31 6.13
N ALA A 96 6.18 -2.54 6.65
CA ALA A 96 5.60 -1.65 7.64
C ALA A 96 5.59 -2.31 9.02
N LYS A 97 6.08 -1.58 10.02
CA LYS A 97 6.14 -2.09 11.38
C LYS A 97 5.11 -1.39 12.26
N VAL A 98 4.14 -2.14 12.76
CA VAL A 98 3.09 -1.60 13.62
C VAL A 98 3.31 -2.00 15.07
N THR A 99 3.22 -1.02 15.97
CA THR A 99 3.40 -1.27 17.40
C THR A 99 2.09 -1.08 18.16
N GLY A 100 2.07 -1.55 19.40
CA GLY A 100 0.88 -1.43 20.22
C GLY A 100 0.15 -2.75 20.38
N PRO A 101 -0.72 -2.82 21.41
CA PRO A 101 -1.50 -4.03 21.69
C PRO A 101 -2.57 -4.28 20.63
N ARG A 102 -2.52 -5.46 20.02
CA ARG A 102 -3.49 -5.82 18.99
C ARG A 102 -4.87 -5.29 19.33
N LEU A 103 -5.50 -4.63 18.36
CA LEU A 103 -6.83 -4.06 18.55
C LEU A 103 -7.78 -4.48 17.43
N SER A 104 -9.05 -4.14 17.57
CA SER A 104 -10.05 -4.50 16.57
C SER A 104 -11.20 -3.50 16.59
N GLY A 105 -12.13 -3.65 15.65
CA GLY A 105 -13.27 -2.75 15.58
C GLY A 105 -13.84 -2.65 14.18
N SER A 106 -15.17 -2.61 14.08
CA SER A 106 -15.85 -2.52 12.79
C SER A 106 -16.94 -1.46 12.82
N GLY A 107 -17.39 -1.05 11.63
CA GLY A 107 -18.43 -0.04 11.55
C GLY A 107 -19.76 -0.54 12.07
N PRO A 108 -20.33 -1.55 11.40
CA PRO A 108 -21.61 -2.14 11.79
C PRO A 108 -21.53 -2.93 13.09
N SER A 109 -22.03 -2.34 14.16
CA SER A 109 -22.00 -2.99 15.47
C SER A 109 -22.43 -4.45 15.36
N SER A 110 -21.52 -5.36 15.68
CA SER A 110 -21.80 -6.79 15.61
C SER A 110 -22.09 -7.35 17.00
N GLY A 111 -23.26 -7.04 17.53
CA GLY A 111 -23.64 -7.51 18.85
C GLY A 111 -22.65 -7.11 19.92
N GLY A 1 -1.79 10.35 -35.45
CA GLY A 1 -0.95 10.30 -36.63
C GLY A 1 0.47 9.88 -36.32
N SER A 2 0.61 8.89 -35.43
CA SER A 2 1.93 8.41 -35.04
C SER A 2 2.39 7.29 -35.97
N SER A 3 3.70 7.03 -35.97
CA SER A 3 4.27 6.01 -36.82
C SER A 3 5.18 5.08 -36.03
N GLY A 4 4.58 4.11 -35.34
CA GLY A 4 5.35 3.17 -34.54
C GLY A 4 6.18 3.87 -33.48
N SER A 5 5.52 4.62 -32.60
CA SER A 5 6.22 5.34 -31.55
C SER A 5 5.24 5.79 -30.46
N SER A 6 5.45 5.30 -29.25
CA SER A 6 4.59 5.64 -28.12
C SER A 6 5.32 5.47 -26.79
N GLY A 7 4.71 5.95 -25.72
CA GLY A 7 5.33 5.84 -24.40
C GLY A 7 4.33 6.04 -23.28
N ALA A 8 4.16 5.01 -22.45
CA ALA A 8 3.23 5.09 -21.34
C ALA A 8 3.46 3.94 -20.35
N GLY A 9 3.47 4.27 -19.06
CA GLY A 9 3.69 3.26 -18.05
C GLY A 9 5.14 3.12 -17.67
N ASP A 10 5.44 3.30 -16.39
CA ASP A 10 6.81 3.20 -15.89
C ASP A 10 6.85 3.21 -14.37
N PRO A 11 7.30 2.10 -13.77
CA PRO A 11 7.39 1.97 -12.32
C PRO A 11 8.48 2.85 -11.72
N GLY A 12 9.60 2.95 -12.42
CA GLY A 12 10.71 3.77 -11.94
C GLY A 12 10.26 5.17 -11.56
N LEU A 13 9.27 5.69 -12.27
CA LEU A 13 8.76 7.04 -12.00
C LEU A 13 7.60 6.98 -11.02
N VAL A 14 7.52 5.90 -10.25
CA VAL A 14 6.46 5.73 -9.26
C VAL A 14 7.03 5.44 -7.88
N SER A 15 6.61 6.21 -6.89
CA SER A 15 7.08 6.04 -5.53
C SER A 15 5.94 6.30 -4.52
N ALA A 16 6.05 5.67 -3.35
CA ALA A 16 5.04 5.82 -2.32
C ALA A 16 5.66 6.30 -1.01
N TYR A 17 5.01 7.26 -0.36
CA TYR A 17 5.50 7.80 0.90
C TYR A 17 4.38 7.93 1.92
N GLY A 18 4.72 7.77 3.19
CA GLY A 18 3.73 7.87 4.25
C GLY A 18 4.04 6.98 5.43
N PRO A 19 3.37 7.22 6.56
CA PRO A 19 3.56 6.44 7.79
C PRO A 19 3.02 5.02 7.67
N GLY A 20 2.08 4.83 6.75
CA GLY A 20 1.50 3.51 6.55
C GLY A 20 2.50 2.52 5.99
N LEU A 21 3.44 3.00 5.19
CA LEU A 21 4.47 2.15 4.60
C LEU A 21 5.52 1.78 5.63
N GLU A 22 5.98 2.76 6.39
CA GLU A 22 6.99 2.53 7.41
C GLU A 22 6.38 1.91 8.66
N GLY A 23 5.08 2.10 8.84
CA GLY A 23 4.38 1.55 9.98
C GLY A 23 3.86 2.63 10.91
N GLY A 24 3.08 2.22 11.90
CA GLY A 24 2.51 3.18 12.84
C GLY A 24 2.12 2.53 14.16
N THR A 25 0.82 2.48 14.42
CA THR A 25 0.32 1.88 15.66
C THR A 25 -0.91 1.00 15.38
N THR A 26 -1.16 0.07 16.28
CA THR A 26 -2.29 -0.84 16.14
C THR A 26 -3.62 -0.10 16.30
N GLY A 27 -4.67 -0.64 15.69
CA GLY A 27 -5.97 -0.01 15.77
C GLY A 27 -5.94 1.46 15.42
N VAL A 28 -4.98 1.85 14.58
CA VAL A 28 -4.83 3.23 14.16
C VAL A 28 -4.81 3.34 12.64
N SER A 29 -5.88 3.89 12.08
CA SER A 29 -5.99 4.05 10.63
C SER A 29 -4.68 4.57 10.05
N SER A 30 -4.11 3.82 9.11
CA SER A 30 -2.85 4.22 8.48
C SER A 30 -2.98 4.18 6.96
N GLU A 31 -2.42 5.19 6.31
CA GLU A 31 -2.47 5.29 4.85
C GLU A 31 -1.17 5.86 4.29
N PHE A 32 -1.08 5.94 2.97
CA PHE A 32 0.11 6.47 2.32
C PHE A 32 -0.23 6.95 0.90
N ILE A 33 0.58 7.89 0.41
CA ILE A 33 0.38 8.43 -0.93
C ILE A 33 1.33 7.81 -1.94
N VAL A 34 0.83 7.53 -3.14
CA VAL A 34 1.64 6.94 -4.19
C VAL A 34 1.81 7.89 -5.37
N ASN A 35 2.97 8.54 -5.43
CA ASN A 35 3.25 9.49 -6.52
C ASN A 35 3.43 8.75 -7.85
N THR A 36 2.37 8.72 -8.65
CA THR A 36 2.42 8.05 -9.94
C THR A 36 2.37 9.07 -11.08
N LEU A 37 2.07 10.32 -10.75
CA LEU A 37 1.99 11.38 -11.75
C LEU A 37 3.16 11.30 -12.71
N ASN A 38 4.38 11.37 -12.17
CA ASN A 38 5.59 11.31 -12.98
C ASN A 38 5.48 10.21 -14.04
N ALA A 39 4.97 9.05 -13.62
CA ALA A 39 4.81 7.93 -14.54
C ALA A 39 3.83 8.28 -15.66
N GLY A 40 2.64 8.72 -15.28
CA GLY A 40 1.63 9.07 -16.27
C GLY A 40 0.28 8.45 -15.96
N SER A 41 0.03 7.28 -16.54
CA SER A 41 -1.23 6.58 -16.33
C SER A 41 -1.07 5.09 -16.58
N GLY A 42 -1.56 4.28 -15.64
CA GLY A 42 -1.46 2.84 -15.78
C GLY A 42 -2.25 2.10 -14.70
N ALA A 43 -1.72 0.96 -14.26
CA ALA A 43 -2.38 0.17 -13.23
C ALA A 43 -1.50 0.06 -11.98
N LEU A 44 -2.13 0.18 -10.82
CA LEU A 44 -1.41 0.08 -9.55
C LEU A 44 -1.92 -1.08 -8.71
N SER A 45 -1.00 -1.91 -8.25
CA SER A 45 -1.36 -3.07 -7.43
C SER A 45 -0.89 -2.89 -5.99
N VAL A 46 -1.83 -2.94 -5.05
CA VAL A 46 -1.51 -2.78 -3.65
C VAL A 46 -2.03 -3.97 -2.82
N THR A 47 -1.20 -4.44 -1.90
CA THR A 47 -1.57 -5.58 -1.06
C THR A 47 -0.79 -5.56 0.26
N ILE A 48 -1.34 -6.21 1.27
CA ILE A 48 -0.68 -6.28 2.57
C ILE A 48 -0.71 -7.69 3.13
N ASP A 49 0.36 -8.07 3.82
CA ASP A 49 0.47 -9.39 4.41
C ASP A 49 1.08 -9.33 5.80
N GLY A 50 0.27 -9.62 6.81
CA GLY A 50 0.76 -9.58 8.18
C GLY A 50 0.19 -10.71 9.03
N PRO A 51 0.33 -10.59 10.35
CA PRO A 51 -0.17 -11.58 11.30
C PRO A 51 -1.69 -11.61 11.36
N SER A 52 -2.32 -10.54 10.89
CA SER A 52 -3.78 -10.44 10.90
C SER A 52 -4.27 -9.59 9.73
N LYS A 53 -5.25 -10.10 9.00
CA LYS A 53 -5.81 -9.40 7.85
C LYS A 53 -6.09 -7.94 8.20
N VAL A 54 -5.88 -7.05 7.24
CA VAL A 54 -6.11 -5.62 7.45
C VAL A 54 -6.97 -5.04 6.33
N GLN A 55 -8.15 -4.55 6.70
CA GLN A 55 -9.07 -3.96 5.73
C GLN A 55 -8.47 -2.71 5.10
N LEU A 56 -8.12 -2.81 3.83
CA LEU A 56 -7.53 -1.68 3.11
C LEU A 56 -8.55 -1.04 2.16
N ASP A 57 -8.36 0.23 1.86
CA ASP A 57 -9.26 0.96 0.97
C ASP A 57 -8.48 1.86 0.02
N CYS A 58 -8.75 1.72 -1.27
CA CYS A 58 -8.07 2.51 -2.28
C CYS A 58 -8.90 3.74 -2.66
N ARG A 59 -8.30 4.92 -2.52
CA ARG A 59 -8.98 6.16 -2.84
C ARG A 59 -8.18 6.97 -3.86
N GLU A 60 -8.85 7.93 -4.50
CA GLU A 60 -8.20 8.77 -5.50
C GLU A 60 -7.58 10.02 -4.85
N CYS A 61 -6.33 10.29 -5.17
CA CYS A 61 -5.63 11.43 -4.63
C CYS A 61 -5.03 12.29 -5.74
N PRO A 62 -4.92 13.60 -5.49
CA PRO A 62 -4.37 14.56 -6.45
C PRO A 62 -2.87 14.38 -6.66
N GLU A 63 -2.29 13.41 -5.94
CA GLU A 63 -0.87 13.14 -6.05
C GLU A 63 -0.61 11.78 -6.69
N GLY A 64 -1.69 11.07 -6.99
CA GLY A 64 -1.57 9.75 -7.60
C GLY A 64 -2.60 8.77 -7.08
N HIS A 65 -2.19 7.95 -6.12
CA HIS A 65 -3.09 6.95 -5.54
C HIS A 65 -2.83 6.82 -4.04
N VAL A 66 -3.91 6.78 -3.27
CA VAL A 66 -3.82 6.65 -1.82
C VAL A 66 -4.54 5.41 -1.32
N VAL A 67 -4.05 4.84 -0.23
CA VAL A 67 -4.66 3.65 0.35
C VAL A 67 -4.68 3.71 1.87
N THR A 68 -5.81 3.37 2.47
CA THR A 68 -5.96 3.40 3.92
C THR A 68 -6.29 2.01 4.45
N TYR A 69 -5.64 1.64 5.55
CA TYR A 69 -5.86 0.34 6.17
C TYR A 69 -5.80 0.44 7.70
N THR A 70 -6.35 -0.57 8.38
CA THR A 70 -6.35 -0.59 9.83
C THR A 70 -5.76 -1.89 10.35
N PRO A 71 -4.69 -1.79 11.15
CA PRO A 71 -4.01 -2.94 11.74
C PRO A 71 -4.85 -3.62 12.81
N MET A 72 -4.74 -4.95 12.89
CA MET A 72 -5.49 -5.72 13.86
C MET A 72 -4.58 -6.23 14.97
N ALA A 73 -3.30 -6.38 14.65
CA ALA A 73 -2.32 -6.86 15.63
C ALA A 73 -0.93 -6.31 15.32
N PRO A 74 -0.12 -6.14 16.38
CA PRO A 74 1.25 -5.62 16.25
C PRO A 74 2.18 -6.61 15.55
N GLY A 75 2.75 -6.18 14.43
CA GLY A 75 3.65 -7.04 13.68
C GLY A 75 4.20 -6.36 12.45
N ASN A 76 4.76 -7.16 11.54
CA ASN A 76 5.33 -6.62 10.30
C ASN A 76 4.44 -6.97 9.10
N TYR A 77 3.92 -5.94 8.44
CA TYR A 77 3.06 -6.14 7.29
C TYR A 77 3.78 -5.75 6.00
N LEU A 78 3.86 -6.69 5.07
CA LEU A 78 4.52 -6.44 3.79
C LEU A 78 3.59 -5.73 2.82
N ILE A 79 3.93 -4.49 2.47
CA ILE A 79 3.12 -3.70 1.55
C ILE A 79 3.68 -3.78 0.13
N ALA A 80 3.01 -4.55 -0.72
CA ALA A 80 3.43 -4.71 -2.11
C ALA A 80 2.86 -3.60 -2.98
N ILE A 81 3.72 -3.00 -3.81
CA ILE A 81 3.30 -1.93 -4.70
C ILE A 81 3.92 -2.09 -6.07
N LYS A 82 3.08 -2.40 -7.06
CA LYS A 82 3.52 -2.57 -8.43
C LYS A 82 2.90 -1.55 -9.36
N TYR A 83 3.46 -1.39 -10.54
CA TYR A 83 2.95 -0.44 -11.52
C TYR A 83 3.42 -0.79 -12.93
N GLY A 84 2.48 -0.76 -13.88
CA GLY A 84 2.82 -1.08 -15.26
C GLY A 84 3.85 -2.20 -15.36
N GLY A 85 3.67 -3.25 -14.56
CA GLY A 85 4.60 -4.35 -14.58
C GLY A 85 4.49 -5.23 -13.34
N PRO A 86 4.66 -6.54 -13.52
CA PRO A 86 4.58 -7.52 -12.43
C PRO A 86 5.76 -7.39 -11.47
N GLN A 87 6.67 -6.48 -11.76
CA GLN A 87 7.84 -6.27 -10.92
C GLN A 87 7.59 -5.15 -9.91
N HIS A 88 8.36 -5.16 -8.82
CA HIS A 88 8.22 -4.16 -7.78
C HIS A 88 8.75 -2.82 -8.24
N ILE A 89 8.07 -1.74 -7.83
CA ILE A 89 8.49 -0.39 -8.21
C ILE A 89 9.75 0.02 -7.47
N VAL A 90 10.45 1.01 -8.01
CA VAL A 90 11.68 1.51 -7.40
C VAL A 90 11.48 1.79 -5.92
N GLY A 91 11.93 0.85 -5.09
CA GLY A 91 11.80 1.01 -3.65
C GLY A 91 11.04 -0.14 -3.00
N SER A 92 10.00 -0.60 -3.68
CA SER A 92 9.18 -1.69 -3.16
C SER A 92 9.96 -3.01 -3.20
N PRO A 93 9.51 -3.98 -2.39
CA PRO A 93 8.35 -3.81 -1.52
C PRO A 93 8.62 -2.85 -0.37
N PHE A 94 7.59 -2.57 0.43
CA PHE A 94 7.72 -1.67 1.56
C PHE A 94 7.34 -2.36 2.87
N LYS A 95 8.27 -2.41 3.81
CA LYS A 95 8.03 -3.04 5.09
C LYS A 95 7.35 -2.08 6.06
N ALA A 96 6.27 -2.54 6.68
CA ALA A 96 5.53 -1.71 7.64
C ALA A 96 5.45 -2.39 9.00
N LYS A 97 6.13 -1.82 9.97
CA LYS A 97 6.14 -2.36 11.33
C LYS A 97 5.19 -1.58 12.23
N VAL A 98 4.11 -2.23 12.65
CA VAL A 98 3.12 -1.60 13.53
C VAL A 98 3.32 -2.02 14.98
N THR A 99 3.15 -1.08 15.89
CA THR A 99 3.31 -1.35 17.31
C THR A 99 2.01 -1.11 18.08
N GLY A 100 1.92 -1.64 19.29
CA GLY A 100 0.73 -1.46 20.09
C GLY A 100 0.04 -2.78 20.41
N PRO A 101 -0.76 -2.79 21.49
CA PRO A 101 -1.48 -3.99 21.92
C PRO A 101 -2.60 -4.37 20.95
N ARG A 102 -2.66 -5.65 20.60
CA ARG A 102 -3.68 -6.14 19.68
C ARG A 102 -5.01 -5.44 19.92
N LEU A 103 -5.32 -4.48 19.05
CA LEU A 103 -6.56 -3.72 19.17
C LEU A 103 -7.63 -4.28 18.23
N SER A 104 -8.76 -4.68 18.80
CA SER A 104 -9.85 -5.24 18.03
C SER A 104 -11.20 -4.83 18.61
N GLY A 105 -12.27 -5.16 17.90
CA GLY A 105 -13.61 -4.81 18.36
C GLY A 105 -14.69 -5.56 17.61
N SER A 106 -14.70 -5.43 16.29
CA SER A 106 -15.69 -6.10 15.46
C SER A 106 -15.42 -7.60 15.38
N GLY A 107 -16.48 -8.39 15.44
CA GLY A 107 -16.35 -9.83 15.38
C GLY A 107 -17.68 -10.55 15.38
N PRO A 108 -18.43 -10.40 14.28
CA PRO A 108 -19.74 -11.03 14.13
C PRO A 108 -19.65 -12.54 13.98
N SER A 109 -18.43 -13.06 14.02
CA SER A 109 -18.20 -14.50 13.90
C SER A 109 -17.96 -15.14 15.26
N SER A 110 -19.04 -15.62 15.87
CA SER A 110 -18.95 -16.26 17.18
C SER A 110 -19.87 -17.48 17.25
N GLY A 111 -19.31 -18.62 17.65
CA GLY A 111 -20.10 -19.83 17.75
C GLY A 111 -19.24 -21.08 17.68
N GLY A 1 0.25 -18.81 -20.07
CA GLY A 1 -0.77 -17.80 -19.84
C GLY A 1 -0.49 -16.50 -20.56
N SER A 2 -0.40 -15.41 -19.80
CA SER A 2 -0.13 -14.10 -20.38
C SER A 2 0.98 -14.19 -21.43
N SER A 3 0.84 -13.40 -22.50
CA SER A 3 1.81 -13.39 -23.58
C SER A 3 3.06 -12.60 -23.17
N GLY A 4 2.86 -11.34 -22.80
CA GLY A 4 3.98 -10.51 -22.40
C GLY A 4 3.54 -9.32 -21.57
N SER A 5 3.18 -8.23 -22.24
CA SER A 5 2.74 -7.01 -21.55
C SER A 5 2.23 -5.98 -22.55
N SER A 6 1.05 -5.42 -22.27
CA SER A 6 0.46 -4.43 -23.15
C SER A 6 0.46 -3.05 -22.48
N GLY A 7 0.85 -2.04 -23.26
CA GLY A 7 0.88 -0.68 -22.73
C GLY A 7 1.60 -0.60 -21.40
N ALA A 8 2.93 -0.68 -21.44
CA ALA A 8 3.74 -0.61 -20.23
C ALA A 8 4.01 0.84 -19.82
N GLY A 9 4.29 1.04 -18.54
CA GLY A 9 4.56 2.38 -18.05
C GLY A 9 5.98 2.53 -17.54
N ASP A 10 6.17 3.41 -16.57
CA ASP A 10 7.49 3.66 -15.99
C ASP A 10 7.45 3.59 -14.47
N PRO A 11 7.75 2.41 -13.92
CA PRO A 11 7.75 2.19 -12.47
C PRO A 11 8.89 2.92 -11.77
N GLY A 12 10.03 3.01 -12.44
CA GLY A 12 11.18 3.69 -11.87
C GLY A 12 10.85 5.10 -11.42
N LEU A 13 9.88 5.72 -12.07
CA LEU A 13 9.48 7.08 -11.73
C LEU A 13 8.24 7.07 -10.83
N VAL A 14 8.01 5.94 -10.16
CA VAL A 14 6.88 5.80 -9.27
C VAL A 14 7.33 5.37 -7.87
N SER A 15 6.89 6.12 -6.86
CA SER A 15 7.25 5.82 -5.48
C SER A 15 6.09 6.13 -4.53
N ALA A 16 6.13 5.54 -3.34
CA ALA A 16 5.08 5.76 -2.35
C ALA A 16 5.67 6.33 -1.06
N TYR A 17 4.96 7.29 -0.47
CA TYR A 17 5.42 7.91 0.76
C TYR A 17 4.27 8.00 1.78
N GLY A 18 4.61 7.83 3.05
CA GLY A 18 3.60 7.88 4.09
C GLY A 18 3.95 7.03 5.29
N PRO A 19 3.32 7.30 6.44
CA PRO A 19 3.55 6.56 7.68
C PRO A 19 2.99 5.14 7.61
N GLY A 20 2.19 4.88 6.59
CA GLY A 20 1.61 3.55 6.43
C GLY A 20 2.63 2.51 6.00
N LEU A 21 3.63 2.95 5.24
CA LEU A 21 4.66 2.05 4.75
C LEU A 21 5.68 1.75 5.85
N GLU A 22 6.17 2.80 6.51
CA GLU A 22 7.14 2.64 7.58
C GLU A 22 6.48 2.03 8.82
N GLY A 23 5.17 2.17 8.91
CA GLY A 23 4.45 1.62 10.05
C GLY A 23 3.87 2.70 10.94
N GLY A 24 3.13 2.28 11.97
CA GLY A 24 2.53 3.24 12.89
C GLY A 24 2.15 2.62 14.21
N THR A 25 0.85 2.59 14.50
CA THR A 25 0.36 2.01 15.74
C THR A 25 -0.90 1.18 15.51
N THR A 26 -1.14 0.22 16.40
CA THR A 26 -2.31 -0.65 16.29
C THR A 26 -3.61 0.15 16.44
N GLY A 27 -4.64 -0.27 15.72
CA GLY A 27 -5.92 0.41 15.79
C GLY A 27 -5.83 1.85 15.33
N VAL A 28 -4.82 2.16 14.54
CA VAL A 28 -4.62 3.50 14.02
C VAL A 28 -4.67 3.54 12.51
N SER A 29 -5.77 4.04 11.96
CA SER A 29 -5.94 4.13 10.51
C SER A 29 -4.69 4.70 9.85
N SER A 30 -3.91 3.83 9.22
CA SER A 30 -2.68 4.25 8.55
C SER A 30 -2.86 4.24 7.03
N GLU A 31 -2.27 5.22 6.37
CA GLU A 31 -2.37 5.32 4.92
C GLU A 31 -1.10 5.94 4.33
N PHE A 32 -1.01 5.95 3.01
CA PHE A 32 0.14 6.52 2.32
C PHE A 32 -0.22 6.94 0.90
N ILE A 33 0.56 7.86 0.34
CA ILE A 33 0.32 8.35 -1.00
C ILE A 33 1.33 7.76 -1.99
N VAL A 34 0.85 7.44 -3.19
CA VAL A 34 1.71 6.87 -4.23
C VAL A 34 1.88 7.84 -5.39
N ASN A 35 3.02 8.51 -5.43
CA ASN A 35 3.31 9.47 -6.50
C ASN A 35 3.51 8.75 -7.83
N THR A 36 2.47 8.72 -8.65
CA THR A 36 2.53 8.07 -9.96
C THR A 36 2.57 9.10 -11.08
N LEU A 37 2.28 10.35 -10.74
CA LEU A 37 2.27 11.42 -11.74
C LEU A 37 3.50 11.35 -12.63
N ASN A 38 4.68 11.48 -12.02
CA ASN A 38 5.93 11.43 -12.76
C ASN A 38 5.87 10.36 -13.86
N ALA A 39 5.31 9.21 -13.52
CA ALA A 39 5.18 8.11 -14.47
C ALA A 39 4.37 8.53 -15.69
N GLY A 40 3.12 8.92 -15.46
CA GLY A 40 2.26 9.35 -16.55
C GLY A 40 0.89 8.71 -16.48
N SER A 41 0.84 7.38 -16.50
CA SER A 41 -0.42 6.66 -16.44
C SER A 41 -0.17 5.16 -16.29
N GLY A 42 -1.15 4.46 -15.72
CA GLY A 42 -1.02 3.03 -15.53
C GLY A 42 -1.80 2.53 -14.32
N ALA A 43 -1.91 1.22 -14.19
CA ALA A 43 -2.63 0.62 -13.07
C ALA A 43 -1.75 0.54 -11.82
N LEU A 44 -2.36 0.23 -10.69
CA LEU A 44 -1.63 0.13 -9.43
C LEU A 44 -2.11 -1.06 -8.61
N SER A 45 -1.18 -1.79 -8.02
CA SER A 45 -1.52 -2.96 -7.20
C SER A 45 -1.04 -2.77 -5.76
N VAL A 46 -1.92 -3.05 -4.81
CA VAL A 46 -1.58 -2.92 -3.40
C VAL A 46 -1.95 -4.18 -2.63
N THR A 47 -1.01 -4.67 -1.83
CA THR A 47 -1.25 -5.87 -1.04
C THR A 47 -0.52 -5.80 0.30
N ILE A 48 -1.08 -6.45 1.32
CA ILE A 48 -0.49 -6.45 2.65
C ILE A 48 -0.47 -7.86 3.23
N ASP A 49 0.64 -8.22 3.86
CA ASP A 49 0.78 -9.53 4.48
C ASP A 49 1.34 -9.43 5.90
N GLY A 50 0.51 -9.75 6.88
CA GLY A 50 0.93 -9.69 8.26
C GLY A 50 0.40 -10.84 9.10
N PRO A 51 0.42 -10.67 10.43
CA PRO A 51 -0.06 -11.69 11.36
C PRO A 51 -1.58 -11.86 11.31
N SER A 52 -2.26 -10.90 10.68
CA SER A 52 -3.71 -10.94 10.56
C SER A 52 -4.19 -10.06 9.41
N LYS A 53 -5.24 -10.51 8.74
CA LYS A 53 -5.79 -9.75 7.62
C LYS A 53 -6.06 -8.30 8.01
N VAL A 54 -5.98 -7.40 7.04
CA VAL A 54 -6.21 -5.98 7.28
C VAL A 54 -7.28 -5.43 6.35
N GLN A 55 -7.94 -4.36 6.79
CA GLN A 55 -8.99 -3.74 5.99
C GLN A 55 -8.48 -2.50 5.28
N LEU A 56 -7.96 -2.68 4.08
CA LEU A 56 -7.43 -1.57 3.29
C LEU A 56 -8.50 -1.00 2.37
N ASP A 57 -8.36 0.29 2.04
CA ASP A 57 -9.31 0.94 1.16
C ASP A 57 -8.59 1.82 0.13
N CYS A 58 -8.78 1.50 -1.14
CA CYS A 58 -8.13 2.25 -2.21
C CYS A 58 -8.99 3.45 -2.62
N ARG A 59 -8.38 4.62 -2.64
CA ARG A 59 -9.08 5.85 -3.01
C ARG A 59 -8.26 6.67 -4.00
N GLU A 60 -8.93 7.58 -4.70
CA GLU A 60 -8.27 8.44 -5.67
C GLU A 60 -7.74 9.72 -5.02
N CYS A 61 -6.52 10.09 -5.35
CA CYS A 61 -5.90 11.29 -4.79
C CYS A 61 -5.31 12.16 -5.90
N PRO A 62 -5.25 13.47 -5.66
CA PRO A 62 -4.71 14.44 -6.62
C PRO A 62 -3.20 14.30 -6.79
N GLU A 63 -2.61 13.35 -6.07
CA GLU A 63 -1.17 13.12 -6.13
C GLU A 63 -0.87 11.77 -6.75
N GLY A 64 -1.92 10.99 -7.02
CA GLY A 64 -1.74 9.67 -7.61
C GLY A 64 -2.72 8.66 -7.06
N HIS A 65 -2.26 7.84 -6.11
CA HIS A 65 -3.12 6.82 -5.50
C HIS A 65 -2.90 6.75 -4.01
N VAL A 66 -3.99 6.64 -3.25
CA VAL A 66 -3.93 6.57 -1.80
C VAL A 66 -4.64 5.34 -1.28
N VAL A 67 -4.13 4.77 -0.19
CA VAL A 67 -4.72 3.58 0.41
C VAL A 67 -4.71 3.67 1.93
N THR A 68 -5.86 3.42 2.54
CA THR A 68 -5.99 3.49 3.99
C THR A 68 -6.32 2.12 4.57
N TYR A 69 -5.59 1.72 5.60
CA TYR A 69 -5.80 0.43 6.24
C TYR A 69 -5.76 0.55 7.77
N THR A 70 -6.22 -0.48 8.45
CA THR A 70 -6.24 -0.48 9.91
C THR A 70 -5.61 -1.75 10.47
N PRO A 71 -4.54 -1.59 11.26
CA PRO A 71 -3.83 -2.71 11.87
C PRO A 71 -4.64 -3.40 12.96
N MET A 72 -4.82 -4.70 12.82
CA MET A 72 -5.58 -5.47 13.81
C MET A 72 -4.66 -6.06 14.86
N ALA A 73 -3.38 -6.19 14.53
CA ALA A 73 -2.40 -6.74 15.46
C ALA A 73 -0.99 -6.25 15.12
N PRO A 74 -0.16 -6.08 16.16
CA PRO A 74 1.22 -5.62 15.99
C PRO A 74 2.11 -6.67 15.33
N GLY A 75 2.78 -6.27 14.25
CA GLY A 75 3.65 -7.19 13.55
C GLY A 75 4.34 -6.53 12.37
N ASN A 76 4.68 -7.33 11.36
CA ASN A 76 5.36 -6.83 10.17
C ASN A 76 4.51 -7.07 8.93
N TYR A 77 3.83 -6.03 8.47
CA TYR A 77 2.98 -6.13 7.29
C TYR A 77 3.77 -5.79 6.03
N LEU A 78 3.92 -6.78 5.14
CA LEU A 78 4.65 -6.59 3.90
C LEU A 78 3.77 -5.90 2.85
N ILE A 79 4.08 -4.64 2.57
CA ILE A 79 3.32 -3.87 1.59
C ILE A 79 3.97 -3.96 0.20
N ALA A 80 3.36 -4.72 -0.70
CA ALA A 80 3.87 -4.88 -2.04
C ALA A 80 3.13 -3.99 -3.03
N ILE A 81 3.80 -2.95 -3.51
CA ILE A 81 3.19 -2.02 -4.46
C ILE A 81 3.75 -2.23 -5.86
N LYS A 82 2.88 -2.16 -6.86
CA LYS A 82 3.28 -2.32 -8.25
C LYS A 82 2.62 -1.29 -9.15
N TYR A 83 3.14 -1.14 -10.36
CA TYR A 83 2.59 -0.18 -11.31
C TYR A 83 3.06 -0.50 -12.73
N GLY A 84 2.14 -0.42 -13.68
CA GLY A 84 2.48 -0.69 -15.07
C GLY A 84 3.50 -1.79 -15.20
N GLY A 85 3.18 -2.97 -14.67
CA GLY A 85 4.11 -4.09 -14.74
C GLY A 85 3.98 -5.03 -13.57
N PRO A 86 4.20 -6.33 -13.80
CA PRO A 86 4.11 -7.35 -12.76
C PRO A 86 5.25 -7.25 -11.74
N GLN A 87 6.24 -6.42 -12.06
CA GLN A 87 7.38 -6.23 -11.17
C GLN A 87 7.08 -5.16 -10.12
N HIS A 88 7.98 -5.01 -9.15
CA HIS A 88 7.82 -4.04 -8.09
C HIS A 88 8.41 -2.69 -8.48
N ILE A 89 7.87 -1.62 -7.92
CA ILE A 89 8.35 -0.27 -8.22
C ILE A 89 9.57 0.08 -7.37
N VAL A 90 10.38 1.02 -7.86
CA VAL A 90 11.56 1.45 -7.13
C VAL A 90 11.26 1.68 -5.66
N GLY A 91 11.89 0.89 -4.80
CA GLY A 91 11.68 1.02 -3.37
C GLY A 91 10.97 -0.18 -2.78
N SER A 92 9.92 -0.65 -3.45
CA SER A 92 9.15 -1.80 -2.98
C SER A 92 9.99 -3.07 -3.04
N PRO A 93 9.60 -4.07 -2.24
CA PRO A 93 8.44 -3.96 -1.35
C PRO A 93 8.69 -3.00 -0.19
N PHE A 94 7.66 -2.77 0.62
CA PHE A 94 7.75 -1.87 1.75
C PHE A 94 7.40 -2.60 3.05
N LYS A 95 8.35 -2.61 3.99
CA LYS A 95 8.14 -3.27 5.28
C LYS A 95 7.47 -2.32 6.27
N ALA A 96 6.29 -2.70 6.74
CA ALA A 96 5.55 -1.88 7.69
C ALA A 96 5.51 -2.55 9.06
N LYS A 97 6.04 -1.86 10.07
CA LYS A 97 6.06 -2.39 11.43
C LYS A 97 5.14 -1.58 12.34
N VAL A 98 4.02 -2.19 12.73
CA VAL A 98 3.05 -1.52 13.59
C VAL A 98 3.23 -1.97 15.04
N THR A 99 3.22 -1.01 15.96
CA THR A 99 3.37 -1.30 17.38
C THR A 99 2.08 -1.02 18.14
N GLY A 100 1.96 -1.61 19.33
CA GLY A 100 0.78 -1.41 20.14
C GLY A 100 0.01 -2.70 20.37
N PRO A 101 -0.86 -2.70 21.38
CA PRO A 101 -1.68 -3.87 21.72
C PRO A 101 -2.75 -4.17 20.68
N ARG A 102 -2.98 -5.46 20.42
CA ARG A 102 -3.97 -5.88 19.44
C ARG A 102 -5.25 -5.04 19.57
N LEU A 103 -5.67 -4.44 18.46
CA LEU A 103 -6.89 -3.63 18.45
C LEU A 103 -7.73 -3.93 17.23
N SER A 104 -8.86 -4.62 17.44
CA SER A 104 -9.76 -4.97 16.35
C SER A 104 -11.21 -4.72 16.75
N GLY A 105 -11.84 -3.76 16.07
CA GLY A 105 -13.23 -3.44 16.36
C GLY A 105 -14.20 -4.23 15.52
N SER A 106 -15.50 -3.95 15.67
CA SER A 106 -16.52 -4.65 14.92
C SER A 106 -16.50 -4.23 13.45
N GLY A 107 -17.26 -4.94 12.63
CA GLY A 107 -17.32 -4.63 11.20
C GLY A 107 -18.66 -4.95 10.60
N PRO A 108 -18.69 -5.12 9.27
CA PRO A 108 -19.92 -5.44 8.53
C PRO A 108 -20.41 -6.85 8.81
N SER A 109 -21.41 -6.97 9.66
CA SER A 109 -21.98 -8.26 10.03
C SER A 109 -22.50 -8.99 8.79
N SER A 110 -22.59 -10.30 8.88
CA SER A 110 -23.08 -11.12 7.77
C SER A 110 -24.44 -10.61 7.28
N GLY A 111 -25.40 -10.55 8.19
CA GLY A 111 -26.73 -10.08 7.83
C GLY A 111 -26.72 -8.67 7.26
N GLY A 1 -7.55 -16.08 -21.39
CA GLY A 1 -8.71 -15.55 -20.71
C GLY A 1 -8.71 -14.03 -20.67
N SER A 2 -9.48 -13.41 -21.56
CA SER A 2 -9.56 -11.96 -21.62
C SER A 2 -8.17 -11.34 -21.53
N SER A 3 -7.21 -11.95 -22.20
CA SER A 3 -5.83 -11.46 -22.20
C SER A 3 -5.68 -10.28 -23.15
N GLY A 4 -5.11 -9.19 -22.64
CA GLY A 4 -4.91 -8.01 -23.46
C GLY A 4 -4.30 -6.86 -22.68
N SER A 5 -3.00 -6.98 -22.38
CA SER A 5 -2.30 -5.95 -21.63
C SER A 5 -0.80 -6.27 -21.54
N SER A 6 0.02 -5.28 -21.87
CA SER A 6 1.47 -5.44 -21.84
C SER A 6 2.08 -4.75 -20.63
N GLY A 7 1.64 -3.51 -20.39
CA GLY A 7 2.15 -2.76 -19.26
C GLY A 7 3.09 -1.66 -19.69
N ALA A 8 2.55 -0.60 -20.28
CA ALA A 8 3.35 0.53 -20.73
C ALA A 8 3.45 1.60 -19.65
N GLY A 9 4.66 1.80 -19.13
CA GLY A 9 4.85 2.80 -18.10
C GLY A 9 6.24 2.74 -17.49
N ASP A 10 6.58 3.74 -16.69
CA ASP A 10 7.90 3.80 -16.05
C ASP A 10 7.76 3.79 -14.53
N PRO A 11 7.85 2.59 -13.93
CA PRO A 11 7.74 2.42 -12.48
C PRO A 11 8.94 2.99 -11.75
N GLY A 12 10.07 3.09 -12.43
CA GLY A 12 11.28 3.62 -11.82
C GLY A 12 11.08 5.03 -11.30
N LEU A 13 10.09 5.73 -11.84
CA LEU A 13 9.80 7.10 -11.43
C LEU A 13 8.63 7.15 -10.46
N VAL A 14 8.14 5.97 -10.07
CA VAL A 14 7.02 5.87 -9.15
C VAL A 14 7.50 5.63 -7.71
N SER A 15 6.96 6.40 -6.78
CA SER A 15 7.34 6.28 -5.37
C SER A 15 6.12 6.40 -4.47
N ALA A 16 6.27 5.99 -3.21
CA ALA A 16 5.19 6.06 -2.25
C ALA A 16 5.68 6.61 -0.91
N TYR A 17 4.86 7.46 -0.30
CA TYR A 17 5.21 8.06 0.99
C TYR A 17 4.02 8.04 1.95
N GLY A 18 4.30 7.77 3.22
CA GLY A 18 3.25 7.72 4.22
C GLY A 18 3.60 6.83 5.39
N PRO A 19 2.93 7.04 6.53
CA PRO A 19 3.16 6.26 7.75
C PRO A 19 2.66 4.83 7.61
N GLY A 20 1.94 4.56 6.53
CA GLY A 20 1.42 3.22 6.32
C GLY A 20 2.47 2.26 5.80
N LEU A 21 3.49 2.80 5.14
CA LEU A 21 4.57 1.99 4.59
C LEU A 21 5.62 1.69 5.66
N GLU A 22 6.00 2.72 6.41
CA GLU A 22 7.00 2.57 7.45
C GLU A 22 6.37 1.96 8.71
N GLY A 23 5.05 2.04 8.81
CA GLY A 23 4.36 1.50 9.96
C GLY A 23 3.78 2.58 10.86
N GLY A 24 3.01 2.17 11.86
CA GLY A 24 2.40 3.13 12.77
C GLY A 24 2.03 2.50 14.10
N THR A 25 0.74 2.56 14.44
CA THR A 25 0.27 2.01 15.70
C THR A 25 -1.04 1.23 15.50
N THR A 26 -1.27 0.25 16.37
CA THR A 26 -2.48 -0.56 16.28
C THR A 26 -3.73 0.27 16.53
N GLY A 27 -4.83 -0.11 15.88
CA GLY A 27 -6.07 0.62 16.04
C GLY A 27 -6.04 1.98 15.40
N VAL A 28 -4.94 2.28 14.70
CA VAL A 28 -4.79 3.57 14.03
C VAL A 28 -4.82 3.40 12.51
N SER A 29 -5.76 4.07 11.86
CA SER A 29 -5.90 4.00 10.42
C SER A 29 -4.67 4.56 9.73
N SER A 30 -3.84 3.67 9.19
CA SER A 30 -2.62 4.08 8.51
C SER A 30 -2.83 4.11 6.99
N GLU A 31 -2.31 5.16 6.35
CA GLU A 31 -2.45 5.31 4.91
C GLU A 31 -1.15 5.84 4.30
N PHE A 32 -1.08 5.83 2.97
CA PHE A 32 0.10 6.32 2.26
C PHE A 32 -0.26 6.75 0.84
N ILE A 33 0.43 7.78 0.36
CA ILE A 33 0.18 8.30 -0.99
C ILE A 33 1.25 7.80 -1.96
N VAL A 34 0.81 7.43 -3.16
CA VAL A 34 1.72 6.95 -4.19
C VAL A 34 1.84 7.94 -5.33
N ASN A 35 2.97 8.63 -5.41
CA ASN A 35 3.21 9.61 -6.46
C ASN A 35 3.53 8.92 -7.79
N THR A 36 2.51 8.80 -8.63
CA THR A 36 2.68 8.16 -9.93
C THR A 36 2.66 9.19 -11.05
N LEU A 37 2.42 10.45 -10.70
CA LEU A 37 2.38 11.53 -11.68
C LEU A 37 3.69 11.61 -12.45
N ASN A 38 4.81 11.55 -11.73
CA ASN A 38 6.13 11.62 -12.36
C ASN A 38 6.27 10.54 -13.43
N ALA A 39 5.67 9.38 -13.18
CA ALA A 39 5.72 8.27 -14.13
C ALA A 39 5.00 8.62 -15.42
N GLY A 40 3.71 8.95 -15.31
CA GLY A 40 2.92 9.29 -16.48
C GLY A 40 1.51 8.76 -16.39
N SER A 41 1.36 7.44 -16.45
CA SER A 41 0.04 6.81 -16.38
C SER A 41 0.17 5.30 -16.32
N GLY A 42 -0.82 4.65 -15.70
CA GLY A 42 -0.80 3.20 -15.58
C GLY A 42 -1.57 2.71 -14.37
N ALA A 43 -1.75 1.40 -14.29
CA ALA A 43 -2.48 0.80 -13.17
C ALA A 43 -1.56 0.55 -11.99
N LEU A 44 -2.15 0.38 -10.80
CA LEU A 44 -1.38 0.13 -9.59
C LEU A 44 -1.91 -1.09 -8.85
N SER A 45 -1.00 -1.87 -8.28
CA SER A 45 -1.37 -3.07 -7.55
C SER A 45 -0.89 -3.01 -6.10
N VAL A 46 -1.82 -3.01 -5.17
CA VAL A 46 -1.49 -2.95 -3.75
C VAL A 46 -1.95 -4.21 -3.03
N THR A 47 -1.18 -4.62 -2.02
CA THR A 47 -1.49 -5.81 -1.24
C THR A 47 -0.76 -5.81 0.10
N ILE A 48 -1.48 -6.17 1.15
CA ILE A 48 -0.90 -6.22 2.49
C ILE A 48 -0.95 -7.63 3.07
N ASP A 49 0.10 -8.00 3.78
CA ASP A 49 0.17 -9.33 4.40
C ASP A 49 0.82 -9.25 5.78
N GLY A 50 0.02 -9.49 6.82
CA GLY A 50 0.52 -9.45 8.18
C GLY A 50 0.00 -10.58 9.03
N PRO A 51 0.20 -10.47 10.35
CA PRO A 51 -0.25 -11.49 11.30
C PRO A 51 -1.78 -11.53 11.44
N SER A 52 -2.43 -10.46 10.98
CA SER A 52 -3.88 -10.38 11.05
C SER A 52 -4.44 -9.56 9.89
N LYS A 53 -5.29 -10.19 9.08
CA LYS A 53 -5.88 -9.53 7.92
C LYS A 53 -6.14 -8.05 8.22
N VAL A 54 -6.02 -7.22 7.20
CA VAL A 54 -6.25 -5.78 7.35
C VAL A 54 -7.22 -5.27 6.30
N GLN A 55 -8.19 -4.47 6.74
CA GLN A 55 -9.18 -3.91 5.83
C GLN A 55 -8.69 -2.62 5.20
N LEU A 56 -7.97 -2.75 4.08
CA LEU A 56 -7.42 -1.61 3.38
C LEU A 56 -8.46 -0.99 2.44
N ASP A 57 -8.24 0.25 2.04
CA ASP A 57 -9.15 0.95 1.15
C ASP A 57 -8.40 1.89 0.22
N CYS A 58 -8.29 1.51 -1.05
CA CYS A 58 -7.59 2.32 -2.04
C CYS A 58 -8.55 3.26 -2.74
N ARG A 59 -8.22 4.55 -2.74
CA ARG A 59 -9.06 5.55 -3.37
C ARG A 59 -8.22 6.49 -4.26
N GLU A 60 -8.90 7.34 -5.01
CA GLU A 60 -8.21 8.29 -5.89
C GLU A 60 -7.73 9.51 -5.12
N CYS A 61 -6.56 10.00 -5.49
CA CYS A 61 -5.99 11.18 -4.82
C CYS A 61 -5.32 12.10 -5.85
N PRO A 62 -5.20 13.39 -5.48
CA PRO A 62 -4.59 14.40 -6.34
C PRO A 62 -3.08 14.20 -6.50
N GLU A 63 -2.56 13.14 -5.86
CA GLU A 63 -1.13 12.84 -5.93
C GLU A 63 -0.90 11.48 -6.59
N GLY A 64 -1.98 10.87 -7.06
CA GLY A 64 -1.87 9.57 -7.70
C GLY A 64 -2.81 8.54 -7.10
N HIS A 65 -2.27 7.61 -6.34
CA HIS A 65 -3.07 6.57 -5.70
C HIS A 65 -2.88 6.58 -4.19
N VAL A 66 -3.98 6.38 -3.46
CA VAL A 66 -3.93 6.37 -2.00
C VAL A 66 -4.55 5.10 -1.45
N VAL A 67 -4.04 4.65 -0.30
CA VAL A 67 -4.55 3.44 0.34
C VAL A 67 -4.59 3.60 1.86
N THR A 68 -5.75 3.29 2.44
CA THR A 68 -5.93 3.39 3.88
C THR A 68 -6.29 2.04 4.48
N TYR A 69 -5.57 1.66 5.53
CA TYR A 69 -5.81 0.39 6.21
C TYR A 69 -5.79 0.57 7.73
N THR A 70 -6.30 -0.43 8.44
CA THR A 70 -6.34 -0.40 9.89
C THR A 70 -5.67 -1.63 10.50
N PRO A 71 -4.64 -1.40 11.32
CA PRO A 71 -3.89 -2.49 11.98
C PRO A 71 -4.72 -3.19 13.04
N MET A 72 -4.55 -4.50 13.16
CA MET A 72 -5.28 -5.29 14.14
C MET A 72 -4.32 -5.94 15.14
N ALA A 73 -3.05 -6.00 14.78
CA ALA A 73 -2.03 -6.59 15.65
C ALA A 73 -0.64 -6.07 15.29
N PRO A 74 0.24 -5.99 16.31
CA PRO A 74 1.61 -5.51 16.13
C PRO A 74 2.46 -6.49 15.33
N GLY A 75 2.80 -6.12 14.10
CA GLY A 75 3.62 -6.99 13.26
C GLY A 75 4.18 -6.25 12.06
N ASN A 76 4.74 -7.01 11.12
CA ASN A 76 5.32 -6.44 9.91
C ASN A 76 4.47 -6.75 8.69
N TYR A 77 3.58 -5.83 8.34
CA TYR A 77 2.70 -6.02 7.19
C TYR A 77 3.45 -5.75 5.88
N LEU A 78 3.54 -6.77 5.04
CA LEU A 78 4.22 -6.65 3.76
C LEU A 78 3.35 -5.91 2.75
N ILE A 79 3.79 -4.71 2.37
CA ILE A 79 3.05 -3.90 1.41
C ILE A 79 3.73 -3.92 0.04
N ALA A 80 3.20 -4.73 -0.86
CA ALA A 80 3.75 -4.84 -2.21
C ALA A 80 3.08 -3.85 -3.15
N ILE A 81 3.85 -2.86 -3.60
CA ILE A 81 3.33 -1.86 -4.51
C ILE A 81 3.93 -2.00 -5.90
N LYS A 82 3.09 -2.19 -6.90
CA LYS A 82 3.54 -2.35 -8.28
C LYS A 82 2.87 -1.33 -9.19
N TYR A 83 3.44 -1.14 -10.38
CA TYR A 83 2.90 -0.18 -11.33
C TYR A 83 3.35 -0.53 -12.75
N GLY A 84 2.43 -0.41 -13.70
CA GLY A 84 2.75 -0.70 -15.09
C GLY A 84 3.65 -1.92 -15.23
N GLY A 85 3.31 -2.99 -14.52
CA GLY A 85 4.10 -4.21 -14.58
C GLY A 85 3.99 -5.05 -13.32
N PRO A 86 4.09 -6.36 -13.47
CA PRO A 86 4.00 -7.30 -12.35
C PRO A 86 5.20 -7.22 -11.42
N GLN A 87 6.17 -6.40 -11.80
CA GLN A 87 7.39 -6.22 -11.00
C GLN A 87 7.15 -5.20 -9.88
N HIS A 88 8.11 -5.12 -8.96
CA HIS A 88 8.02 -4.18 -7.85
C HIS A 88 8.66 -2.84 -8.21
N ILE A 89 7.97 -1.75 -7.89
CA ILE A 89 8.48 -0.42 -8.18
C ILE A 89 9.70 -0.09 -7.31
N VAL A 90 10.47 0.91 -7.73
CA VAL A 90 11.65 1.32 -6.99
C VAL A 90 11.34 1.54 -5.52
N GLY A 91 11.91 0.70 -4.67
CA GLY A 91 11.68 0.82 -3.24
C GLY A 91 10.90 -0.36 -2.68
N SER A 92 9.90 -0.81 -3.42
CA SER A 92 9.07 -1.93 -2.99
C SER A 92 9.87 -3.23 -3.00
N PRO A 93 9.40 -4.21 -2.22
CA PRO A 93 8.20 -4.06 -1.38
C PRO A 93 8.41 -3.10 -0.22
N PHE A 94 7.35 -2.84 0.52
CA PHE A 94 7.42 -1.95 1.67
C PHE A 94 6.97 -2.65 2.95
N LYS A 95 7.90 -2.82 3.87
CA LYS A 95 7.60 -3.48 5.14
C LYS A 95 7.10 -2.48 6.17
N ALA A 96 5.85 -2.66 6.60
CA ALA A 96 5.25 -1.77 7.59
C ALA A 96 5.14 -2.45 8.95
N LYS A 97 5.92 -1.96 9.91
CA LYS A 97 5.91 -2.51 11.25
C LYS A 97 5.01 -1.70 12.18
N VAL A 98 3.84 -2.23 12.47
CA VAL A 98 2.89 -1.56 13.35
C VAL A 98 3.21 -1.81 14.82
N THR A 99 3.12 -0.76 15.63
CA THR A 99 3.40 -0.87 17.05
C THR A 99 2.13 -0.81 17.88
N GLY A 100 2.23 -1.17 19.15
CA GLY A 100 1.08 -1.16 20.03
C GLY A 100 0.56 -2.56 20.34
N PRO A 101 -0.39 -2.64 21.28
CA PRO A 101 -0.97 -3.91 21.69
C PRO A 101 -1.86 -4.53 20.61
N ARG A 102 -2.12 -5.83 20.72
CA ARG A 102 -2.95 -6.52 19.75
C ARG A 102 -4.40 -6.07 19.85
N LEU A 103 -4.70 -4.92 19.27
CA LEU A 103 -6.05 -4.37 19.30
C LEU A 103 -6.97 -5.16 18.37
N SER A 104 -7.73 -6.08 18.94
CA SER A 104 -8.65 -6.90 18.17
C SER A 104 -10.06 -6.87 18.76
N GLY A 105 -11.07 -7.07 17.92
CA GLY A 105 -12.44 -7.06 18.38
C GLY A 105 -13.29 -6.04 17.63
N SER A 106 -13.36 -4.83 18.17
CA SER A 106 -14.15 -3.77 17.56
C SER A 106 -13.72 -3.54 16.11
N GLY A 107 -14.54 -2.81 15.37
CA GLY A 107 -14.23 -2.53 13.97
C GLY A 107 -15.49 -2.41 13.12
N PRO A 108 -15.97 -3.55 12.60
CA PRO A 108 -17.16 -3.59 11.76
C PRO A 108 -18.43 -3.29 12.54
N SER A 109 -18.51 -3.81 13.76
CA SER A 109 -19.68 -3.60 14.61
C SER A 109 -19.51 -2.34 15.46
N SER A 110 -20.48 -1.43 15.34
CA SER A 110 -20.44 -0.19 16.10
C SER A 110 -21.45 -0.21 17.25
N GLY A 111 -20.94 -0.41 18.46
CA GLY A 111 -21.81 -0.46 19.63
C GLY A 111 -21.48 0.63 20.63
N GLY A 1 -4.88 -11.67 -29.16
CA GLY A 1 -6.23 -11.82 -29.67
C GLY A 1 -6.77 -10.52 -30.26
N SER A 2 -7.67 -9.87 -29.52
CA SER A 2 -8.25 -8.61 -29.99
C SER A 2 -7.19 -7.53 -30.14
N SER A 3 -7.54 -6.46 -30.86
CA SER A 3 -6.60 -5.37 -31.09
C SER A 3 -6.81 -4.27 -30.06
N GLY A 4 -5.82 -3.39 -29.92
CA GLY A 4 -5.90 -2.30 -28.97
C GLY A 4 -5.13 -2.59 -27.69
N SER A 5 -4.21 -1.69 -27.35
CA SER A 5 -3.39 -1.85 -26.16
C SER A 5 -2.82 -0.51 -25.70
N SER A 6 -2.76 -0.31 -24.39
CA SER A 6 -2.25 0.93 -23.82
C SER A 6 -1.11 0.65 -22.84
N GLY A 7 0.00 1.36 -23.02
CA GLY A 7 1.15 1.18 -22.15
C GLY A 7 1.84 2.48 -21.83
N ALA A 8 3.12 2.58 -22.19
CA ALA A 8 3.90 3.78 -21.92
C ALA A 8 4.03 4.04 -20.43
N GLY A 9 4.26 2.98 -19.67
CA GLY A 9 4.40 3.12 -18.22
C GLY A 9 5.85 3.08 -17.78
N ASP A 10 6.10 3.49 -16.54
CA ASP A 10 7.44 3.51 -15.99
C ASP A 10 7.41 3.45 -14.47
N PRO A 11 7.73 2.28 -13.91
CA PRO A 11 7.75 2.06 -12.46
C PRO A 11 8.88 2.81 -11.77
N GLY A 12 10.02 2.92 -12.46
CA GLY A 12 11.16 3.61 -11.90
C GLY A 12 10.83 5.02 -11.46
N LEU A 13 9.90 5.65 -12.16
CA LEU A 13 9.48 7.01 -11.83
C LEU A 13 8.26 7.01 -10.91
N VAL A 14 8.07 5.91 -10.20
CA VAL A 14 6.95 5.77 -9.28
C VAL A 14 7.41 5.37 -7.90
N SER A 15 6.95 6.10 -6.88
CA SER A 15 7.32 5.82 -5.50
C SER A 15 6.15 6.11 -4.55
N ALA A 16 6.30 5.66 -3.31
CA ALA A 16 5.26 5.88 -2.30
C ALA A 16 5.84 6.44 -1.02
N TYR A 17 5.16 7.42 -0.45
CA TYR A 17 5.62 8.06 0.79
C TYR A 17 4.48 8.19 1.79
N GLY A 18 4.80 8.07 3.07
CA GLY A 18 3.79 8.18 4.11
C GLY A 18 4.09 7.30 5.30
N PRO A 19 3.39 7.54 6.42
CA PRO A 19 3.57 6.78 7.65
C PRO A 19 3.05 5.36 7.53
N GLY A 20 2.20 5.13 6.53
CA GLY A 20 1.64 3.80 6.33
C GLY A 20 2.68 2.80 5.85
N LEU A 21 3.60 3.26 5.00
CA LEU A 21 4.65 2.40 4.48
C LEU A 21 5.68 2.07 5.55
N GLU A 22 5.75 2.91 6.59
CA GLU A 22 6.69 2.71 7.68
C GLU A 22 6.00 2.01 8.86
N GLY A 23 4.69 2.18 8.96
CA GLY A 23 3.95 1.56 10.04
C GLY A 23 3.32 2.58 10.97
N GLY A 24 3.15 2.20 12.24
CA GLY A 24 2.57 3.10 13.21
C GLY A 24 2.13 2.38 14.47
N THR A 25 0.86 2.54 14.83
CA THR A 25 0.32 1.90 16.03
C THR A 25 -0.94 1.10 15.70
N THR A 26 -1.26 0.14 16.57
CA THR A 26 -2.43 -0.71 16.37
C THR A 26 -3.72 0.09 16.56
N GLY A 27 -4.77 -0.34 15.88
CA GLY A 27 -6.05 0.33 15.98
C GLY A 27 -6.02 1.74 15.39
N VAL A 28 -5.00 1.99 14.56
CA VAL A 28 -4.86 3.30 13.93
C VAL A 28 -4.80 3.17 12.41
N SER A 29 -5.70 3.87 11.73
CA SER A 29 -5.75 3.83 10.27
C SER A 29 -4.47 4.39 9.66
N SER A 30 -3.73 3.53 8.96
CA SER A 30 -2.47 3.94 8.34
C SER A 30 -2.62 3.99 6.83
N GLU A 31 -2.24 5.12 6.24
CA GLU A 31 -2.33 5.31 4.80
C GLU A 31 -1.04 5.88 4.24
N PHE A 32 -0.97 6.03 2.92
CA PHE A 32 0.22 6.55 2.26
C PHE A 32 -0.11 7.02 0.85
N ILE A 33 0.67 7.99 0.35
CA ILE A 33 0.46 8.52 -0.98
C ILE A 33 1.42 7.90 -1.99
N VAL A 34 0.86 7.40 -3.09
CA VAL A 34 1.68 6.77 -4.13
C VAL A 34 1.85 7.70 -5.33
N ASN A 35 3.03 8.33 -5.41
CA ASN A 35 3.32 9.24 -6.51
C ASN A 35 3.52 8.48 -7.81
N THR A 36 2.50 8.49 -8.66
CA THR A 36 2.57 7.80 -9.95
C THR A 36 2.49 8.80 -11.10
N LEU A 37 2.41 10.08 -10.78
CA LEU A 37 2.33 11.13 -11.80
C LEU A 37 3.58 11.14 -12.67
N ASN A 38 4.74 11.26 -12.03
CA ASN A 38 6.01 11.27 -12.76
C ASN A 38 6.03 10.20 -13.84
N ALA A 39 5.27 9.13 -13.62
CA ALA A 39 5.20 8.03 -14.58
C ALA A 39 4.34 8.42 -15.79
N GLY A 40 3.08 8.76 -15.53
CA GLY A 40 2.18 9.14 -16.60
C GLY A 40 0.78 8.62 -16.39
N SER A 41 0.58 7.33 -16.65
CA SER A 41 -0.73 6.71 -16.49
C SER A 41 -0.63 5.20 -16.62
N GLY A 42 -1.51 4.49 -15.90
CA GLY A 42 -1.50 3.04 -15.95
C GLY A 42 -2.27 2.43 -14.79
N ALA A 43 -1.94 1.18 -14.46
CA ALA A 43 -2.61 0.48 -13.37
C ALA A 43 -1.70 0.39 -12.15
N LEU A 44 -2.31 0.19 -10.98
CA LEU A 44 -1.56 0.09 -9.73
C LEU A 44 -2.04 -1.10 -8.91
N SER A 45 -1.11 -1.75 -8.22
CA SER A 45 -1.43 -2.91 -7.39
C SER A 45 -1.03 -2.67 -5.94
N VAL A 46 -1.95 -2.92 -5.02
CA VAL A 46 -1.69 -2.73 -3.60
C VAL A 46 -2.16 -3.94 -2.79
N THR A 47 -1.26 -4.49 -1.98
CA THR A 47 -1.58 -5.64 -1.16
C THR A 47 -0.76 -5.65 0.13
N ILE A 48 -1.40 -6.04 1.23
CA ILE A 48 -0.74 -6.09 2.53
C ILE A 48 -0.77 -7.50 3.10
N ASP A 49 0.33 -7.90 3.73
CA ASP A 49 0.43 -9.22 4.34
C ASP A 49 1.03 -9.14 5.74
N GLY A 50 0.20 -9.43 6.74
CA GLY A 50 0.66 -9.38 8.11
C GLY A 50 0.15 -10.54 8.93
N PRO A 51 0.37 -10.48 10.26
CA PRO A 51 -0.06 -11.53 11.18
C PRO A 51 -1.57 -11.58 11.35
N SER A 52 -2.25 -10.58 10.79
CA SER A 52 -3.71 -10.51 10.87
C SER A 52 -4.28 -9.66 9.73
N LYS A 53 -5.14 -10.26 8.93
CA LYS A 53 -5.77 -9.57 7.81
C LYS A 53 -6.00 -8.10 8.15
N VAL A 54 -5.76 -7.22 7.17
CA VAL A 54 -5.95 -5.79 7.37
C VAL A 54 -6.88 -5.21 6.31
N GLN A 55 -8.02 -4.71 6.75
CA GLN A 55 -9.01 -4.13 5.84
C GLN A 55 -8.49 -2.82 5.24
N LEU A 56 -8.07 -2.88 3.99
CA LEU A 56 -7.55 -1.70 3.30
C LEU A 56 -8.63 -1.04 2.46
N ASP A 57 -8.42 0.23 2.11
CA ASP A 57 -9.38 0.97 1.30
C ASP A 57 -8.67 1.80 0.24
N CYS A 58 -8.93 1.50 -1.02
CA CYS A 58 -8.31 2.23 -2.12
C CYS A 58 -9.14 3.45 -2.51
N ARG A 59 -8.48 4.59 -2.63
CA ARG A 59 -9.15 5.83 -2.99
C ARG A 59 -8.38 6.58 -4.07
N GLU A 60 -8.85 7.77 -4.42
CA GLU A 60 -8.20 8.58 -5.44
C GLU A 60 -7.62 9.85 -4.83
N CYS A 61 -6.38 10.15 -5.18
CA CYS A 61 -5.70 11.33 -4.67
C CYS A 61 -5.15 12.18 -5.80
N PRO A 62 -5.05 13.50 -5.56
CA PRO A 62 -4.55 14.45 -6.57
C PRO A 62 -3.06 14.28 -6.81
N GLU A 63 -2.45 13.31 -6.14
CA GLU A 63 -1.02 13.05 -6.29
C GLU A 63 -0.79 11.68 -6.93
N GLY A 64 -1.86 10.92 -7.09
CA GLY A 64 -1.75 9.59 -7.68
C GLY A 64 -2.75 8.61 -7.10
N HIS A 65 -2.28 7.77 -6.19
CA HIS A 65 -3.14 6.77 -5.56
C HIS A 65 -2.93 6.75 -4.05
N VAL A 66 -4.00 6.50 -3.31
CA VAL A 66 -3.94 6.45 -1.86
C VAL A 66 -4.70 5.25 -1.31
N VAL A 67 -4.15 4.62 -0.28
CA VAL A 67 -4.78 3.46 0.34
C VAL A 67 -4.70 3.53 1.86
N THR A 68 -5.84 3.33 2.52
CA THR A 68 -5.91 3.37 3.97
C THR A 68 -6.25 2.00 4.55
N TYR A 69 -5.44 1.55 5.49
CA TYR A 69 -5.66 0.25 6.13
C TYR A 69 -5.66 0.38 7.65
N THR A 70 -6.13 -0.66 8.32
CA THR A 70 -6.17 -0.66 9.78
C THR A 70 -5.59 -1.95 10.35
N PRO A 71 -4.55 -1.82 11.17
CA PRO A 71 -3.87 -2.97 11.80
C PRO A 71 -4.74 -3.63 12.85
N MET A 72 -4.51 -4.93 13.07
CA MET A 72 -5.26 -5.69 14.06
C MET A 72 -4.34 -6.36 15.06
N ALA A 73 -3.05 -6.38 14.74
CA ALA A 73 -2.06 -6.99 15.63
C ALA A 73 -0.68 -6.40 15.39
N PRO A 74 0.09 -6.23 16.48
CA PRO A 74 1.44 -5.67 16.41
C PRO A 74 2.43 -6.61 15.74
N GLY A 75 2.93 -6.21 14.58
CA GLY A 75 3.89 -7.03 13.86
C GLY A 75 4.43 -6.34 12.63
N ASN A 76 4.70 -7.11 11.58
CA ASN A 76 5.24 -6.56 10.34
C ASN A 76 4.30 -6.85 9.17
N TYR A 77 3.93 -5.78 8.46
CA TYR A 77 3.03 -5.92 7.32
C TYR A 77 3.75 -5.58 6.02
N LEU A 78 3.82 -6.55 5.12
CA LEU A 78 4.47 -6.35 3.83
C LEU A 78 3.57 -5.60 2.87
N ILE A 79 3.96 -4.37 2.53
CA ILE A 79 3.19 -3.55 1.62
C ILE A 79 3.76 -3.60 0.20
N ALA A 80 3.12 -4.38 -0.66
CA ALA A 80 3.56 -4.52 -2.04
C ALA A 80 2.89 -3.49 -2.94
N ILE A 81 3.69 -2.81 -3.77
CA ILE A 81 3.17 -1.80 -4.68
C ILE A 81 3.73 -1.99 -6.09
N LYS A 82 2.86 -2.27 -7.03
CA LYS A 82 3.26 -2.47 -8.43
C LYS A 82 2.68 -1.39 -9.32
N TYR A 83 3.26 -1.22 -10.50
CA TYR A 83 2.80 -0.23 -11.46
C TYR A 83 3.38 -0.48 -12.84
N GLY A 84 2.56 -0.26 -13.87
CA GLY A 84 3.01 -0.47 -15.23
C GLY A 84 3.98 -1.64 -15.35
N GLY A 85 3.63 -2.75 -14.72
CA GLY A 85 4.49 -3.92 -14.77
C GLY A 85 4.25 -4.86 -13.59
N PRO A 86 4.42 -6.17 -13.83
CA PRO A 86 4.23 -7.20 -12.81
C PRO A 86 5.32 -7.16 -11.74
N GLN A 87 6.36 -6.37 -12.00
CA GLN A 87 7.48 -6.25 -11.06
C GLN A 87 7.26 -5.06 -10.13
N HIS A 88 7.67 -5.22 -8.88
CA HIS A 88 7.53 -4.17 -7.88
C HIS A 88 8.22 -2.88 -8.35
N ILE A 89 7.68 -1.74 -7.93
CA ILE A 89 8.24 -0.45 -8.31
C ILE A 89 9.51 -0.15 -7.53
N VAL A 90 10.26 0.85 -7.98
CA VAL A 90 11.50 1.24 -7.32
C VAL A 90 11.29 1.42 -5.82
N GLY A 91 11.98 0.59 -5.03
CA GLY A 91 11.85 0.68 -3.59
C GLY A 91 11.00 -0.44 -3.02
N SER A 92 9.85 -0.70 -3.64
CA SER A 92 8.95 -1.74 -3.18
C SER A 92 9.59 -3.12 -3.34
N PRO A 93 9.09 -4.09 -2.55
CA PRO A 93 8.02 -3.86 -1.58
C PRO A 93 8.48 -2.99 -0.42
N PHE A 94 7.52 -2.60 0.43
CA PHE A 94 7.83 -1.76 1.59
C PHE A 94 7.45 -2.48 2.88
N LYS A 95 8.33 -2.39 3.88
CA LYS A 95 8.10 -3.04 5.16
C LYS A 95 7.54 -2.03 6.17
N ALA A 96 6.44 -2.40 6.81
CA ALA A 96 5.81 -1.54 7.80
C ALA A 96 5.67 -2.25 9.14
N LYS A 97 6.10 -1.58 10.21
CA LYS A 97 6.03 -2.15 11.55
C LYS A 97 5.02 -1.39 12.40
N VAL A 98 4.12 -2.14 13.05
CA VAL A 98 3.11 -1.54 13.90
C VAL A 98 3.22 -2.03 15.34
N THR A 99 3.08 -1.12 16.29
CA THR A 99 3.17 -1.47 17.70
C THR A 99 1.87 -1.17 18.43
N GLY A 100 1.69 -1.79 19.59
CA GLY A 100 0.48 -1.58 20.37
C GLY A 100 -0.24 -2.87 20.68
N PRO A 101 -1.18 -2.82 21.63
CA PRO A 101 -1.96 -3.98 22.05
C PRO A 101 -2.94 -4.43 20.96
N ARG A 102 -2.87 -5.71 20.60
CA ARG A 102 -3.76 -6.27 19.58
C ARG A 102 -5.14 -5.62 19.65
N LEU A 103 -5.45 -4.79 18.66
CA LEU A 103 -6.74 -4.11 18.61
C LEU A 103 -7.55 -4.58 17.41
N SER A 104 -8.39 -5.59 17.62
CA SER A 104 -9.21 -6.14 16.56
C SER A 104 -10.63 -5.57 16.63
N GLY A 105 -11.27 -5.74 17.79
CA GLY A 105 -12.62 -5.24 17.98
C GLY A 105 -13.52 -6.26 18.65
N SER A 106 -13.69 -6.12 19.95
CA SER A 106 -14.54 -7.04 20.72
C SER A 106 -15.94 -6.45 20.93
N GLY A 107 -16.94 -7.14 20.39
CA GLY A 107 -18.31 -6.66 20.53
C GLY A 107 -19.31 -7.64 19.96
N PRO A 108 -20.61 -7.38 20.18
CA PRO A 108 -21.69 -8.23 19.70
C PRO A 108 -21.85 -8.15 18.18
N SER A 109 -21.99 -9.31 17.55
CA SER A 109 -22.14 -9.37 16.10
C SER A 109 -23.62 -9.40 15.71
N SER A 110 -23.97 -8.65 14.66
CA SER A 110 -25.34 -8.59 14.19
C SER A 110 -25.46 -9.14 12.78
N GLY A 111 -24.66 -8.59 11.87
CA GLY A 111 -24.68 -9.05 10.49
C GLY A 111 -23.41 -9.74 10.08
N GLY A 1 3.40 -6.88 -36.70
CA GLY A 1 2.28 -7.67 -36.21
C GLY A 1 2.48 -8.17 -34.80
N SER A 2 1.72 -7.63 -33.85
CA SER A 2 1.84 -8.02 -32.46
C SER A 2 0.85 -9.14 -32.13
N SER A 3 0.90 -9.61 -30.89
CA SER A 3 0.02 -10.68 -30.45
C SER A 3 -1.05 -10.15 -29.49
N GLY A 4 -1.60 -8.98 -29.83
CA GLY A 4 -2.62 -8.38 -29.00
C GLY A 4 -2.12 -8.06 -27.60
N SER A 5 -1.06 -7.26 -27.52
CA SER A 5 -0.48 -6.89 -26.23
C SER A 5 -0.90 -5.47 -25.84
N SER A 6 -1.09 -5.26 -24.55
CA SER A 6 -1.50 -3.95 -24.04
C SER A 6 -0.77 -3.63 -22.73
N GLY A 7 -0.39 -2.36 -22.57
CA GLY A 7 0.30 -1.94 -21.37
C GLY A 7 1.38 -0.93 -21.65
N ALA A 8 1.57 0.01 -20.72
CA ALA A 8 2.59 1.04 -20.88
C ALA A 8 2.72 1.88 -19.61
N GLY A 9 3.95 2.18 -19.23
CA GLY A 9 4.20 2.97 -18.03
C GLY A 9 5.66 2.97 -17.62
N ASP A 10 5.94 3.49 -16.43
CA ASP A 10 7.30 3.55 -15.92
C ASP A 10 7.31 3.48 -14.40
N PRO A 11 7.69 2.32 -13.86
CA PRO A 11 7.76 2.10 -12.41
C PRO A 11 8.88 2.89 -11.76
N GLY A 12 9.97 3.09 -12.50
CA GLY A 12 11.10 3.83 -11.96
C GLY A 12 10.71 5.21 -11.47
N LEU A 13 9.71 5.80 -12.10
CA LEU A 13 9.25 7.13 -11.72
C LEU A 13 8.04 7.04 -10.79
N VAL A 14 7.91 5.91 -10.11
CA VAL A 14 6.80 5.70 -9.19
C VAL A 14 7.30 5.36 -7.79
N SER A 15 6.82 6.11 -6.80
CA SER A 15 7.22 5.91 -5.41
C SER A 15 6.04 6.13 -4.47
N ALA A 16 6.19 5.64 -3.24
CA ALA A 16 5.14 5.79 -2.23
C ALA A 16 5.70 6.31 -0.91
N TYR A 17 5.02 7.27 -0.32
CA TYR A 17 5.45 7.85 0.94
C TYR A 17 4.30 7.92 1.95
N GLY A 18 4.62 7.68 3.21
CA GLY A 18 3.60 7.71 4.25
C GLY A 18 3.97 6.85 5.45
N PRO A 19 3.34 7.13 6.59
CA PRO A 19 3.58 6.39 7.83
C PRO A 19 3.05 4.95 7.77
N GLY A 20 2.08 4.73 6.89
CA GLY A 20 1.50 3.40 6.76
C GLY A 20 2.49 2.40 6.19
N LEU A 21 3.34 2.86 5.28
CA LEU A 21 4.34 1.99 4.66
C LEU A 21 5.45 1.65 5.66
N GLU A 22 5.89 2.65 6.41
CA GLU A 22 6.94 2.46 7.39
C GLU A 22 6.38 1.83 8.68
N GLY A 23 5.09 1.97 8.88
CA GLY A 23 4.45 1.42 10.06
C GLY A 23 3.99 2.49 11.03
N GLY A 24 3.39 2.06 12.14
CA GLY A 24 2.90 3.00 13.13
C GLY A 24 2.40 2.32 14.39
N THR A 25 1.12 2.51 14.68
CA THR A 25 0.51 1.90 15.86
C THR A 25 -0.68 1.03 15.49
N THR A 26 -1.02 0.09 16.35
CA THR A 26 -2.14 -0.81 16.11
C THR A 26 -3.47 -0.07 16.16
N GLY A 27 -4.48 -0.65 15.54
CA GLY A 27 -5.79 -0.03 15.53
C GLY A 27 -5.74 1.44 15.15
N VAL A 28 -4.72 1.81 14.38
CA VAL A 28 -4.54 3.20 13.94
C VAL A 28 -4.63 3.30 12.43
N SER A 29 -5.79 3.75 11.94
CA SER A 29 -6.00 3.90 10.50
C SER A 29 -4.76 4.47 9.82
N SER A 30 -3.98 3.61 9.17
CA SER A 30 -2.77 4.04 8.49
C SER A 30 -3.03 4.23 6.99
N GLU A 31 -2.49 5.31 6.44
CA GLU A 31 -2.67 5.62 5.03
C GLU A 31 -1.39 6.22 4.44
N PHE A 32 -1.18 6.01 3.15
CA PHE A 32 -0.01 6.54 2.47
C PHE A 32 -0.35 7.00 1.05
N ILE A 33 0.50 7.86 0.50
CA ILE A 33 0.28 8.37 -0.85
C ILE A 33 1.29 7.79 -1.83
N VAL A 34 0.80 7.36 -2.99
CA VAL A 34 1.65 6.78 -4.02
C VAL A 34 1.84 7.75 -5.18
N ASN A 35 3.00 8.40 -5.23
CA ASN A 35 3.31 9.35 -6.28
C ASN A 35 3.49 8.64 -7.62
N THR A 36 2.43 8.63 -8.43
CA THR A 36 2.48 7.98 -9.73
C THR A 36 2.43 9.01 -10.86
N LEU A 37 2.20 10.26 -10.50
CA LEU A 37 2.11 11.34 -11.48
C LEU A 37 3.36 11.37 -12.36
N ASN A 38 4.53 11.39 -11.72
CA ASN A 38 5.79 11.41 -12.45
C ASN A 38 5.82 10.34 -13.54
N ALA A 39 5.14 9.23 -13.28
CA ALA A 39 5.08 8.14 -14.24
C ALA A 39 4.33 8.55 -15.50
N GLY A 40 3.12 9.05 -15.33
CA GLY A 40 2.31 9.48 -16.46
C GLY A 40 1.00 8.75 -16.55
N SER A 41 1.06 7.43 -16.71
CA SER A 41 -0.13 6.60 -16.81
C SER A 41 0.19 5.14 -16.58
N GLY A 42 -0.77 4.39 -16.05
CA GLY A 42 -0.57 2.98 -15.79
C GLY A 42 -1.41 2.47 -14.63
N ALA A 43 -1.46 1.15 -14.47
CA ALA A 43 -2.24 0.54 -13.41
C ALA A 43 -1.42 0.44 -12.12
N LEU A 44 -2.11 0.24 -11.00
CA LEU A 44 -1.45 0.13 -9.71
C LEU A 44 -2.01 -1.04 -8.90
N SER A 45 -1.12 -1.73 -8.18
CA SER A 45 -1.53 -2.87 -7.38
C SER A 45 -0.99 -2.76 -5.95
N VAL A 46 -1.89 -2.54 -5.00
CA VAL A 46 -1.51 -2.41 -3.61
C VAL A 46 -2.14 -3.51 -2.76
N THR A 47 -1.32 -4.17 -1.95
CA THR A 47 -1.80 -5.25 -1.09
C THR A 47 -1.09 -5.22 0.26
N ILE A 48 -1.60 -6.01 1.20
CA ILE A 48 -1.02 -6.08 2.54
C ILE A 48 -0.89 -7.53 3.00
N ASP A 49 0.21 -7.81 3.69
CA ASP A 49 0.46 -9.16 4.21
C ASP A 49 1.08 -9.11 5.60
N GLY A 50 0.27 -9.41 6.61
CA GLY A 50 0.75 -9.39 7.98
C GLY A 50 0.24 -10.56 8.79
N PRO A 51 0.41 -10.49 10.12
CA PRO A 51 -0.03 -11.54 11.05
C PRO A 51 -1.55 -11.61 11.14
N SER A 52 -2.23 -10.57 10.68
CA SER A 52 -3.69 -10.51 10.73
C SER A 52 -4.23 -9.64 9.61
N LYS A 53 -4.95 -10.25 8.68
CA LYS A 53 -5.54 -9.53 7.56
C LYS A 53 -6.03 -8.15 7.99
N VAL A 54 -5.84 -7.17 7.12
CA VAL A 54 -6.26 -5.80 7.42
C VAL A 54 -7.17 -5.26 6.32
N GLN A 55 -8.27 -4.62 6.72
CA GLN A 55 -9.22 -4.06 5.77
C GLN A 55 -8.66 -2.80 5.13
N LEU A 56 -8.12 -2.95 3.92
CA LEU A 56 -7.55 -1.82 3.19
C LEU A 56 -8.58 -1.21 2.24
N ASP A 57 -8.36 0.05 1.88
CA ASP A 57 -9.27 0.75 0.97
C ASP A 57 -8.49 1.67 0.03
N CYS A 58 -8.69 1.48 -1.27
CA CYS A 58 -8.01 2.29 -2.27
C CYS A 58 -8.90 3.44 -2.74
N ARG A 59 -8.37 4.65 -2.66
CA ARG A 59 -9.12 5.84 -3.08
C ARG A 59 -8.30 6.69 -4.04
N GLU A 60 -8.98 7.57 -4.77
CA GLU A 60 -8.32 8.43 -5.74
C GLU A 60 -7.74 9.66 -5.05
N CYS A 61 -6.62 10.15 -5.58
CA CYS A 61 -5.95 11.32 -5.01
C CYS A 61 -5.22 12.11 -6.10
N PRO A 62 -5.08 13.43 -5.87
CA PRO A 62 -4.40 14.32 -6.82
C PRO A 62 -2.90 14.06 -6.87
N GLU A 63 -2.41 13.19 -5.99
CA GLU A 63 -0.99 12.86 -5.94
C GLU A 63 -0.71 11.56 -6.70
N GLY A 64 -1.75 10.78 -6.94
CA GLY A 64 -1.60 9.54 -7.65
C GLY A 64 -2.56 8.47 -7.16
N HIS A 65 -2.24 7.84 -6.04
CA HIS A 65 -3.08 6.80 -5.47
C HIS A 65 -2.90 6.71 -3.96
N VAL A 66 -4.02 6.70 -3.24
CA VAL A 66 -3.99 6.63 -1.78
C VAL A 66 -4.72 5.38 -1.28
N VAL A 67 -4.21 4.80 -0.20
CA VAL A 67 -4.83 3.61 0.38
C VAL A 67 -4.87 3.71 1.90
N THR A 68 -5.99 3.29 2.48
CA THR A 68 -6.18 3.33 3.93
C THR A 68 -6.42 1.94 4.48
N TYR A 69 -5.72 1.61 5.58
CA TYR A 69 -5.87 0.31 6.21
C TYR A 69 -5.81 0.44 7.74
N THR A 70 -6.18 -0.63 8.42
CA THR A 70 -6.18 -0.65 9.88
C THR A 70 -5.56 -1.94 10.42
N PRO A 71 -4.46 -1.80 11.18
CA PRO A 71 -3.76 -2.95 11.77
C PRO A 71 -4.58 -3.62 12.87
N MET A 72 -4.57 -4.95 12.89
CA MET A 72 -5.30 -5.72 13.90
C MET A 72 -4.35 -6.25 14.95
N ALA A 73 -3.07 -6.34 14.62
CA ALA A 73 -2.06 -6.84 15.55
C ALA A 73 -0.70 -6.22 15.27
N PRO A 74 0.09 -6.00 16.34
CA PRO A 74 1.42 -5.41 16.24
C PRO A 74 2.42 -6.35 15.57
N GLY A 75 2.82 -5.99 14.35
CA GLY A 75 3.78 -6.81 13.62
C GLY A 75 4.30 -6.11 12.38
N ASN A 76 4.66 -6.90 11.37
CA ASN A 76 5.19 -6.36 10.12
C ASN A 76 4.24 -6.68 8.96
N TYR A 77 3.58 -5.66 8.44
CA TYR A 77 2.66 -5.83 7.33
C TYR A 77 3.33 -5.48 6.00
N LEU A 78 3.61 -6.51 5.20
CA LEU A 78 4.25 -6.31 3.90
C LEU A 78 3.29 -5.66 2.91
N ILE A 79 3.63 -4.45 2.48
CA ILE A 79 2.81 -3.72 1.52
C ILE A 79 3.41 -3.75 0.12
N ALA A 80 2.72 -4.40 -0.80
CA ALA A 80 3.19 -4.51 -2.18
C ALA A 80 2.71 -3.31 -3.01
N ILE A 81 3.55 -2.89 -3.95
CA ILE A 81 3.21 -1.76 -4.81
C ILE A 81 3.83 -1.93 -6.20
N LYS A 82 2.98 -2.24 -7.18
CA LYS A 82 3.43 -2.43 -8.54
C LYS A 82 2.83 -1.38 -9.47
N TYR A 83 3.44 -1.18 -10.63
CA TYR A 83 2.96 -0.21 -11.60
C TYR A 83 3.52 -0.49 -12.99
N GLY A 84 2.64 -0.59 -13.97
CA GLY A 84 3.05 -0.85 -15.33
C GLY A 84 4.10 -1.95 -15.41
N GLY A 85 3.82 -3.08 -14.75
CA GLY A 85 4.75 -4.19 -14.76
C GLY A 85 4.48 -5.18 -13.66
N PRO A 86 4.70 -6.48 -13.93
CA PRO A 86 4.48 -7.55 -12.96
C PRO A 86 5.50 -7.52 -11.83
N GLN A 87 6.43 -6.57 -11.90
CA GLN A 87 7.47 -6.45 -10.89
C GLN A 87 7.15 -5.30 -9.93
N HIS A 88 7.94 -5.18 -8.86
CA HIS A 88 7.74 -4.13 -7.88
C HIS A 88 8.44 -2.85 -8.29
N ILE A 89 7.90 -1.71 -7.86
CA ILE A 89 8.47 -0.42 -8.19
C ILE A 89 9.74 -0.15 -7.39
N VAL A 90 10.52 0.83 -7.84
CA VAL A 90 11.76 1.18 -7.16
C VAL A 90 11.54 1.37 -5.66
N GLY A 91 12.12 0.48 -4.86
CA GLY A 91 11.97 0.57 -3.42
C GLY A 91 11.10 -0.54 -2.86
N SER A 92 9.97 -0.78 -3.50
CA SER A 92 9.04 -1.82 -3.07
C SER A 92 9.67 -3.21 -3.22
N PRO A 93 9.14 -4.18 -2.46
CA PRO A 93 8.02 -3.94 -1.54
C PRO A 93 8.42 -3.10 -0.34
N PHE A 94 7.45 -2.82 0.53
CA PHE A 94 7.72 -2.02 1.72
C PHE A 94 7.28 -2.77 2.98
N LYS A 95 8.01 -2.55 4.07
CA LYS A 95 7.69 -3.20 5.34
C LYS A 95 7.10 -2.20 6.33
N ALA A 96 5.97 -2.57 6.93
CA ALA A 96 5.31 -1.70 7.90
C ALA A 96 5.28 -2.36 9.29
N LYS A 97 6.08 -1.82 10.20
CA LYS A 97 6.13 -2.35 11.56
C LYS A 97 5.25 -1.53 12.50
N VAL A 98 4.17 -2.16 12.97
CA VAL A 98 3.25 -1.49 13.88
C VAL A 98 3.61 -1.77 15.34
N THR A 99 3.34 -0.80 16.20
CA THR A 99 3.64 -0.94 17.62
C THR A 99 2.43 -0.58 18.48
N GLY A 100 2.08 -1.47 19.40
CA GLY A 100 0.94 -1.23 20.26
C GLY A 100 0.19 -2.49 20.61
N PRO A 101 -0.79 -2.38 21.52
CA PRO A 101 -1.61 -3.52 21.96
C PRO A 101 -2.54 -4.01 20.86
N ARG A 102 -2.55 -5.33 20.64
CA ARG A 102 -3.40 -5.93 19.62
C ARG A 102 -4.79 -5.31 19.65
N LEU A 103 -5.08 -4.47 18.66
CA LEU A 103 -6.38 -3.82 18.56
C LEU A 103 -7.17 -4.35 17.37
N SER A 104 -8.27 -5.04 17.67
CA SER A 104 -9.12 -5.60 16.62
C SER A 104 -10.55 -5.75 17.10
N GLY A 105 -11.51 -5.31 16.27
CA GLY A 105 -12.91 -5.41 16.63
C GLY A 105 -13.47 -4.08 17.10
N SER A 106 -14.50 -4.14 17.95
CA SER A 106 -15.13 -2.93 18.47
C SER A 106 -15.84 -2.17 17.35
N GLY A 107 -16.32 -2.91 16.35
CA GLY A 107 -17.01 -2.29 15.23
C GLY A 107 -18.36 -2.91 14.97
N PRO A 108 -18.41 -3.89 14.05
CA PRO A 108 -19.65 -4.58 13.69
C PRO A 108 -20.16 -5.49 14.81
N SER A 109 -21.32 -6.09 14.59
CA SER A 109 -21.91 -6.99 15.59
C SER A 109 -23.17 -7.65 15.05
N SER A 110 -23.17 -8.97 15.04
CA SER A 110 -24.32 -9.74 14.54
C SER A 110 -24.95 -10.56 15.67
N GLY A 111 -26.04 -11.25 15.33
CA GLY A 111 -26.72 -12.06 16.32
C GLY A 111 -25.85 -13.16 16.89
N GLY A 1 8.16 7.78 -35.88
CA GLY A 1 8.12 7.39 -34.48
C GLY A 1 9.49 7.06 -33.93
N SER A 2 9.58 6.90 -32.62
CA SER A 2 10.84 6.58 -31.96
C SER A 2 11.28 5.16 -32.30
N SER A 3 12.58 4.90 -32.16
CA SER A 3 13.14 3.59 -32.46
C SER A 3 13.05 2.68 -31.24
N GLY A 4 13.38 1.41 -31.44
CA GLY A 4 13.33 0.44 -30.35
C GLY A 4 11.92 -0.02 -30.04
N SER A 5 11.74 -0.61 -28.87
CA SER A 5 10.44 -1.10 -28.45
C SER A 5 9.65 -0.02 -27.71
N SER A 6 8.33 -0.13 -27.74
CA SER A 6 7.46 0.84 -27.08
C SER A 6 7.18 0.42 -25.64
N GLY A 7 7.56 1.27 -24.69
CA GLY A 7 7.34 0.98 -23.29
C GLY A 7 6.38 1.95 -22.64
N ALA A 8 5.17 1.47 -22.34
CA ALA A 8 4.15 2.31 -21.72
C ALA A 8 4.30 2.30 -20.20
N GLY A 9 4.53 3.48 -19.62
CA GLY A 9 4.68 3.58 -18.18
C GLY A 9 6.10 3.30 -17.73
N ASP A 10 6.34 3.44 -16.43
CA ASP A 10 7.67 3.20 -15.87
C ASP A 10 7.62 3.20 -14.33
N PRO A 11 7.94 2.05 -13.73
CA PRO A 11 7.94 1.90 -12.27
C PRO A 11 9.08 2.69 -11.61
N GLY A 12 10.17 2.87 -12.35
CA GLY A 12 11.31 3.60 -11.82
C GLY A 12 10.95 5.02 -11.44
N LEU A 13 9.84 5.51 -11.95
CA LEU A 13 9.39 6.87 -11.66
C LEU A 13 8.18 6.87 -10.73
N VAL A 14 7.93 5.72 -10.11
CA VAL A 14 6.81 5.58 -9.19
C VAL A 14 7.29 5.30 -7.77
N SER A 15 6.85 6.13 -6.83
CA SER A 15 7.23 5.97 -5.43
C SER A 15 6.05 6.24 -4.51
N ALA A 16 6.10 5.67 -3.30
CA ALA A 16 5.04 5.86 -2.32
C ALA A 16 5.59 6.42 -1.02
N TYR A 17 4.82 7.30 -0.38
CA TYR A 17 5.22 7.92 0.87
C TYR A 17 4.06 7.97 1.85
N GLY A 18 4.36 7.75 3.12
CA GLY A 18 3.34 7.78 4.15
C GLY A 18 3.67 6.91 5.34
N PRO A 19 2.96 7.12 6.46
CA PRO A 19 3.17 6.36 7.69
C PRO A 19 2.71 4.91 7.56
N GLY A 20 1.90 4.64 6.54
CA GLY A 20 1.40 3.30 6.33
C GLY A 20 2.47 2.36 5.78
N LEU A 21 3.42 2.93 5.04
CA LEU A 21 4.50 2.14 4.46
C LEU A 21 5.61 1.90 5.47
N GLU A 22 5.87 2.90 6.31
CA GLU A 22 6.90 2.80 7.33
C GLU A 22 6.36 2.15 8.61
N GLY A 23 5.04 2.25 8.78
CA GLY A 23 4.41 1.68 9.96
C GLY A 23 3.79 2.73 10.85
N GLY A 24 2.98 2.28 11.81
CA GLY A 24 2.32 3.20 12.72
C GLY A 24 1.95 2.57 14.03
N THR A 25 0.66 2.61 14.37
CA THR A 25 0.18 2.04 15.62
C THR A 25 -1.06 1.17 15.38
N THR A 26 -1.29 0.21 16.27
CA THR A 26 -2.43 -0.68 16.15
C THR A 26 -3.73 0.06 16.40
N GLY A 27 -4.80 -0.36 15.71
CA GLY A 27 -6.09 0.28 15.88
C GLY A 27 -6.13 1.67 15.29
N VAL A 28 -5.11 1.99 14.49
CA VAL A 28 -5.04 3.31 13.86
C VAL A 28 -5.01 3.19 12.34
N SER A 29 -6.09 3.64 11.70
CA SER A 29 -6.20 3.57 10.24
C SER A 29 -5.09 4.37 9.59
N SER A 30 -4.09 3.66 9.04
CA SER A 30 -2.96 4.30 8.38
C SER A 30 -3.28 4.57 6.91
N GLU A 31 -2.47 5.42 6.28
CA GLU A 31 -2.66 5.75 4.88
C GLU A 31 -1.35 6.25 4.26
N PHE A 32 -1.17 5.98 2.97
CA PHE A 32 0.02 6.38 2.26
C PHE A 32 -0.30 6.78 0.82
N ILE A 33 0.40 7.78 0.32
CA ILE A 33 0.19 8.27 -1.04
C ILE A 33 1.21 7.66 -2.01
N VAL A 34 0.78 7.40 -3.24
CA VAL A 34 1.66 6.83 -4.25
C VAL A 34 1.86 7.80 -5.40
N ASN A 35 3.01 8.47 -5.43
CA ASN A 35 3.33 9.41 -6.49
C ASN A 35 3.57 8.70 -7.81
N THR A 36 2.57 8.69 -8.67
CA THR A 36 2.68 8.05 -9.97
C THR A 36 2.65 9.06 -11.10
N LEU A 37 2.51 10.33 -10.74
CA LEU A 37 2.47 11.40 -11.73
C LEU A 37 3.70 11.38 -12.62
N ASN A 38 4.86 11.17 -12.00
CA ASN A 38 6.11 11.11 -12.73
C ASN A 38 6.09 9.99 -13.78
N ALA A 39 5.38 8.91 -13.46
CA ALA A 39 5.28 7.78 -14.36
C ALA A 39 4.58 8.17 -15.66
N GLY A 40 3.40 8.75 -15.54
CA GLY A 40 2.64 9.16 -16.70
C GLY A 40 1.24 8.60 -16.72
N SER A 41 1.13 7.29 -16.92
CA SER A 41 -0.17 6.62 -16.97
C SER A 41 -0.01 5.12 -16.80
N GLY A 42 -0.96 4.49 -16.11
CA GLY A 42 -0.91 3.06 -15.89
C GLY A 42 -1.75 2.63 -14.71
N ALA A 43 -1.71 1.34 -14.39
CA ALA A 43 -2.47 0.79 -13.28
C ALA A 43 -1.58 0.61 -12.04
N LEU A 44 -2.21 0.41 -10.89
CA LEU A 44 -1.48 0.22 -9.65
C LEU A 44 -2.04 -0.96 -8.86
N SER A 45 -1.17 -1.68 -8.17
CA SER A 45 -1.58 -2.83 -7.38
C SER A 45 -1.07 -2.71 -5.94
N VAL A 46 -1.98 -2.89 -4.99
CA VAL A 46 -1.63 -2.80 -3.58
C VAL A 46 -2.10 -4.02 -2.81
N THR A 47 -1.31 -4.46 -1.84
CA THR A 47 -1.65 -5.63 -1.03
C THR A 47 -0.86 -5.64 0.27
N ILE A 48 -1.50 -6.11 1.34
CA ILE A 48 -0.87 -6.18 2.65
C ILE A 48 -0.93 -7.58 3.22
N ASP A 49 0.17 -8.01 3.84
CA ASP A 49 0.24 -9.34 4.43
C ASP A 49 0.95 -9.29 5.79
N GLY A 50 0.17 -9.44 6.85
CA GLY A 50 0.73 -9.41 8.19
C GLY A 50 0.18 -10.51 9.08
N PRO A 51 0.40 -10.38 10.40
CA PRO A 51 -0.07 -11.37 11.37
C PRO A 51 -1.58 -11.37 11.52
N SER A 52 -2.23 -10.36 10.93
CA SER A 52 -3.68 -10.25 11.01
C SER A 52 -4.22 -9.45 9.82
N LYS A 53 -4.94 -10.13 8.93
CA LYS A 53 -5.51 -9.48 7.76
C LYS A 53 -5.95 -8.06 8.08
N VAL A 54 -5.70 -7.14 7.16
CA VAL A 54 -6.08 -5.74 7.34
C VAL A 54 -7.01 -5.28 6.23
N GLN A 55 -8.03 -4.50 6.60
CA GLN A 55 -8.98 -3.98 5.63
C GLN A 55 -8.49 -2.69 5.00
N LEU A 56 -7.98 -2.79 3.77
CA LEU A 56 -7.46 -1.63 3.06
C LEU A 56 -8.55 -0.99 2.20
N ASP A 57 -8.53 0.34 2.13
CA ASP A 57 -9.52 1.07 1.35
C ASP A 57 -8.83 1.94 0.30
N CYS A 58 -9.01 1.58 -0.97
CA CYS A 58 -8.41 2.32 -2.08
C CYS A 58 -9.18 3.62 -2.33
N ARG A 59 -8.43 4.71 -2.52
CA ARG A 59 -9.04 6.02 -2.78
C ARG A 59 -8.23 6.81 -3.78
N GLU A 60 -8.81 7.88 -4.30
CA GLU A 60 -8.13 8.73 -5.27
C GLU A 60 -7.48 9.93 -4.59
N CYS A 61 -6.37 10.40 -5.15
CA CYS A 61 -5.66 11.55 -4.59
C CYS A 61 -5.04 12.39 -5.70
N PRO A 62 -4.85 13.69 -5.42
CA PRO A 62 -4.27 14.62 -6.39
C PRO A 62 -2.78 14.35 -6.62
N GLU A 63 -2.24 13.36 -5.92
CA GLU A 63 -0.83 13.01 -6.05
C GLU A 63 -0.68 11.65 -6.72
N GLY A 64 -1.79 10.99 -6.98
CA GLY A 64 -1.76 9.68 -7.62
C GLY A 64 -2.77 8.72 -7.02
N HIS A 65 -2.27 7.74 -6.27
CA HIS A 65 -3.13 6.75 -5.63
C HIS A 65 -2.90 6.71 -4.13
N VAL A 66 -3.99 6.56 -3.37
CA VAL A 66 -3.91 6.51 -1.91
C VAL A 66 -4.72 5.35 -1.36
N VAL A 67 -4.28 4.82 -0.22
CA VAL A 67 -4.97 3.70 0.42
C VAL A 67 -5.07 3.90 1.92
N THR A 68 -6.13 3.37 2.52
CA THR A 68 -6.34 3.49 3.95
C THR A 68 -6.67 2.14 4.57
N TYR A 69 -5.79 1.66 5.43
CA TYR A 69 -5.98 0.38 6.10
C TYR A 69 -5.86 0.53 7.61
N THR A 70 -6.37 -0.47 8.34
CA THR A 70 -6.33 -0.45 9.80
C THR A 70 -5.70 -1.73 10.34
N PRO A 71 -4.62 -1.58 11.12
CA PRO A 71 -3.91 -2.71 11.71
C PRO A 71 -4.72 -3.38 12.82
N MET A 72 -4.47 -4.67 13.03
CA MET A 72 -5.18 -5.43 14.04
C MET A 72 -4.20 -6.05 15.03
N ALA A 73 -2.94 -6.20 14.61
CA ALA A 73 -1.91 -6.77 15.45
C ALA A 73 -0.54 -6.19 15.13
N PRO A 74 0.29 -6.01 16.17
CA PRO A 74 1.64 -5.46 16.01
C PRO A 74 2.58 -6.41 15.30
N GLY A 75 2.99 -6.04 14.09
CA GLY A 75 3.89 -6.88 13.32
C GLY A 75 4.43 -6.16 12.10
N ASN A 76 5.01 -6.94 11.18
CA ASN A 76 5.58 -6.38 9.95
C ASN A 76 4.69 -6.70 8.75
N TYR A 77 3.82 -5.76 8.40
CA TYR A 77 2.90 -5.94 7.27
C TYR A 77 3.64 -5.75 5.95
N LEU A 78 3.62 -6.78 5.11
CA LEU A 78 4.28 -6.73 3.82
C LEU A 78 3.42 -5.99 2.79
N ILE A 79 3.77 -4.73 2.53
CA ILE A 79 3.03 -3.92 1.57
C ILE A 79 3.63 -4.04 0.17
N ALA A 80 2.94 -4.76 -0.70
CA ALA A 80 3.42 -4.95 -2.06
C ALA A 80 2.79 -3.91 -3.00
N ILE A 81 3.63 -3.08 -3.61
CA ILE A 81 3.16 -2.05 -4.52
C ILE A 81 3.80 -2.20 -5.90
N LYS A 82 2.98 -2.20 -6.93
CA LYS A 82 3.47 -2.33 -8.31
C LYS A 82 2.88 -1.25 -9.20
N TYR A 83 3.37 -1.18 -10.44
CA TYR A 83 2.89 -0.20 -11.39
C TYR A 83 3.43 -0.47 -12.79
N GLY A 84 2.54 -0.47 -13.77
CA GLY A 84 2.95 -0.72 -15.15
C GLY A 84 3.97 -1.84 -15.25
N GLY A 85 3.64 -2.99 -14.68
CA GLY A 85 4.55 -4.12 -14.73
C GLY A 85 4.39 -5.04 -13.52
N PRO A 86 4.60 -6.34 -13.73
CA PRO A 86 4.49 -7.34 -12.66
C PRO A 86 5.61 -7.24 -11.65
N GLN A 87 6.58 -6.39 -11.94
CA GLN A 87 7.72 -6.19 -11.06
C GLN A 87 7.44 -5.09 -10.04
N HIS A 88 8.03 -5.22 -8.85
CA HIS A 88 7.83 -4.24 -7.79
C HIS A 88 8.49 -2.91 -8.16
N ILE A 89 7.83 -1.81 -7.78
CA ILE A 89 8.34 -0.48 -8.06
C ILE A 89 9.59 -0.19 -7.24
N VAL A 90 10.35 0.83 -7.66
CA VAL A 90 11.56 1.21 -6.94
C VAL A 90 11.28 1.48 -5.48
N GLY A 91 11.64 0.52 -4.62
CA GLY A 91 11.42 0.67 -3.20
C GLY A 91 10.63 -0.49 -2.61
N SER A 92 9.63 -0.96 -3.35
CA SER A 92 8.80 -2.07 -2.89
C SER A 92 9.58 -3.38 -2.93
N PRO A 93 9.17 -4.33 -2.08
CA PRO A 93 8.03 -4.15 -1.16
C PRO A 93 8.35 -3.15 -0.05
N PHE A 94 7.32 -2.78 0.71
CA PHE A 94 7.49 -1.83 1.81
C PHE A 94 7.16 -2.49 3.15
N LYS A 95 8.17 -2.63 4.00
CA LYS A 95 7.99 -3.24 5.31
C LYS A 95 7.38 -2.24 6.29
N ALA A 96 6.22 -2.58 6.84
CA ALA A 96 5.54 -1.73 7.80
C ALA A 96 5.46 -2.39 9.17
N LYS A 97 6.20 -1.84 10.13
CA LYS A 97 6.21 -2.38 11.48
C LYS A 97 5.31 -1.55 12.41
N VAL A 98 4.10 -2.04 12.65
CA VAL A 98 3.15 -1.35 13.51
C VAL A 98 3.48 -1.56 14.98
N THR A 99 3.11 -0.61 15.81
CA THR A 99 3.37 -0.68 17.24
C THR A 99 2.07 -0.75 18.04
N GLY A 100 2.17 -1.13 19.31
CA GLY A 100 1.00 -1.23 20.15
C GLY A 100 0.54 -2.66 20.35
N PRO A 101 -0.41 -2.86 21.28
CA PRO A 101 -0.96 -4.19 21.58
C PRO A 101 -1.80 -4.74 20.44
N ARG A 102 -2.08 -6.04 20.49
CA ARG A 102 -2.88 -6.68 19.46
C ARG A 102 -4.37 -6.28 19.59
N LEU A 103 -4.75 -5.24 18.88
CA LEU A 103 -6.12 -4.75 18.91
C LEU A 103 -6.97 -5.44 17.84
N SER A 104 -7.14 -6.74 17.98
CA SER A 104 -7.93 -7.52 17.03
C SER A 104 -9.42 -7.42 17.35
N GLY A 105 -9.78 -7.80 18.57
CA GLY A 105 -11.18 -7.75 18.97
C GLY A 105 -11.66 -6.33 19.21
N SER A 106 -12.97 -6.16 19.31
CA SER A 106 -13.56 -4.84 19.52
C SER A 106 -14.89 -4.96 20.26
N GLY A 107 -15.44 -3.82 20.66
CA GLY A 107 -16.70 -3.81 21.36
C GLY A 107 -16.67 -4.65 22.63
N PRO A 108 -17.86 -4.94 23.18
CA PRO A 108 -17.98 -5.74 24.41
C PRO A 108 -17.62 -7.20 24.18
N SER A 109 -17.33 -7.55 22.94
CA SER A 109 -16.98 -8.92 22.59
C SER A 109 -16.02 -9.50 23.62
N SER A 110 -16.30 -10.73 24.06
CA SER A 110 -15.47 -11.40 25.04
C SER A 110 -15.32 -12.88 24.71
N GLY A 111 -14.19 -13.47 25.11
CA GLY A 111 -13.95 -14.87 24.85
C GLY A 111 -12.74 -15.10 23.96
N GLY A 1 -4.97 -11.53 -34.31
CA GLY A 1 -3.83 -11.15 -35.12
C GLY A 1 -2.60 -11.96 -34.78
N SER A 2 -1.48 -11.28 -34.53
CA SER A 2 -0.23 -11.95 -34.20
C SER A 2 0.01 -11.93 -32.70
N SER A 3 0.75 -12.92 -32.21
CA SER A 3 1.06 -13.03 -30.79
C SER A 3 2.19 -12.09 -30.40
N GLY A 4 2.29 -11.79 -29.11
CA GLY A 4 3.33 -10.90 -28.64
C GLY A 4 2.80 -9.79 -27.76
N SER A 5 3.02 -9.90 -26.46
CA SER A 5 2.55 -8.91 -25.51
C SER A 5 3.56 -8.68 -24.39
N SER A 6 3.94 -7.44 -24.17
CA SER A 6 4.90 -7.10 -23.13
C SER A 6 4.27 -6.22 -22.05
N GLY A 7 3.59 -5.16 -22.49
CA GLY A 7 2.94 -4.26 -21.55
C GLY A 7 3.46 -2.84 -21.66
N ALA A 8 2.91 -1.95 -20.83
CA ALA A 8 3.33 -0.55 -20.84
C ALA A 8 3.28 0.04 -19.44
N GLY A 9 4.19 0.98 -19.17
CA GLY A 9 4.22 1.62 -17.86
C GLY A 9 5.63 1.94 -17.42
N ASP A 10 5.75 2.82 -16.44
CA ASP A 10 7.06 3.21 -15.92
C ASP A 10 7.07 3.21 -14.39
N PRO A 11 7.51 2.09 -13.80
CA PRO A 11 7.59 1.93 -12.35
C PRO A 11 8.66 2.80 -11.72
N GLY A 12 9.82 2.89 -12.38
CA GLY A 12 10.91 3.69 -11.87
C GLY A 12 10.49 5.13 -11.61
N LEU A 13 9.46 5.58 -12.32
CA LEU A 13 8.98 6.95 -12.16
C LEU A 13 7.81 6.99 -11.18
N VAL A 14 7.75 6.03 -10.28
CA VAL A 14 6.69 5.96 -9.29
C VAL A 14 7.26 5.76 -7.89
N SER A 15 6.78 6.56 -6.94
CA SER A 15 7.25 6.47 -5.56
C SER A 15 6.08 6.58 -4.59
N ALA A 16 6.29 6.09 -3.36
CA ALA A 16 5.25 6.14 -2.35
C ALA A 16 5.82 6.57 -1.00
N TYR A 17 5.08 7.41 -0.29
CA TYR A 17 5.51 7.90 1.02
C TYR A 17 4.36 7.94 2.00
N GLY A 18 4.67 7.82 3.28
CA GLY A 18 3.65 7.85 4.31
C GLY A 18 3.98 6.95 5.48
N PRO A 19 3.25 7.13 6.59
CA PRO A 19 3.45 6.34 7.82
C PRO A 19 3.01 4.89 7.65
N GLY A 20 2.20 4.63 6.62
CA GLY A 20 1.72 3.29 6.36
C GLY A 20 2.82 2.35 5.90
N LEU A 21 3.72 2.87 5.07
CA LEU A 21 4.83 2.07 4.56
C LEU A 21 5.85 1.79 5.65
N GLU A 22 6.19 2.82 6.42
CA GLU A 22 7.16 2.68 7.50
C GLU A 22 6.52 2.02 8.71
N GLY A 23 5.21 2.21 8.86
CA GLY A 23 4.50 1.62 9.98
C GLY A 23 3.94 2.66 10.92
N GLY A 24 3.26 2.22 11.97
CA GLY A 24 2.67 3.13 12.93
C GLY A 24 2.23 2.44 14.20
N THR A 25 0.96 2.62 14.57
CA THR A 25 0.42 2.01 15.77
C THR A 25 -0.73 1.08 15.44
N THR A 26 -1.02 0.14 16.34
CA THR A 26 -2.09 -0.82 16.15
C THR A 26 -3.45 -0.14 16.28
N GLY A 27 -4.44 -0.66 15.54
CA GLY A 27 -5.77 -0.09 15.59
C GLY A 27 -5.81 1.37 15.17
N VAL A 28 -4.84 1.77 14.35
CA VAL A 28 -4.76 3.14 13.88
C VAL A 28 -4.84 3.20 12.35
N SER A 29 -5.98 3.66 11.84
CA SER A 29 -6.17 3.76 10.39
C SER A 29 -5.01 4.49 9.73
N SER A 30 -4.11 3.73 9.12
CA SER A 30 -2.95 4.31 8.46
C SER A 30 -3.21 4.51 6.97
N GLU A 31 -2.45 5.39 6.35
CA GLU A 31 -2.60 5.68 4.93
C GLU A 31 -1.31 6.24 4.33
N PHE A 32 -1.13 6.06 3.04
CA PHE A 32 0.07 6.54 2.35
C PHE A 32 -0.27 6.98 0.92
N ILE A 33 0.47 7.96 0.43
CA ILE A 33 0.25 8.46 -0.92
C ILE A 33 1.23 7.83 -1.91
N VAL A 34 0.77 7.62 -3.13
CA VAL A 34 1.60 7.01 -4.17
C VAL A 34 1.65 7.90 -5.41
N ASN A 35 2.73 8.65 -5.55
CA ASN A 35 2.90 9.54 -6.70
C ASN A 35 3.15 8.75 -7.98
N THR A 36 2.19 8.80 -8.89
CA THR A 36 2.29 8.09 -10.16
C THR A 36 2.21 9.04 -11.34
N LEU A 37 1.93 10.32 -11.05
CA LEU A 37 1.82 11.32 -12.09
C LEU A 37 2.96 11.21 -13.10
N ASN A 38 4.19 11.29 -12.60
CA ASN A 38 5.37 11.20 -13.45
C ASN A 38 5.23 10.03 -14.43
N ALA A 39 4.70 8.91 -13.94
CA ALA A 39 4.52 7.73 -14.77
C ALA A 39 3.51 7.99 -15.88
N GLY A 40 2.30 8.39 -15.50
CA GLY A 40 1.26 8.67 -16.47
C GLY A 40 0.10 7.70 -16.37
N SER A 41 0.18 6.59 -17.10
CA SER A 41 -0.87 5.59 -17.10
C SER A 41 -0.32 4.23 -16.70
N GLY A 42 -1.15 3.42 -16.03
CA GLY A 42 -0.72 2.10 -15.61
C GLY A 42 -1.60 1.54 -14.50
N ALA A 43 -1.55 0.22 -14.34
CA ALA A 43 -2.35 -0.45 -13.31
C ALA A 43 -1.57 -0.55 -12.00
N LEU A 44 -2.03 0.19 -10.99
CA LEU A 44 -1.38 0.18 -9.68
C LEU A 44 -1.92 -0.94 -8.81
N SER A 45 -1.02 -1.71 -8.20
CA SER A 45 -1.41 -2.82 -7.34
C SER A 45 -0.92 -2.60 -5.92
N VAL A 46 -1.85 -2.60 -4.96
CA VAL A 46 -1.51 -2.41 -3.56
C VAL A 46 -2.10 -3.51 -2.69
N THR A 47 -1.31 -3.99 -1.73
CA THR A 47 -1.77 -5.05 -0.84
C THR A 47 -0.99 -5.02 0.48
N ILE A 48 -1.47 -5.77 1.46
CA ILE A 48 -0.82 -5.83 2.76
C ILE A 48 -0.72 -7.27 3.26
N ASP A 49 0.45 -7.63 3.78
CA ASP A 49 0.67 -8.98 4.30
C ASP A 49 1.17 -8.94 5.74
N GLY A 50 0.32 -9.36 6.67
CA GLY A 50 0.70 -9.35 8.08
C GLY A 50 0.15 -10.55 8.83
N PRO A 51 0.30 -10.54 10.16
CA PRO A 51 -0.18 -11.62 11.02
C PRO A 51 -1.70 -11.67 11.10
N SER A 52 -2.34 -10.58 10.72
CA SER A 52 -3.79 -10.48 10.75
C SER A 52 -4.32 -9.73 9.53
N LYS A 53 -5.39 -10.27 8.94
CA LYS A 53 -6.00 -9.65 7.76
C LYS A 53 -6.34 -8.19 8.03
N VAL A 54 -5.83 -7.31 7.17
CA VAL A 54 -6.08 -5.88 7.31
C VAL A 54 -7.05 -5.39 6.24
N GLN A 55 -7.92 -4.46 6.62
CA GLN A 55 -8.90 -3.91 5.70
C GLN A 55 -8.38 -2.63 5.04
N LEU A 56 -8.05 -2.73 3.77
CA LEU A 56 -7.52 -1.59 3.02
C LEU A 56 -8.61 -0.98 2.14
N ASP A 57 -8.57 0.34 1.99
CA ASP A 57 -9.55 1.04 1.16
C ASP A 57 -8.85 1.94 0.14
N CYS A 58 -9.04 1.63 -1.14
CA CYS A 58 -8.44 2.41 -2.21
C CYS A 58 -9.17 3.74 -2.40
N ARG A 59 -8.40 4.81 -2.58
CA ARG A 59 -8.98 6.14 -2.77
C ARG A 59 -8.25 6.90 -3.88
N GLU A 60 -8.74 8.09 -4.19
CA GLU A 60 -8.13 8.91 -5.23
C GLU A 60 -7.51 10.18 -4.64
N CYS A 61 -6.23 10.38 -4.91
CA CYS A 61 -5.51 11.55 -4.41
C CYS A 61 -5.00 12.41 -5.56
N PRO A 62 -4.85 13.72 -5.30
CA PRO A 62 -4.38 14.68 -6.30
C PRO A 62 -2.90 14.48 -6.63
N GLU A 63 -2.28 13.51 -5.97
CA GLU A 63 -0.87 13.21 -6.21
C GLU A 63 -0.70 11.89 -6.93
N GLY A 64 -1.75 11.07 -6.92
CA GLY A 64 -1.70 9.78 -7.57
C GLY A 64 -2.72 8.81 -7.01
N HIS A 65 -2.24 7.89 -6.17
CA HIS A 65 -3.11 6.89 -5.56
C HIS A 65 -2.88 6.82 -4.05
N VAL A 66 -3.97 6.74 -3.29
CA VAL A 66 -3.88 6.67 -1.84
C VAL A 66 -4.72 5.51 -1.30
N VAL A 67 -4.20 4.85 -0.26
CA VAL A 67 -4.90 3.72 0.35
C VAL A 67 -4.80 3.77 1.87
N THR A 68 -5.91 3.47 2.54
CA THR A 68 -5.95 3.49 3.99
C THR A 68 -6.26 2.10 4.55
N TYR A 69 -5.48 1.68 5.54
CA TYR A 69 -5.67 0.37 6.15
C TYR A 69 -5.58 0.47 7.67
N THR A 70 -6.01 -0.59 8.36
CA THR A 70 -5.99 -0.62 9.82
C THR A 70 -5.45 -1.96 10.32
N PRO A 71 -4.33 -1.91 11.05
CA PRO A 71 -3.70 -3.11 11.61
C PRO A 71 -4.52 -3.73 12.74
N MET A 72 -4.65 -5.06 12.71
CA MET A 72 -5.40 -5.77 13.72
C MET A 72 -4.49 -6.29 14.83
N ALA A 73 -3.25 -6.59 14.46
CA ALA A 73 -2.27 -7.10 15.43
C ALA A 73 -0.88 -6.53 15.15
N PRO A 74 -0.06 -6.42 16.20
CA PRO A 74 1.30 -5.90 16.08
C PRO A 74 2.23 -6.86 15.35
N GLY A 75 2.94 -6.33 14.35
CA GLY A 75 3.86 -7.16 13.59
C GLY A 75 4.42 -6.42 12.38
N ASN A 76 4.89 -7.18 11.39
CA ASN A 76 5.46 -6.59 10.19
C ASN A 76 4.53 -6.81 8.99
N TYR A 77 3.86 -5.73 8.58
CA TYR A 77 2.94 -5.79 7.45
C TYR A 77 3.64 -5.40 6.16
N LEU A 78 3.81 -6.38 5.26
CA LEU A 78 4.46 -6.15 3.98
C LEU A 78 3.49 -5.52 2.98
N ILE A 79 3.80 -4.31 2.54
CA ILE A 79 2.96 -3.61 1.58
C ILE A 79 3.53 -3.72 0.17
N ALA A 80 2.82 -4.42 -0.70
CA ALA A 80 3.25 -4.59 -2.09
C ALA A 80 2.76 -3.45 -2.97
N ILE A 81 3.66 -2.90 -3.77
CA ILE A 81 3.32 -1.79 -4.66
C ILE A 81 3.90 -2.01 -6.05
N LYS A 82 3.02 -2.20 -7.04
CA LYS A 82 3.44 -2.41 -8.42
C LYS A 82 2.82 -1.38 -9.34
N TYR A 83 3.23 -1.39 -10.60
CA TYR A 83 2.72 -0.46 -11.59
C TYR A 83 3.19 -0.83 -12.99
N GLY A 84 2.29 -1.39 -13.79
CA GLY A 84 2.63 -1.78 -15.14
C GLY A 84 3.87 -2.66 -15.20
N GLY A 85 3.90 -3.68 -14.33
CA GLY A 85 5.03 -4.58 -14.30
C GLY A 85 4.84 -5.72 -13.32
N PRO A 86 5.40 -6.89 -13.65
CA PRO A 86 5.30 -8.10 -12.81
C PRO A 86 6.09 -7.97 -11.52
N GLN A 87 6.88 -6.90 -11.43
CA GLN A 87 7.70 -6.66 -10.24
C GLN A 87 7.26 -5.39 -9.52
N HIS A 88 7.80 -5.18 -8.32
CA HIS A 88 7.45 -4.00 -7.53
C HIS A 88 8.14 -2.75 -8.09
N ILE A 89 7.84 -1.61 -7.49
CA ILE A 89 8.43 -0.34 -7.92
C ILE A 89 9.64 0.03 -7.06
N VAL A 90 10.36 1.06 -7.48
CA VAL A 90 11.53 1.52 -6.75
C VAL A 90 11.18 1.81 -5.29
N GLY A 91 11.50 0.86 -4.42
CA GLY A 91 11.21 1.03 -3.00
C GLY A 91 10.50 -0.17 -2.41
N SER A 92 9.62 -0.78 -3.20
CA SER A 92 8.87 -1.94 -2.73
C SER A 92 9.61 -3.24 -3.03
N PRO A 93 9.23 -4.32 -2.34
CA PRO A 93 8.14 -4.28 -1.36
C PRO A 93 8.52 -3.50 -0.10
N PHE A 94 7.57 -2.74 0.43
CA PHE A 94 7.81 -1.95 1.64
C PHE A 94 7.40 -2.72 2.89
N LYS A 95 8.30 -2.75 3.87
CA LYS A 95 8.04 -3.45 5.12
C LYS A 95 7.63 -2.47 6.21
N ALA A 96 6.40 -2.62 6.71
CA ALA A 96 5.89 -1.76 7.76
C ALA A 96 5.90 -2.47 9.11
N LYS A 97 6.21 -1.73 10.17
CA LYS A 97 6.25 -2.28 11.51
C LYS A 97 5.28 -1.56 12.44
N VAL A 98 4.16 -2.22 12.74
CA VAL A 98 3.14 -1.64 13.62
C VAL A 98 3.43 -1.97 15.08
N THR A 99 3.28 -0.96 15.94
CA THR A 99 3.53 -1.15 17.37
C THR A 99 2.24 -0.95 18.17
N GLY A 100 2.15 -1.65 19.30
CA GLY A 100 0.97 -1.54 20.14
C GLY A 100 0.25 -2.87 20.31
N PRO A 101 -0.67 -2.92 21.28
CA PRO A 101 -1.45 -4.14 21.56
C PRO A 101 -2.45 -4.46 20.45
N ARG A 102 -2.89 -5.72 20.40
CA ARG A 102 -3.84 -6.15 19.39
C ARG A 102 -5.14 -5.36 19.49
N LEU A 103 -5.49 -4.67 18.41
CA LEU A 103 -6.71 -3.88 18.38
C LEU A 103 -7.59 -4.28 17.19
N SER A 104 -8.79 -4.76 17.49
CA SER A 104 -9.73 -5.17 16.46
C SER A 104 -10.58 -4.00 15.99
N GLY A 105 -10.65 -3.81 14.67
CA GLY A 105 -11.44 -2.72 14.12
C GLY A 105 -12.54 -3.20 13.21
N SER A 106 -12.50 -2.77 11.95
CA SER A 106 -13.51 -3.16 10.97
C SER A 106 -13.44 -4.67 10.71
N GLY A 107 -14.54 -5.36 11.04
CA GLY A 107 -14.59 -6.80 10.84
C GLY A 107 -15.78 -7.44 11.51
N PRO A 108 -16.94 -7.43 10.81
CA PRO A 108 -18.18 -8.00 11.33
C PRO A 108 -18.12 -9.52 11.41
N SER A 109 -17.20 -10.12 10.65
CA SER A 109 -17.05 -11.57 10.62
C SER A 109 -16.81 -12.12 12.03
N SER A 110 -17.81 -12.81 12.56
CA SER A 110 -17.71 -13.38 13.90
C SER A 110 -17.00 -12.41 14.85
N GLY A 111 -17.39 -11.14 14.79
CA GLY A 111 -16.79 -10.15 15.65
C GLY A 111 -15.27 -10.14 15.57
N GLY A 1 14.34 -3.58 -24.07
CA GLY A 1 15.10 -4.64 -24.70
C GLY A 1 14.21 -5.78 -25.19
N SER A 2 13.19 -5.43 -25.95
CA SER A 2 12.27 -6.44 -26.48
C SER A 2 11.63 -5.97 -27.78
N SER A 3 11.27 -6.92 -28.65
CA SER A 3 10.66 -6.59 -29.93
C SER A 3 9.20 -6.20 -29.75
N GLY A 4 8.57 -5.79 -30.85
CA GLY A 4 7.18 -5.39 -30.79
C GLY A 4 6.98 -4.06 -30.10
N SER A 5 5.77 -3.81 -29.61
CA SER A 5 5.45 -2.57 -28.93
C SER A 5 4.85 -2.84 -27.56
N SER A 6 5.71 -2.91 -26.54
CA SER A 6 5.27 -3.17 -25.18
C SER A 6 5.75 -2.08 -24.24
N GLY A 7 4.87 -1.12 -23.94
CA GLY A 7 5.23 -0.02 -23.05
C GLY A 7 4.14 0.28 -22.05
N ALA A 8 4.30 -0.25 -20.83
CA ALA A 8 3.32 -0.03 -19.77
C ALA A 8 3.85 0.96 -18.73
N GLY A 9 3.77 2.25 -19.04
CA GLY A 9 4.24 3.27 -18.13
C GLY A 9 5.68 3.06 -17.73
N ASP A 10 5.96 3.22 -16.43
CA ASP A 10 7.31 3.04 -15.91
C ASP A 10 7.31 3.05 -14.38
N PRO A 11 7.69 1.90 -13.80
CA PRO A 11 7.74 1.74 -12.34
C PRO A 11 8.86 2.56 -11.71
N GLY A 12 10.00 2.62 -12.38
CA GLY A 12 11.13 3.38 -11.88
C GLY A 12 10.76 4.81 -11.53
N LEU A 13 9.80 5.36 -12.25
CA LEU A 13 9.36 6.73 -12.00
C LEU A 13 8.17 6.76 -11.05
N VAL A 14 8.02 5.70 -10.27
CA VAL A 14 6.93 5.60 -9.30
C VAL A 14 7.46 5.36 -7.89
N SER A 15 6.94 6.14 -6.94
CA SER A 15 7.37 6.01 -5.55
C SER A 15 6.18 6.18 -4.60
N ALA A 16 6.36 5.74 -3.36
CA ALA A 16 5.31 5.83 -2.36
C ALA A 16 5.85 6.42 -1.05
N TYR A 17 5.08 7.33 -0.47
CA TYR A 17 5.47 7.98 0.79
C TYR A 17 4.30 8.05 1.75
N GLY A 18 4.60 7.92 3.05
CA GLY A 18 3.56 7.98 4.05
C GLY A 18 3.88 7.12 5.26
N PRO A 19 3.18 7.38 6.38
CA PRO A 19 3.38 6.63 7.63
C PRO A 19 2.88 5.19 7.53
N GLY A 20 1.94 4.96 6.62
CA GLY A 20 1.40 3.63 6.45
C GLY A 20 2.44 2.63 5.98
N LEU A 21 3.40 3.10 5.19
CA LEU A 21 4.45 2.24 4.67
C LEU A 21 5.49 1.94 5.76
N GLU A 22 5.92 2.98 6.45
CA GLU A 22 6.91 2.84 7.52
C GLU A 22 6.28 2.22 8.76
N GLY A 23 4.96 2.35 8.88
CA GLY A 23 4.26 1.80 10.02
C GLY A 23 3.62 2.87 10.89
N GLY A 24 2.89 2.45 11.91
CA GLY A 24 2.25 3.40 12.80
C GLY A 24 1.86 2.78 14.13
N THR A 25 0.55 2.68 14.37
CA THR A 25 0.05 2.11 15.61
C THR A 25 -1.07 1.11 15.34
N THR A 26 -1.32 0.22 16.31
CA THR A 26 -2.37 -0.78 16.17
C THR A 26 -3.74 -0.15 16.24
N GLY A 27 -4.71 -0.77 15.56
CA GLY A 27 -6.07 -0.24 15.57
C GLY A 27 -6.14 1.18 15.07
N VAL A 28 -5.08 1.64 14.41
CA VAL A 28 -5.03 2.98 13.89
C VAL A 28 -5.04 2.99 12.36
N SER A 29 -5.96 3.76 11.78
CA SER A 29 -6.09 3.84 10.34
C SER A 29 -4.81 4.41 9.72
N SER A 30 -4.02 3.53 9.07
CA SER A 30 -2.78 3.95 8.44
C SER A 30 -2.93 3.97 6.93
N GLU A 31 -2.43 5.03 6.30
CA GLU A 31 -2.50 5.17 4.86
C GLU A 31 -1.20 5.77 4.30
N PHE A 32 -1.12 5.85 2.97
CA PHE A 32 0.06 6.40 2.32
C PHE A 32 -0.26 6.84 0.89
N ILE A 33 0.54 7.76 0.36
CA ILE A 33 0.34 8.27 -0.99
C ILE A 33 1.35 7.65 -1.95
N VAL A 34 0.88 7.32 -3.16
CA VAL A 34 1.74 6.73 -4.17
C VAL A 34 1.95 7.69 -5.34
N ASN A 35 3.12 8.32 -5.37
CA ASN A 35 3.46 9.26 -6.43
C ASN A 35 3.66 8.55 -7.76
N THR A 36 2.63 8.55 -8.59
CA THR A 36 2.69 7.90 -9.90
C THR A 36 2.68 8.92 -11.02
N LEU A 37 2.48 10.18 -10.67
CA LEU A 37 2.45 11.26 -11.65
C LEU A 37 3.66 11.19 -12.58
N ASN A 38 4.85 11.21 -11.99
CA ASN A 38 6.09 11.15 -12.76
C ASN A 38 6.02 10.06 -13.82
N ALA A 39 5.33 8.97 -13.49
CA ALA A 39 5.18 7.85 -14.41
C ALA A 39 4.36 8.25 -15.63
N GLY A 40 3.14 8.73 -15.38
CA GLY A 40 2.26 9.14 -16.46
C GLY A 40 0.86 8.57 -16.33
N SER A 41 0.71 7.28 -16.66
CA SER A 41 -0.58 6.62 -16.58
C SER A 41 -0.41 5.11 -16.60
N GLY A 42 -1.36 4.40 -15.96
CA GLY A 42 -1.30 2.96 -15.92
C GLY A 42 -2.12 2.39 -14.77
N ALA A 43 -1.85 1.12 -14.44
CA ALA A 43 -2.56 0.46 -13.35
C ALA A 43 -1.67 0.30 -12.13
N LEU A 44 -2.26 0.48 -10.95
CA LEU A 44 -1.51 0.37 -9.70
C LEU A 44 -2.06 -0.79 -8.85
N SER A 45 -1.15 -1.50 -8.20
CA SER A 45 -1.53 -2.63 -7.35
C SER A 45 -1.01 -2.46 -5.94
N VAL A 46 -1.91 -2.52 -4.96
CA VAL A 46 -1.53 -2.37 -3.56
C VAL A 46 -2.08 -3.51 -2.72
N THR A 47 -1.24 -4.07 -1.86
CA THR A 47 -1.63 -5.16 -0.99
C THR A 47 -0.87 -5.14 0.33
N ILE A 48 -1.31 -5.96 1.27
CA ILE A 48 -0.67 -6.02 2.58
C ILE A 48 -0.48 -7.46 3.03
N ASP A 49 0.50 -7.69 3.90
CA ASP A 49 0.77 -9.04 4.40
C ASP A 49 1.30 -8.97 5.83
N GLY A 50 0.48 -9.41 6.78
CA GLY A 50 0.88 -9.40 8.17
C GLY A 50 0.37 -10.61 8.94
N PRO A 51 0.56 -10.60 10.27
CA PRO A 51 0.12 -11.69 11.14
C PRO A 51 -1.40 -11.76 11.27
N SER A 52 -2.08 -10.80 10.64
CA SER A 52 -3.54 -10.75 10.69
C SER A 52 -4.09 -9.92 9.54
N LYS A 53 -5.15 -10.41 8.92
CA LYS A 53 -5.77 -9.73 7.80
C LYS A 53 -5.94 -8.24 8.10
N VAL A 54 -5.89 -7.41 7.05
CA VAL A 54 -6.04 -5.97 7.21
C VAL A 54 -7.04 -5.40 6.21
N GLN A 55 -8.05 -4.71 6.71
CA GLN A 55 -9.07 -4.12 5.85
C GLN A 55 -8.57 -2.82 5.23
N LEU A 56 -8.15 -2.90 3.96
CA LEU A 56 -7.64 -1.74 3.25
C LEU A 56 -8.73 -1.10 2.40
N ASP A 57 -8.53 0.15 2.02
CA ASP A 57 -9.51 0.87 1.20
C ASP A 57 -8.80 1.80 0.21
N CYS A 58 -8.95 1.50 -1.07
CA CYS A 58 -8.33 2.30 -2.12
C CYS A 58 -9.11 3.59 -2.35
N ARG A 59 -8.38 4.69 -2.53
CA ARG A 59 -9.01 5.98 -2.76
C ARG A 59 -8.24 6.79 -3.81
N GLU A 60 -8.72 7.98 -4.10
CA GLU A 60 -8.07 8.85 -5.09
C GLU A 60 -7.40 10.03 -4.41
N CYS A 61 -6.33 10.52 -5.03
CA CYS A 61 -5.58 11.66 -4.49
C CYS A 61 -4.92 12.46 -5.60
N PRO A 62 -4.72 13.76 -5.36
CA PRO A 62 -4.09 14.66 -6.33
C PRO A 62 -2.61 14.37 -6.52
N GLU A 63 -2.11 13.39 -5.77
CA GLU A 63 -0.70 13.02 -5.86
C GLU A 63 -0.54 11.67 -6.55
N GLY A 64 -1.66 11.04 -6.87
CA GLY A 64 -1.62 9.75 -7.54
C GLY A 64 -2.66 8.78 -6.98
N HIS A 65 -2.22 7.90 -6.10
CA HIS A 65 -3.12 6.91 -5.49
C HIS A 65 -2.91 6.86 -3.97
N VAL A 66 -4.00 6.64 -3.25
CA VAL A 66 -3.95 6.56 -1.79
C VAL A 66 -4.73 5.36 -1.28
N VAL A 67 -4.21 4.72 -0.23
CA VAL A 67 -4.87 3.56 0.36
C VAL A 67 -4.87 3.66 1.88
N THR A 68 -6.01 3.30 2.49
CA THR A 68 -6.15 3.34 3.93
C THR A 68 -6.46 1.96 4.49
N TYR A 69 -5.71 1.55 5.52
CA TYR A 69 -5.90 0.25 6.14
C TYR A 69 -5.85 0.37 7.66
N THR A 70 -6.30 -0.68 8.34
CA THR A 70 -6.31 -0.71 9.80
C THR A 70 -5.67 -1.98 10.34
N PRO A 71 -4.62 -1.82 11.14
CA PRO A 71 -3.90 -2.95 11.74
C PRO A 71 -4.72 -3.66 12.80
N MET A 72 -4.55 -4.98 12.89
CA MET A 72 -5.27 -5.78 13.88
C MET A 72 -4.32 -6.41 14.88
N ALA A 73 -3.02 -6.36 14.57
CA ALA A 73 -2.01 -6.93 15.45
C ALA A 73 -0.65 -6.28 15.21
N PRO A 74 0.12 -6.10 16.29
CA PRO A 74 1.45 -5.49 16.23
C PRO A 74 2.47 -6.37 15.52
N GLY A 75 2.90 -5.95 14.34
CA GLY A 75 3.87 -6.72 13.58
C GLY A 75 4.35 -5.99 12.34
N ASN A 76 5.01 -6.72 11.44
CA ASN A 76 5.52 -6.14 10.22
C ASN A 76 4.62 -6.49 9.02
N TYR A 77 3.90 -5.49 8.52
CA TYR A 77 3.01 -5.69 7.38
C TYR A 77 3.71 -5.36 6.07
N LEU A 78 3.85 -6.36 5.21
CA LEU A 78 4.51 -6.17 3.92
C LEU A 78 3.55 -5.55 2.92
N ILE A 79 3.88 -4.36 2.43
CA ILE A 79 3.05 -3.67 1.46
C ILE A 79 3.64 -3.77 0.06
N ALA A 80 2.88 -4.38 -0.85
CA ALA A 80 3.32 -4.54 -2.22
C ALA A 80 2.75 -3.45 -3.12
N ILE A 81 3.61 -2.77 -3.85
CA ILE A 81 3.19 -1.70 -4.75
C ILE A 81 3.76 -1.90 -6.15
N LYS A 82 2.90 -2.26 -7.09
CA LYS A 82 3.31 -2.48 -8.47
C LYS A 82 2.66 -1.46 -9.41
N TYR A 83 3.24 -1.28 -10.58
CA TYR A 83 2.72 -0.35 -11.57
C TYR A 83 3.12 -0.74 -12.98
N GLY A 84 2.18 -0.68 -13.90
CA GLY A 84 2.46 -1.04 -15.28
C GLY A 84 3.43 -2.20 -15.40
N GLY A 85 3.24 -3.22 -14.56
CA GLY A 85 4.12 -4.37 -14.59
C GLY A 85 3.93 -5.26 -13.37
N PRO A 86 4.09 -6.58 -13.56
CA PRO A 86 3.95 -7.56 -12.49
C PRO A 86 5.09 -7.48 -11.47
N GLN A 87 6.10 -6.67 -11.79
CA GLN A 87 7.24 -6.51 -10.91
C GLN A 87 7.02 -5.36 -9.93
N HIS A 88 7.80 -5.35 -8.85
CA HIS A 88 7.69 -4.31 -7.84
C HIS A 88 8.33 -3.01 -8.31
N ILE A 89 7.84 -1.88 -7.82
CA ILE A 89 8.38 -0.58 -8.18
C ILE A 89 9.63 -0.25 -7.39
N VAL A 90 10.46 0.64 -7.93
CA VAL A 90 11.69 1.05 -7.27
C VAL A 90 11.46 1.30 -5.80
N GLY A 91 12.18 0.57 -4.95
CA GLY A 91 12.04 0.74 -3.52
C GLY A 91 11.20 -0.36 -2.88
N SER A 92 10.15 -0.78 -3.57
CA SER A 92 9.27 -1.82 -3.07
C SER A 92 9.97 -3.18 -3.09
N PRO A 93 9.46 -4.11 -2.27
CA PRO A 93 8.31 -3.86 -1.41
C PRO A 93 8.63 -2.90 -0.26
N PHE A 94 7.64 -2.64 0.59
CA PHE A 94 7.82 -1.74 1.72
C PHE A 94 7.40 -2.41 3.02
N LYS A 95 8.24 -2.30 4.04
CA LYS A 95 7.96 -2.89 5.34
C LYS A 95 7.27 -1.89 6.26
N ALA A 96 6.15 -2.30 6.84
CA ALA A 96 5.40 -1.44 7.74
C ALA A 96 5.32 -2.04 9.14
N LYS A 97 6.14 -1.52 10.05
CA LYS A 97 6.16 -2.01 11.42
C LYS A 97 5.17 -1.25 12.29
N VAL A 98 4.11 -1.94 12.69
CA VAL A 98 3.08 -1.33 13.52
C VAL A 98 3.25 -1.73 14.99
N THR A 99 3.10 -0.76 15.88
CA THR A 99 3.23 -1.00 17.31
C THR A 99 1.91 -0.77 18.04
N GLY A 100 1.77 -1.40 19.20
CA GLY A 100 0.55 -1.24 19.98
C GLY A 100 -0.04 -2.58 20.40
N PRO A 101 -0.96 -2.54 21.37
CA PRO A 101 -1.62 -3.75 21.88
C PRO A 101 -2.57 -4.37 20.86
N ARG A 102 -2.38 -5.66 20.58
CA ARG A 102 -3.23 -6.36 19.63
C ARG A 102 -4.69 -5.97 19.81
N LEU A 103 -5.25 -5.29 18.80
CA LEU A 103 -6.64 -4.85 18.84
C LEU A 103 -7.51 -5.75 17.96
N SER A 104 -7.43 -7.06 18.19
CA SER A 104 -8.20 -8.01 17.41
C SER A 104 -9.42 -8.49 18.21
N GLY A 105 -10.52 -7.74 18.12
CA GLY A 105 -11.73 -8.10 18.83
C GLY A 105 -11.48 -8.29 20.31
N SER A 106 -11.18 -9.52 20.71
CA SER A 106 -10.92 -9.84 22.11
C SER A 106 -12.03 -9.29 23.00
N GLY A 107 -13.27 -9.36 22.50
CA GLY A 107 -14.40 -8.88 23.26
C GLY A 107 -15.52 -9.90 23.35
N PRO A 108 -16.23 -9.90 24.49
CA PRO A 108 -17.34 -10.83 24.74
C PRO A 108 -18.55 -10.52 23.87
N SER A 109 -19.29 -11.56 23.50
CA SER A 109 -20.47 -11.40 22.67
C SER A 109 -21.42 -12.59 22.83
N SER A 110 -22.70 -12.36 22.57
CA SER A 110 -23.71 -13.41 22.69
C SER A 110 -23.39 -14.57 21.75
N GLY A 111 -22.66 -14.28 20.68
CA GLY A 111 -22.29 -15.30 19.72
C GLY A 111 -23.51 -15.98 19.12
N GLY A 1 9.42 20.11 -35.28
CA GLY A 1 9.06 19.08 -36.23
C GLY A 1 8.11 18.06 -35.64
N SER A 2 8.52 16.79 -35.64
CA SER A 2 7.69 15.72 -35.11
C SER A 2 8.39 15.03 -33.94
N SER A 3 7.78 15.10 -32.77
CA SER A 3 8.34 14.48 -31.57
C SER A 3 7.28 13.67 -30.83
N GLY A 4 7.73 12.78 -29.96
CA GLY A 4 6.81 11.96 -29.20
C GLY A 4 7.44 10.67 -28.72
N SER A 5 6.67 9.87 -27.99
CA SER A 5 7.16 8.60 -27.46
C SER A 5 6.02 7.61 -27.28
N SER A 6 6.27 6.35 -27.64
CA SER A 6 5.25 5.31 -27.52
C SER A 6 5.55 4.40 -26.32
N GLY A 7 4.63 3.49 -26.03
CA GLY A 7 4.81 2.57 -24.92
C GLY A 7 4.40 3.19 -23.60
N ALA A 8 3.59 2.46 -22.84
CA ALA A 8 3.12 2.94 -21.54
C ALA A 8 3.52 1.98 -20.43
N GLY A 9 3.71 2.52 -19.23
CA GLY A 9 4.08 1.69 -18.09
C GLY A 9 5.51 1.94 -17.65
N ASP A 10 5.68 2.84 -16.69
CA ASP A 10 7.00 3.17 -16.17
C ASP A 10 7.02 3.13 -14.65
N PRO A 11 7.43 1.99 -14.09
CA PRO A 11 7.51 1.80 -12.64
C PRO A 11 8.62 2.62 -11.99
N GLY A 12 9.74 2.74 -12.69
CA GLY A 12 10.85 3.50 -12.17
C GLY A 12 10.44 4.90 -11.73
N LEU A 13 9.43 5.45 -12.40
CA LEU A 13 8.95 6.79 -12.07
C LEU A 13 7.77 6.72 -11.10
N VAL A 14 7.69 5.63 -10.35
CA VAL A 14 6.62 5.44 -9.38
C VAL A 14 7.18 5.12 -7.99
N SER A 15 6.72 5.87 -6.99
CA SER A 15 7.18 5.67 -5.63
C SER A 15 6.04 5.89 -4.64
N ALA A 16 6.21 5.39 -3.41
CA ALA A 16 5.20 5.53 -2.38
C ALA A 16 5.80 6.11 -1.10
N TYR A 17 5.02 6.92 -0.40
CA TYR A 17 5.48 7.54 0.84
C TYR A 17 4.31 7.77 1.79
N GLY A 18 4.59 7.68 3.09
CA GLY A 18 3.55 7.89 4.09
C GLY A 18 3.84 7.13 5.37
N PRO A 19 3.13 7.49 6.45
CA PRO A 19 3.29 6.86 7.75
C PRO A 19 2.75 5.43 7.77
N GLY A 20 1.87 5.12 6.83
CA GLY A 20 1.29 3.79 6.75
C GLY A 20 2.28 2.77 6.23
N LEU A 21 3.07 3.15 5.23
CA LEU A 21 4.06 2.26 4.65
C LEU A 21 5.18 1.96 5.64
N GLU A 22 5.63 3.00 6.34
CA GLU A 22 6.70 2.84 7.33
C GLU A 22 6.18 2.18 8.60
N GLY A 23 4.88 2.34 8.85
CA GLY A 23 4.27 1.76 10.04
C GLY A 23 3.78 2.82 11.01
N GLY A 24 2.99 2.40 11.98
CA GLY A 24 2.47 3.34 12.97
C GLY A 24 2.07 2.64 14.26
N THR A 25 0.77 2.61 14.52
CA THR A 25 0.25 1.99 15.73
C THR A 25 -0.86 0.99 15.40
N THR A 26 -1.13 0.08 16.33
CA THR A 26 -2.16 -0.93 16.14
C THR A 26 -3.56 -0.33 16.26
N GLY A 27 -4.50 -0.86 15.49
CA GLY A 27 -5.86 -0.36 15.54
C GLY A 27 -5.94 1.13 15.32
N VAL A 28 -5.03 1.65 14.49
CA VAL A 28 -5.00 3.08 14.20
C VAL A 28 -4.96 3.32 12.69
N SER A 29 -5.99 4.01 12.19
CA SER A 29 -6.07 4.32 10.76
C SER A 29 -4.71 4.73 10.21
N SER A 30 -4.21 3.96 9.26
CA SER A 30 -2.92 4.24 8.66
C SER A 30 -3.00 4.17 7.14
N GLU A 31 -2.67 5.27 6.47
CA GLU A 31 -2.71 5.34 5.02
C GLU A 31 -1.38 5.86 4.46
N PHE A 32 -1.29 5.90 3.14
CA PHE A 32 -0.08 6.36 2.47
C PHE A 32 -0.39 6.88 1.07
N ILE A 33 0.53 7.67 0.51
CA ILE A 33 0.34 8.24 -0.81
C ILE A 33 1.32 7.61 -1.81
N VAL A 34 0.84 7.41 -3.03
CA VAL A 34 1.68 6.82 -4.08
C VAL A 34 1.85 7.78 -5.25
N ASN A 35 3.05 8.34 -5.37
CA ASN A 35 3.35 9.28 -6.44
C ASN A 35 3.44 8.57 -7.79
N THR A 36 2.37 8.64 -8.56
CA THR A 36 2.32 8.00 -9.87
C THR A 36 2.05 9.01 -10.98
N LEU A 37 2.36 10.27 -10.69
CA LEU A 37 2.16 11.35 -11.67
C LEU A 37 3.26 11.33 -12.73
N ASN A 38 4.49 11.10 -12.29
CA ASN A 38 5.63 11.06 -13.19
C ASN A 38 5.45 9.97 -14.25
N ALA A 39 4.92 8.83 -13.82
CA ALA A 39 4.69 7.71 -14.73
C ALA A 39 3.75 8.10 -15.86
N GLY A 40 2.61 8.70 -15.50
CA GLY A 40 1.65 9.12 -16.50
C GLY A 40 0.37 8.30 -16.46
N SER A 41 0.42 7.10 -17.03
CA SER A 41 -0.74 6.21 -17.04
C SER A 41 -0.31 4.76 -16.91
N GLY A 42 -1.09 3.98 -16.15
CA GLY A 42 -0.79 2.58 -15.95
C GLY A 42 -1.65 1.95 -14.88
N ALA A 43 -1.41 0.66 -14.63
CA ALA A 43 -2.17 -0.07 -13.62
C ALA A 43 -1.39 -0.17 -12.31
N LEU A 44 -2.09 0.00 -11.19
CA LEU A 44 -1.45 -0.08 -9.88
C LEU A 44 -1.98 -1.27 -9.09
N SER A 45 -1.10 -1.90 -8.31
CA SER A 45 -1.48 -3.05 -7.51
C SER A 45 -0.99 -2.90 -6.07
N VAL A 46 -1.93 -2.62 -5.18
CA VAL A 46 -1.60 -2.44 -3.76
C VAL A 46 -2.16 -3.59 -2.92
N THR A 47 -1.32 -4.13 -2.04
CA THR A 47 -1.72 -5.24 -1.18
C THR A 47 -0.94 -5.23 0.13
N ILE A 48 -1.45 -5.95 1.12
CA ILE A 48 -0.80 -6.03 2.42
C ILE A 48 -0.72 -7.47 2.91
N ASP A 49 0.34 -7.78 3.66
CA ASP A 49 0.53 -9.12 4.19
C ASP A 49 1.15 -9.07 5.59
N GLY A 50 0.36 -9.43 6.59
CA GLY A 50 0.85 -9.42 7.95
C GLY A 50 0.34 -10.59 8.77
N PRO A 51 0.50 -10.52 10.10
CA PRO A 51 0.06 -11.56 11.01
C PRO A 51 -1.46 -11.67 11.10
N SER A 52 -2.14 -10.68 10.52
CA SER A 52 -3.60 -10.65 10.54
C SER A 52 -4.14 -9.83 9.38
N LYS A 53 -5.28 -10.25 8.83
CA LYS A 53 -5.90 -9.55 7.71
C LYS A 53 -6.19 -8.10 8.08
N VAL A 54 -5.84 -7.19 7.18
CA VAL A 54 -6.07 -5.77 7.40
C VAL A 54 -7.00 -5.19 6.35
N GLN A 55 -8.06 -4.53 6.81
CA GLN A 55 -9.04 -3.93 5.90
C GLN A 55 -8.48 -2.66 5.27
N LEU A 56 -8.27 -2.68 3.97
CA LEU A 56 -7.74 -1.54 3.24
C LEU A 56 -8.78 -0.98 2.27
N ASP A 57 -8.74 0.34 2.07
CA ASP A 57 -9.67 1.00 1.17
C ASP A 57 -8.93 1.90 0.18
N CYS A 58 -9.13 1.67 -1.11
CA CYS A 58 -8.49 2.46 -2.14
C CYS A 58 -9.22 3.79 -2.34
N ARG A 59 -8.45 4.87 -2.51
CA ARG A 59 -9.02 6.19 -2.70
C ARG A 59 -8.29 6.94 -3.80
N GLU A 60 -8.74 8.16 -4.09
CA GLU A 60 -8.13 8.97 -5.13
C GLU A 60 -7.46 10.21 -4.53
N CYS A 61 -6.26 10.50 -4.98
CA CYS A 61 -5.50 11.65 -4.49
C CYS A 61 -4.81 12.39 -5.63
N PRO A 62 -4.60 13.70 -5.45
CA PRO A 62 -3.94 14.53 -6.46
C PRO A 62 -2.46 14.22 -6.61
N GLU A 63 -1.96 13.35 -5.73
CA GLU A 63 -0.55 12.96 -5.77
C GLU A 63 -0.38 11.63 -6.50
N GLY A 64 -1.48 10.94 -6.71
CA GLY A 64 -1.43 9.65 -7.39
C GLY A 64 -2.48 8.68 -6.88
N HIS A 65 -2.12 7.91 -5.85
CA HIS A 65 -3.04 6.94 -5.28
C HIS A 65 -2.89 6.89 -3.77
N VAL A 66 -4.02 6.80 -3.07
CA VAL A 66 -4.02 6.75 -1.61
C VAL A 66 -4.91 5.62 -1.09
N VAL A 67 -4.42 4.90 -0.10
CA VAL A 67 -5.18 3.79 0.48
C VAL A 67 -5.12 3.83 2.01
N THR A 68 -6.26 3.59 2.65
CA THR A 68 -6.34 3.59 4.10
C THR A 68 -6.57 2.18 4.64
N TYR A 69 -5.87 1.85 5.72
CA TYR A 69 -6.01 0.53 6.34
C TYR A 69 -5.89 0.62 7.85
N THR A 70 -6.25 -0.46 8.54
CA THR A 70 -6.18 -0.50 9.99
C THR A 70 -5.62 -1.84 10.48
N PRO A 71 -4.49 -1.78 11.19
CA PRO A 71 -3.82 -2.98 11.73
C PRO A 71 -4.62 -3.62 12.86
N MET A 72 -4.59 -4.95 12.92
CA MET A 72 -5.31 -5.67 13.96
C MET A 72 -4.34 -6.20 15.02
N ALA A 73 -3.11 -6.45 14.62
CA ALA A 73 -2.09 -6.95 15.53
C ALA A 73 -0.73 -6.33 15.23
N PRO A 74 0.09 -6.17 16.28
CA PRO A 74 1.44 -5.59 16.14
C PRO A 74 2.40 -6.52 15.42
N GLY A 75 2.94 -6.05 14.29
CA GLY A 75 3.87 -6.85 13.52
C GLY A 75 4.36 -6.13 12.28
N ASN A 76 4.85 -6.90 11.31
CA ASN A 76 5.36 -6.33 10.07
C ASN A 76 4.45 -6.67 8.90
N TYR A 77 3.76 -5.67 8.36
CA TYR A 77 2.86 -5.87 7.24
C TYR A 77 3.54 -5.52 5.92
N LEU A 78 3.84 -6.53 5.13
CA LEU A 78 4.48 -6.34 3.84
C LEU A 78 3.53 -5.71 2.84
N ILE A 79 3.83 -4.47 2.44
CA ILE A 79 3.00 -3.76 1.48
C ILE A 79 3.58 -3.85 0.08
N ALA A 80 3.01 -4.73 -0.74
CA ALA A 80 3.45 -4.92 -2.10
C ALA A 80 2.79 -3.91 -3.05
N ILE A 81 3.61 -3.15 -3.76
CA ILE A 81 3.12 -2.15 -4.69
C ILE A 81 3.80 -2.28 -6.05
N LYS A 82 3.00 -2.37 -7.10
CA LYS A 82 3.51 -2.49 -8.46
C LYS A 82 2.86 -1.47 -9.38
N TYR A 83 3.48 -1.25 -10.54
CA TYR A 83 2.95 -0.30 -11.52
C TYR A 83 3.54 -0.56 -12.90
N GLY A 84 2.65 -0.68 -13.89
CA GLY A 84 3.09 -0.93 -15.25
C GLY A 84 4.28 -1.88 -15.31
N GLY A 85 4.26 -2.90 -14.47
CA GLY A 85 5.35 -3.86 -14.44
C GLY A 85 5.06 -5.04 -13.54
N PRO A 86 5.45 -6.24 -13.98
CA PRO A 86 5.25 -7.47 -13.21
C PRO A 86 6.11 -7.54 -11.97
N GLN A 87 7.02 -6.57 -11.82
CA GLN A 87 7.91 -6.52 -10.67
C GLN A 87 7.52 -5.38 -9.74
N HIS A 88 8.21 -5.31 -8.60
CA HIS A 88 7.94 -4.25 -7.62
C HIS A 88 8.57 -2.93 -8.04
N ILE A 89 7.85 -1.84 -7.82
CA ILE A 89 8.35 -0.51 -8.17
C ILE A 89 9.57 -0.14 -7.33
N VAL A 90 10.37 0.79 -7.85
CA VAL A 90 11.56 1.24 -7.14
C VAL A 90 11.27 1.50 -5.67
N GLY A 91 11.88 0.70 -4.80
CA GLY A 91 11.67 0.87 -3.37
C GLY A 91 10.91 -0.30 -2.76
N SER A 92 9.93 -0.82 -3.50
CA SER A 92 9.13 -1.94 -3.03
C SER A 92 9.89 -3.24 -3.14
N PRO A 93 9.47 -4.26 -2.37
CA PRO A 93 8.33 -4.12 -1.45
C PRO A 93 8.65 -3.21 -0.27
N PHE A 94 7.60 -2.76 0.41
CA PHE A 94 7.76 -1.88 1.57
C PHE A 94 7.43 -2.61 2.87
N LYS A 95 8.14 -2.25 3.93
CA LYS A 95 7.91 -2.88 5.24
C LYS A 95 7.24 -1.91 6.20
N ALA A 96 6.14 -2.34 6.80
CA ALA A 96 5.42 -1.50 7.75
C ALA A 96 5.39 -2.14 9.14
N LYS A 97 6.17 -1.58 10.06
CA LYS A 97 6.23 -2.10 11.43
C LYS A 97 5.27 -1.35 12.33
N VAL A 98 4.15 -1.99 12.67
CA VAL A 98 3.15 -1.39 13.54
C VAL A 98 3.33 -1.83 14.98
N THR A 99 3.22 -0.89 15.91
CA THR A 99 3.37 -1.18 17.33
C THR A 99 2.07 -0.93 18.08
N GLY A 100 1.97 -1.48 19.29
CA GLY A 100 0.77 -1.31 20.10
C GLY A 100 0.12 -2.63 20.46
N PRO A 101 -0.86 -2.58 21.37
CA PRO A 101 -1.58 -3.77 21.83
C PRO A 101 -2.48 -4.35 20.75
N ARG A 102 -2.44 -5.67 20.60
CA ARG A 102 -3.26 -6.35 19.59
C ARG A 102 -4.71 -5.88 19.67
N LEU A 103 -5.01 -4.82 18.93
CA LEU A 103 -6.36 -4.26 18.91
C LEU A 103 -7.23 -4.98 17.87
N SER A 104 -7.19 -6.32 17.90
CA SER A 104 -7.97 -7.12 16.96
C SER A 104 -9.28 -7.56 17.60
N GLY A 105 -10.23 -7.99 16.75
CA GLY A 105 -11.52 -8.44 17.25
C GLY A 105 -12.51 -7.30 17.39
N SER A 106 -13.57 -7.34 16.59
CA SER A 106 -14.59 -6.30 16.63
C SER A 106 -15.87 -6.82 17.28
N GLY A 107 -15.99 -6.65 18.59
CA GLY A 107 -17.16 -7.11 19.30
C GLY A 107 -17.59 -6.15 20.39
N PRO A 108 -18.86 -6.27 20.81
CA PRO A 108 -19.43 -5.41 21.86
C PRO A 108 -18.84 -5.69 23.23
N SER A 109 -18.03 -6.75 23.31
CA SER A 109 -17.41 -7.14 24.57
C SER A 109 -16.66 -5.97 25.20
N SER A 110 -16.91 -5.72 26.47
CA SER A 110 -16.25 -4.63 27.19
C SER A 110 -14.74 -4.70 27.04
N GLY A 111 -14.19 -5.89 27.25
CA GLY A 111 -12.76 -6.07 27.14
C GLY A 111 -12.27 -7.31 27.87
N GLY A 1 11.03 7.82 -35.67
CA GLY A 1 10.63 8.51 -34.45
C GLY A 1 11.53 8.19 -33.28
N SER A 2 11.09 7.29 -32.42
CA SER A 2 11.87 6.91 -31.24
C SER A 2 12.38 5.47 -31.37
N SER A 3 13.69 5.33 -31.52
CA SER A 3 14.31 4.02 -31.65
C SER A 3 14.89 3.55 -30.33
N GLY A 4 14.31 2.49 -29.76
CA GLY A 4 14.79 1.96 -28.50
C GLY A 4 13.78 1.05 -27.84
N SER A 5 13.82 0.97 -26.52
CA SER A 5 12.91 0.11 -25.76
C SER A 5 11.51 0.71 -25.73
N SER A 6 10.51 -0.15 -25.90
CA SER A 6 9.12 0.30 -25.90
C SER A 6 8.40 -0.18 -24.64
N GLY A 7 7.50 0.65 -24.12
CA GLY A 7 6.76 0.28 -22.93
C GLY A 7 6.12 1.49 -22.26
N ALA A 8 4.80 1.63 -22.45
CA ALA A 8 4.08 2.74 -21.85
C ALA A 8 4.30 2.82 -20.34
N GLY A 9 4.20 4.02 -19.79
CA GLY A 9 4.40 4.19 -18.36
C GLY A 9 5.82 3.88 -17.93
N ASP A 10 6.05 3.88 -16.63
CA ASP A 10 7.37 3.59 -16.08
C ASP A 10 7.33 3.49 -14.56
N PRO A 11 7.66 2.30 -14.04
CA PRO A 11 7.67 2.05 -12.60
C PRO A 11 8.80 2.79 -11.87
N GLY A 12 9.91 2.97 -12.58
CA GLY A 12 11.05 3.66 -11.98
C GLY A 12 10.70 5.08 -11.58
N LEU A 13 9.61 5.60 -12.11
CA LEU A 13 9.17 6.96 -11.80
C LEU A 13 7.97 6.95 -10.87
N VAL A 14 7.76 5.82 -10.19
CA VAL A 14 6.65 5.68 -9.26
C VAL A 14 7.13 5.25 -7.88
N SER A 15 6.78 6.03 -6.87
CA SER A 15 7.18 5.74 -5.50
C SER A 15 6.02 5.92 -4.53
N ALA A 16 6.20 5.46 -3.31
CA ALA A 16 5.16 5.57 -2.28
C ALA A 16 5.74 6.08 -0.97
N TYR A 17 5.06 7.06 -0.38
CA TYR A 17 5.51 7.65 0.89
C TYR A 17 4.33 7.85 1.83
N GLY A 18 4.54 7.54 3.11
CA GLY A 18 3.50 7.71 4.10
C GLY A 18 3.75 6.89 5.35
N PRO A 19 3.01 7.19 6.43
CA PRO A 19 3.15 6.50 7.70
C PRO A 19 2.64 5.06 7.64
N GLY A 20 1.96 4.73 6.55
CA GLY A 20 1.42 3.38 6.38
C GLY A 20 2.46 2.42 5.85
N LEU A 21 3.42 2.93 5.09
CA LEU A 21 4.47 2.09 4.52
C LEU A 21 5.57 1.83 5.54
N GLU A 22 5.84 2.82 6.39
CA GLU A 22 6.86 2.69 7.42
C GLU A 22 6.28 2.09 8.69
N GLY A 23 4.97 2.20 8.85
CA GLY A 23 4.31 1.66 10.02
C GLY A 23 3.84 2.74 10.97
N GLY A 24 3.03 2.36 11.96
CA GLY A 24 2.52 3.32 12.91
C GLY A 24 2.10 2.67 14.22
N THR A 25 0.80 2.74 14.53
CA THR A 25 0.28 2.16 15.75
C THR A 25 -0.97 1.34 15.48
N THR A 26 -1.22 0.33 16.32
CA THR A 26 -2.38 -0.53 16.16
C THR A 26 -3.68 0.26 16.38
N GLY A 27 -4.75 -0.20 15.76
CA GLY A 27 -6.04 0.47 15.90
C GLY A 27 -6.01 1.90 15.39
N VAL A 28 -5.05 2.19 14.50
CA VAL A 28 -4.92 3.52 13.93
C VAL A 28 -4.90 3.47 12.41
N SER A 29 -5.88 4.12 11.79
CA SER A 29 -5.99 4.15 10.33
C SER A 29 -4.67 4.59 9.71
N SER A 30 -3.95 3.64 9.12
CA SER A 30 -2.67 3.93 8.49
C SER A 30 -2.81 3.95 6.97
N GLU A 31 -2.41 5.06 6.36
CA GLU A 31 -2.48 5.22 4.92
C GLU A 31 -1.17 5.72 4.34
N PHE A 32 -1.11 5.86 3.03
CA PHE A 32 0.09 6.35 2.36
C PHE A 32 -0.24 6.90 0.98
N ILE A 33 0.61 7.79 0.49
CA ILE A 33 0.41 8.40 -0.82
C ILE A 33 1.38 7.82 -1.85
N VAL A 34 0.85 7.42 -3.00
CA VAL A 34 1.66 6.85 -4.06
C VAL A 34 1.83 7.83 -5.21
N ASN A 35 3.00 8.45 -5.30
CA ASN A 35 3.29 9.41 -6.36
C ASN A 35 3.49 8.72 -7.70
N THR A 36 2.52 8.87 -8.59
CA THR A 36 2.60 8.24 -9.91
C THR A 36 2.46 9.28 -11.02
N LEU A 37 2.34 10.54 -10.63
CA LEU A 37 2.20 11.64 -11.58
C LEU A 37 3.33 11.60 -12.60
N ASN A 38 4.56 11.57 -12.12
CA ASN A 38 5.73 11.54 -12.98
C ASN A 38 5.63 10.40 -14.00
N ALA A 39 5.09 9.27 -13.54
CA ALA A 39 4.93 8.11 -14.41
C ALA A 39 4.02 8.42 -15.60
N GLY A 40 2.79 8.81 -15.31
CA GLY A 40 1.84 9.14 -16.36
C GLY A 40 0.50 8.47 -16.16
N SER A 41 0.42 7.17 -16.48
CA SER A 41 -0.82 6.42 -16.34
C SER A 41 -0.54 4.93 -16.35
N GLY A 42 -1.47 4.16 -15.79
CA GLY A 42 -1.31 2.71 -15.75
C GLY A 42 -2.08 2.08 -14.62
N ALA A 43 -2.03 0.75 -14.52
CA ALA A 43 -2.72 0.02 -13.47
C ALA A 43 -1.86 -0.12 -12.23
N LEU A 44 -2.49 -0.01 -11.07
CA LEU A 44 -1.77 -0.12 -9.79
C LEU A 44 -2.24 -1.34 -9.01
N SER A 45 -1.34 -1.91 -8.22
CA SER A 45 -1.66 -3.08 -7.42
C SER A 45 -1.11 -2.94 -6.00
N VAL A 46 -1.97 -3.13 -5.01
CA VAL A 46 -1.56 -3.04 -3.62
C VAL A 46 -1.94 -4.29 -2.84
N THR A 47 -1.00 -4.79 -2.04
CA THR A 47 -1.24 -5.99 -1.24
C THR A 47 -0.46 -5.94 0.08
N ILE A 48 -1.08 -6.44 1.14
CA ILE A 48 -0.46 -6.45 2.45
C ILE A 48 -0.43 -7.86 3.04
N ASP A 49 0.64 -8.17 3.76
CA ASP A 49 0.79 -9.48 4.38
C ASP A 49 1.31 -9.35 5.81
N GLY A 50 0.46 -9.63 6.77
CA GLY A 50 0.86 -9.55 8.18
C GLY A 50 0.29 -10.67 9.01
N PRO A 51 0.37 -10.54 10.34
CA PRO A 51 -0.13 -11.54 11.28
C PRO A 51 -1.65 -11.61 11.30
N SER A 52 -2.30 -10.57 10.77
CA SER A 52 -3.75 -10.51 10.73
C SER A 52 -4.23 -9.68 9.53
N LYS A 53 -5.29 -10.14 8.90
CA LYS A 53 -5.84 -9.45 7.74
C LYS A 53 -6.10 -7.98 8.06
N VAL A 54 -5.91 -7.12 7.07
CA VAL A 54 -6.13 -5.68 7.25
C VAL A 54 -7.09 -5.14 6.21
N GLN A 55 -8.06 -4.34 6.66
CA GLN A 55 -9.04 -3.75 5.77
C GLN A 55 -8.49 -2.52 5.06
N LEU A 56 -8.01 -2.70 3.83
CA LEU A 56 -7.45 -1.61 3.06
C LEU A 56 -8.49 -1.02 2.10
N ASP A 57 -8.33 0.26 1.78
CA ASP A 57 -9.26 0.94 0.88
C ASP A 57 -8.50 1.84 -0.09
N CYS A 58 -8.58 1.50 -1.37
CA CYS A 58 -7.90 2.29 -2.40
C CYS A 58 -8.73 3.49 -2.80
N ARG A 59 -8.19 4.68 -2.59
CA ARG A 59 -8.89 5.92 -2.93
C ARG A 59 -8.05 6.78 -3.86
N GLU A 60 -8.69 7.73 -4.52
CA GLU A 60 -8.00 8.63 -5.45
C GLU A 60 -7.49 9.87 -4.73
N CYS A 61 -6.28 10.30 -5.09
CA CYS A 61 -5.68 11.48 -4.47
C CYS A 61 -5.02 12.36 -5.53
N PRO A 62 -4.78 13.64 -5.17
CA PRO A 62 -4.14 14.60 -6.07
C PRO A 62 -2.67 14.29 -6.31
N GLU A 63 -2.13 13.33 -5.55
CA GLU A 63 -0.74 12.94 -5.69
C GLU A 63 -0.61 11.66 -6.51
N GLY A 64 -1.72 10.94 -6.66
CA GLY A 64 -1.72 9.72 -7.42
C GLY A 64 -2.67 8.68 -6.87
N HIS A 65 -2.14 7.69 -6.16
CA HIS A 65 -2.95 6.63 -5.58
C HIS A 65 -2.76 6.57 -4.06
N VAL A 66 -3.87 6.53 -3.33
CA VAL A 66 -3.82 6.47 -1.88
C VAL A 66 -4.52 5.23 -1.35
N VAL A 67 -4.05 4.73 -0.22
CA VAL A 67 -4.64 3.54 0.39
C VAL A 67 -4.73 3.67 1.91
N THR A 68 -5.93 3.49 2.45
CA THR A 68 -6.15 3.59 3.89
C THR A 68 -6.52 2.25 4.49
N TYR A 69 -5.74 1.81 5.47
CA TYR A 69 -6.00 0.54 6.13
C TYR A 69 -5.90 0.68 7.65
N THR A 70 -6.38 -0.34 8.36
CA THR A 70 -6.35 -0.33 9.82
C THR A 70 -5.80 -1.65 10.37
N PRO A 71 -4.70 -1.56 11.12
CA PRO A 71 -4.06 -2.73 11.73
C PRO A 71 -4.90 -3.34 12.84
N MET A 72 -4.73 -4.64 13.06
CA MET A 72 -5.47 -5.35 14.10
C MET A 72 -4.52 -5.99 15.12
N ALA A 73 -3.27 -6.20 14.70
CA ALA A 73 -2.27 -6.80 15.57
C ALA A 73 -0.87 -6.27 15.23
N PRO A 74 -0.04 -6.12 16.27
CA PRO A 74 1.33 -5.63 16.12
C PRO A 74 2.24 -6.64 15.42
N GLY A 75 2.75 -6.26 14.25
CA GLY A 75 3.63 -7.14 13.50
C GLY A 75 4.25 -6.45 12.31
N ASN A 76 4.75 -7.24 11.36
CA ASN A 76 5.38 -6.71 10.16
C ASN A 76 4.49 -6.93 8.94
N TYR A 77 3.83 -5.87 8.49
CA TYR A 77 2.96 -5.94 7.34
C TYR A 77 3.71 -5.63 6.06
N LEU A 78 3.85 -6.65 5.21
CA LEU A 78 4.56 -6.49 3.93
C LEU A 78 3.66 -5.85 2.89
N ILE A 79 3.95 -4.59 2.56
CA ILE A 79 3.17 -3.86 1.57
C ILE A 79 3.82 -3.94 0.19
N ALA A 80 3.20 -4.69 -0.71
CA ALA A 80 3.71 -4.85 -2.06
C ALA A 80 2.99 -3.92 -3.03
N ILE A 81 3.73 -2.97 -3.60
CA ILE A 81 3.16 -2.02 -4.54
C ILE A 81 3.76 -2.19 -5.92
N LYS A 82 2.90 -2.31 -6.94
CA LYS A 82 3.35 -2.48 -8.31
C LYS A 82 2.68 -1.46 -9.23
N TYR A 83 3.24 -1.28 -10.41
CA TYR A 83 2.70 -0.34 -11.39
C TYR A 83 3.27 -0.60 -12.78
N GLY A 84 2.40 -0.55 -13.78
CA GLY A 84 2.83 -0.78 -15.15
C GLY A 84 3.88 -1.87 -15.25
N GLY A 85 3.55 -3.06 -14.76
CA GLY A 85 4.48 -4.18 -14.81
C GLY A 85 4.30 -5.13 -13.65
N PRO A 86 4.53 -6.42 -13.89
CA PRO A 86 4.39 -7.47 -12.88
C PRO A 86 5.48 -7.38 -11.81
N GLN A 87 6.42 -6.46 -12.00
CA GLN A 87 7.52 -6.28 -11.06
C GLN A 87 7.16 -5.24 -10.00
N HIS A 88 8.06 -5.03 -9.05
CA HIS A 88 7.84 -4.06 -7.97
C HIS A 88 8.42 -2.71 -8.35
N ILE A 89 7.76 -1.64 -7.89
CA ILE A 89 8.22 -0.29 -8.18
C ILE A 89 9.40 0.10 -7.28
N VAL A 90 10.19 1.06 -7.74
CA VAL A 90 11.35 1.52 -6.98
C VAL A 90 11.00 1.72 -5.52
N GLY A 91 11.67 0.98 -4.65
CA GLY A 91 11.41 1.10 -3.22
C GLY A 91 10.68 -0.10 -2.66
N SER A 92 9.74 -0.63 -3.44
CA SER A 92 8.96 -1.79 -3.02
C SER A 92 9.80 -3.05 -3.03
N PRO A 93 9.42 -4.03 -2.21
CA PRO A 93 8.27 -3.91 -1.31
C PRO A 93 8.49 -2.91 -0.18
N PHE A 94 7.49 -2.72 0.66
CA PHE A 94 7.58 -1.79 1.78
C PHE A 94 7.30 -2.50 3.10
N LYS A 95 8.24 -2.40 4.03
CA LYS A 95 8.10 -3.02 5.34
C LYS A 95 7.43 -2.08 6.32
N ALA A 96 6.29 -2.49 6.85
CA ALA A 96 5.56 -1.68 7.81
C ALA A 96 5.53 -2.34 9.19
N LYS A 97 6.10 -1.67 10.18
CA LYS A 97 6.15 -2.19 11.54
C LYS A 97 5.18 -1.44 12.44
N VAL A 98 4.04 -2.05 12.73
CA VAL A 98 3.03 -1.44 13.59
C VAL A 98 3.25 -1.83 15.05
N THR A 99 3.17 -0.83 15.93
CA THR A 99 3.36 -1.06 17.36
C THR A 99 2.04 -0.95 18.11
N GLY A 100 2.04 -1.35 19.37
CA GLY A 100 0.84 -1.28 20.18
C GLY A 100 0.24 -2.64 20.45
N PRO A 101 -0.62 -2.73 21.48
CA PRO A 101 -1.28 -3.99 21.85
C PRO A 101 -2.30 -4.44 20.83
N ARG A 102 -2.39 -5.75 20.63
CA ARG A 102 -3.33 -6.31 19.67
C ARG A 102 -4.70 -5.66 19.80
N LEU A 103 -5.12 -4.97 18.75
CA LEU A 103 -6.41 -4.29 18.74
C LEU A 103 -7.34 -4.90 17.69
N SER A 104 -8.08 -5.93 18.10
CA SER A 104 -9.00 -6.60 17.19
C SER A 104 -10.18 -7.19 17.96
N GLY A 105 -11.14 -7.74 17.23
CA GLY A 105 -12.31 -8.33 17.86
C GLY A 105 -13.52 -7.42 17.81
N SER A 106 -14.71 -8.01 17.80
CA SER A 106 -15.94 -7.24 17.73
C SER A 106 -16.29 -6.67 19.10
N GLY A 107 -16.72 -5.41 19.12
CA GLY A 107 -17.07 -4.77 20.38
C GLY A 107 -18.56 -4.48 20.47
N PRO A 108 -19.12 -4.62 21.68
CA PRO A 108 -20.55 -4.37 21.92
C PRO A 108 -20.91 -2.89 21.82
N SER A 109 -21.71 -2.56 20.82
CA SER A 109 -22.13 -1.17 20.61
C SER A 109 -23.21 -0.77 21.61
N SER A 110 -22.82 0.03 22.59
CA SER A 110 -23.75 0.49 23.62
C SER A 110 -24.77 1.45 23.05
N GLY A 111 -25.85 0.90 22.50
CA GLY A 111 -26.89 1.74 21.92
C GLY A 111 -28.18 1.69 22.70
N GLY A 1 -2.14 -8.90 -31.16
CA GLY A 1 -0.71 -9.13 -31.17
C GLY A 1 -0.28 -10.15 -30.13
N SER A 2 0.15 -11.32 -30.58
CA SER A 2 0.58 -12.38 -29.69
C SER A 2 1.99 -12.12 -29.17
N SER A 3 2.91 -11.84 -30.09
CA SER A 3 4.29 -11.56 -29.73
C SER A 3 4.50 -10.08 -29.46
N GLY A 4 3.97 -9.24 -30.34
CA GLY A 4 4.11 -7.80 -30.18
C GLY A 4 3.67 -7.33 -28.82
N SER A 5 4.11 -6.13 -28.43
CA SER A 5 3.78 -5.57 -27.13
C SER A 5 3.98 -4.06 -27.13
N SER A 6 3.10 -3.36 -26.42
CA SER A 6 3.17 -1.90 -26.34
C SER A 6 2.38 -1.39 -25.14
N GLY A 7 3.10 -0.89 -24.14
CA GLY A 7 2.45 -0.38 -22.94
C GLY A 7 3.21 0.78 -22.32
N ALA A 8 2.74 1.99 -22.56
CA ALA A 8 3.39 3.18 -22.02
C ALA A 8 3.36 3.18 -20.50
N GLY A 9 4.51 3.42 -19.89
CA GLY A 9 4.60 3.44 -18.44
C GLY A 9 6.03 3.36 -17.95
N ASP A 10 6.24 3.70 -16.67
CA ASP A 10 7.57 3.67 -16.07
C ASP A 10 7.48 3.52 -14.56
N PRO A 11 7.83 2.33 -14.06
CA PRO A 11 7.80 2.04 -12.62
C PRO A 11 8.89 2.79 -11.86
N GLY A 12 10.06 2.91 -12.47
CA GLY A 12 11.16 3.61 -11.82
C GLY A 12 10.80 5.04 -11.44
N LEU A 13 9.75 5.56 -12.06
CA LEU A 13 9.31 6.92 -11.78
C LEU A 13 8.13 6.93 -10.81
N VAL A 14 7.97 5.82 -10.08
CA VAL A 14 6.88 5.70 -9.11
C VAL A 14 7.44 5.53 -7.71
N SER A 15 6.86 6.26 -6.75
CA SER A 15 7.29 6.19 -5.36
C SER A 15 6.11 6.37 -4.42
N ALA A 16 6.16 5.71 -3.27
CA ALA A 16 5.11 5.79 -2.28
C ALA A 16 5.64 6.29 -0.94
N TYR A 17 4.93 7.23 -0.34
CA TYR A 17 5.34 7.79 0.96
C TYR A 17 4.15 7.89 1.91
N GLY A 18 4.43 7.71 3.20
CA GLY A 18 3.37 7.77 4.19
C GLY A 18 3.66 6.92 5.41
N PRO A 19 2.90 7.14 6.50
CA PRO A 19 3.08 6.39 7.74
C PRO A 19 2.64 4.94 7.61
N GLY A 20 1.82 4.65 6.60
CA GLY A 20 1.36 3.29 6.39
C GLY A 20 2.45 2.39 5.84
N LEU A 21 3.40 2.98 5.14
CA LEU A 21 4.51 2.21 4.57
C LEU A 21 5.60 1.94 5.61
N GLU A 22 5.82 2.92 6.49
CA GLU A 22 6.82 2.79 7.53
C GLU A 22 6.24 2.14 8.78
N GLY A 23 4.91 2.19 8.89
CA GLY A 23 4.24 1.60 10.04
C GLY A 23 3.65 2.64 10.96
N GLY A 24 3.05 2.18 12.06
CA GLY A 24 2.44 3.10 13.01
C GLY A 24 2.04 2.41 14.30
N THR A 25 0.75 2.47 14.62
CA THR A 25 0.24 1.85 15.83
C THR A 25 -1.03 1.06 15.54
N THR A 26 -1.29 0.04 16.36
CA THR A 26 -2.46 -0.80 16.20
C THR A 26 -3.75 0.01 16.38
N GLY A 27 -4.82 -0.44 15.74
CA GLY A 27 -6.09 0.25 15.84
C GLY A 27 -5.98 1.71 15.45
N VAL A 28 -5.09 2.01 14.52
CA VAL A 28 -4.88 3.38 14.06
C VAL A 28 -4.87 3.47 12.54
N SER A 29 -5.78 4.24 11.97
CA SER A 29 -5.86 4.40 10.53
C SER A 29 -4.51 4.75 9.94
N SER A 30 -4.02 3.89 9.06
CA SER A 30 -2.72 4.11 8.42
C SER A 30 -2.84 4.05 6.90
N GLU A 31 -2.43 5.14 6.24
CA GLU A 31 -2.49 5.21 4.79
C GLU A 31 -1.17 5.71 4.21
N PHE A 32 -1.13 5.88 2.89
CA PHE A 32 0.06 6.35 2.21
C PHE A 32 -0.26 6.78 0.79
N ILE A 33 0.44 7.82 0.32
CA ILE A 33 0.23 8.34 -1.02
C ILE A 33 1.24 7.74 -2.00
N VAL A 34 0.76 7.38 -3.19
CA VAL A 34 1.63 6.80 -4.22
C VAL A 34 1.79 7.75 -5.39
N ASN A 35 2.94 8.41 -5.46
CA ASN A 35 3.23 9.35 -6.54
C ASN A 35 3.41 8.61 -7.86
N THR A 36 2.38 8.67 -8.70
CA THR A 36 2.42 8.00 -10.01
C THR A 36 2.32 9.01 -11.13
N LEU A 37 2.41 10.29 -10.79
CA LEU A 37 2.33 11.37 -11.78
C LEU A 37 3.55 11.33 -12.70
N ASN A 38 4.74 11.31 -12.12
CA ASN A 38 5.97 11.27 -12.90
C ASN A 38 5.91 10.19 -13.97
N ALA A 39 5.18 9.11 -13.67
CA ALA A 39 5.05 8.00 -14.61
C ALA A 39 4.12 8.37 -15.77
N GLY A 40 2.87 8.66 -15.44
CA GLY A 40 1.90 9.03 -16.46
C GLY A 40 0.56 8.34 -16.27
N SER A 41 0.43 7.13 -16.79
CA SER A 41 -0.81 6.37 -16.67
C SER A 41 -0.54 4.87 -16.76
N GLY A 42 -1.25 4.10 -15.94
CA GLY A 42 -1.08 2.66 -15.93
C GLY A 42 -1.82 1.99 -14.80
N ALA A 43 -1.65 0.68 -14.67
CA ALA A 43 -2.31 -0.07 -13.62
C ALA A 43 -1.45 -0.13 -12.35
N LEU A 44 -2.10 -0.27 -11.21
CA LEU A 44 -1.40 -0.34 -9.93
C LEU A 44 -1.90 -1.50 -9.09
N SER A 45 -0.98 -2.13 -8.36
CA SER A 45 -1.33 -3.27 -7.51
C SER A 45 -0.82 -3.05 -6.09
N VAL A 46 -1.75 -2.75 -5.18
CA VAL A 46 -1.40 -2.52 -3.78
C VAL A 46 -2.00 -3.60 -2.89
N THR A 47 -1.17 -4.16 -2.02
CA THR A 47 -1.62 -5.20 -1.10
C THR A 47 -0.84 -5.17 0.21
N ILE A 48 -1.30 -5.93 1.19
CA ILE A 48 -0.64 -5.97 2.49
C ILE A 48 -0.51 -7.41 2.98
N ASP A 49 0.47 -7.64 3.85
CA ASP A 49 0.72 -8.97 4.39
C ASP A 49 1.18 -8.89 5.85
N GLY A 50 0.28 -9.21 6.77
CA GLY A 50 0.63 -9.17 8.19
C GLY A 50 0.09 -10.35 8.95
N PRO A 51 0.27 -10.33 10.28
CA PRO A 51 -0.21 -11.41 11.16
C PRO A 51 -1.72 -11.44 11.26
N SER A 52 -2.37 -10.37 10.82
CA SER A 52 -3.83 -10.28 10.86
C SER A 52 -4.37 -9.55 9.64
N LYS A 53 -5.32 -10.17 8.95
CA LYS A 53 -5.93 -9.58 7.77
C LYS A 53 -6.32 -8.13 8.02
N VAL A 54 -5.82 -7.23 7.18
CA VAL A 54 -6.12 -5.81 7.31
C VAL A 54 -7.14 -5.36 6.27
N GLN A 55 -7.97 -4.39 6.63
CA GLN A 55 -8.99 -3.87 5.73
C GLN A 55 -8.54 -2.57 5.09
N LEU A 56 -7.94 -2.67 3.91
CA LEU A 56 -7.46 -1.49 3.19
C LEU A 56 -8.57 -0.89 2.34
N ASP A 57 -8.44 0.41 2.03
CA ASP A 57 -9.43 1.10 1.22
C ASP A 57 -8.75 2.00 0.20
N CYS A 58 -8.89 1.65 -1.08
CA CYS A 58 -8.28 2.42 -2.16
C CYS A 58 -9.14 3.65 -2.48
N ARG A 59 -8.47 4.80 -2.65
CA ARG A 59 -9.15 6.04 -2.96
C ARG A 59 -8.39 6.84 -4.00
N GLU A 60 -8.88 8.05 -4.29
CA GLU A 60 -8.24 8.91 -5.27
C GLU A 60 -7.56 10.10 -4.58
N CYS A 61 -6.37 10.44 -5.05
CA CYS A 61 -5.62 11.56 -4.48
C CYS A 61 -4.99 12.41 -5.58
N PRO A 62 -4.77 13.69 -5.28
CA PRO A 62 -4.18 14.65 -6.22
C PRO A 62 -2.70 14.35 -6.48
N GLU A 63 -2.19 13.30 -5.85
CA GLU A 63 -0.79 12.93 -6.01
C GLU A 63 -0.67 11.57 -6.70
N GLY A 64 -1.82 10.94 -6.95
CA GLY A 64 -1.81 9.64 -7.60
C GLY A 64 -2.84 8.69 -7.00
N HIS A 65 -2.35 7.68 -6.28
CA HIS A 65 -3.23 6.70 -5.66
C HIS A 65 -2.97 6.60 -4.16
N VAL A 66 -4.05 6.63 -3.37
CA VAL A 66 -3.92 6.56 -1.92
C VAL A 66 -4.69 5.35 -1.37
N VAL A 67 -4.18 4.79 -0.28
CA VAL A 67 -4.80 3.64 0.34
C VAL A 67 -4.78 3.75 1.86
N THR A 68 -5.90 3.41 2.50
CA THR A 68 -6.01 3.48 3.95
C THR A 68 -6.39 2.12 4.54
N TYR A 69 -5.69 1.73 5.60
CA TYR A 69 -5.95 0.46 6.26
C TYR A 69 -5.88 0.59 7.77
N THR A 70 -6.40 -0.41 8.48
CA THR A 70 -6.39 -0.39 9.94
C THR A 70 -5.84 -1.71 10.49
N PRO A 71 -4.72 -1.62 11.22
CA PRO A 71 -4.08 -2.80 11.82
C PRO A 71 -4.90 -3.38 12.97
N MET A 72 -4.71 -4.66 13.23
CA MET A 72 -5.43 -5.34 14.31
C MET A 72 -4.45 -5.98 15.30
N ALA A 73 -3.23 -6.22 14.84
CA ALA A 73 -2.21 -6.83 15.69
C ALA A 73 -0.83 -6.28 15.36
N PRO A 74 0.04 -6.19 16.38
CA PRO A 74 1.41 -5.69 16.21
C PRO A 74 2.29 -6.64 15.42
N GLY A 75 2.97 -6.11 14.40
CA GLY A 75 3.83 -6.92 13.58
C GLY A 75 4.35 -6.18 12.36
N ASN A 76 4.91 -6.93 11.41
CA ASN A 76 5.44 -6.32 10.19
C ASN A 76 4.53 -6.61 9.00
N TYR A 77 3.86 -5.58 8.52
CA TYR A 77 2.95 -5.72 7.39
C TYR A 77 3.66 -5.40 6.07
N LEU A 78 3.80 -6.41 5.22
CA LEU A 78 4.46 -6.23 3.93
C LEU A 78 3.51 -5.62 2.91
N ILE A 79 3.89 -4.46 2.37
CA ILE A 79 3.07 -3.78 1.39
C ILE A 79 3.64 -3.96 -0.01
N ALA A 80 2.87 -4.61 -0.88
CA ALA A 80 3.30 -4.85 -2.25
C ALA A 80 2.73 -3.79 -3.19
N ILE A 81 3.62 -3.02 -3.81
CA ILE A 81 3.21 -1.97 -4.74
C ILE A 81 3.87 -2.16 -6.10
N LYS A 82 3.05 -2.45 -7.11
CA LYS A 82 3.54 -2.64 -8.47
C LYS A 82 2.89 -1.66 -9.43
N TYR A 83 3.52 -1.45 -10.58
CA TYR A 83 3.00 -0.54 -11.59
C TYR A 83 3.58 -0.85 -12.96
N GLY A 84 2.78 -0.66 -14.00
CA GLY A 84 3.23 -0.93 -15.35
C GLY A 84 4.18 -2.12 -15.42
N GLY A 85 3.78 -3.21 -14.78
CA GLY A 85 4.61 -4.41 -14.79
C GLY A 85 4.38 -5.28 -13.57
N PRO A 86 4.51 -6.60 -13.75
CA PRO A 86 4.32 -7.57 -12.66
C PRO A 86 5.43 -7.49 -11.63
N GLN A 87 6.36 -6.57 -11.82
CA GLN A 87 7.47 -6.40 -10.89
C GLN A 87 7.17 -5.31 -9.87
N HIS A 88 8.08 -5.12 -8.92
CA HIS A 88 7.91 -4.12 -7.88
C HIS A 88 8.54 -2.80 -8.30
N ILE A 89 7.93 -1.70 -7.87
CA ILE A 89 8.44 -0.37 -8.19
C ILE A 89 9.63 0.00 -7.31
N VAL A 90 10.47 0.91 -7.81
CA VAL A 90 11.64 1.34 -7.06
C VAL A 90 11.31 1.58 -5.60
N GLY A 91 11.89 0.76 -4.72
CA GLY A 91 11.64 0.89 -3.31
C GLY A 91 10.85 -0.28 -2.75
N SER A 92 9.82 -0.70 -3.47
CA SER A 92 8.98 -1.81 -3.04
C SER A 92 9.74 -3.13 -3.14
N PRO A 93 9.28 -4.13 -2.36
CA PRO A 93 8.14 -3.98 -1.46
C PRO A 93 8.44 -3.06 -0.28
N PHE A 94 7.39 -2.56 0.36
CA PHE A 94 7.56 -1.68 1.51
C PHE A 94 7.14 -2.38 2.80
N LYS A 95 8.08 -2.48 3.74
CA LYS A 95 7.83 -3.13 5.02
C LYS A 95 7.35 -2.11 6.05
N ALA A 96 6.24 -2.43 6.71
CA ALA A 96 5.68 -1.55 7.73
C ALA A 96 5.65 -2.24 9.09
N LYS A 97 6.25 -1.59 10.09
CA LYS A 97 6.29 -2.14 11.44
C LYS A 97 5.32 -1.41 12.35
N VAL A 98 4.27 -2.11 12.78
CA VAL A 98 3.27 -1.53 13.66
C VAL A 98 3.53 -1.91 15.11
N THR A 99 3.20 -0.99 16.03
CA THR A 99 3.39 -1.23 17.45
C THR A 99 2.08 -1.16 18.20
N GLY A 100 2.10 -1.56 19.47
CA GLY A 100 0.90 -1.54 20.28
C GLY A 100 0.36 -2.93 20.55
N PRO A 101 -0.60 -3.03 21.48
CA PRO A 101 -1.23 -4.31 21.83
C PRO A 101 -2.11 -4.87 20.71
N ARG A 102 -2.38 -6.16 20.78
CA ARG A 102 -3.21 -6.82 19.77
C ARG A 102 -4.67 -6.40 19.90
N LEU A 103 -5.04 -5.33 19.19
CA LEU A 103 -6.41 -4.82 19.23
C LEU A 103 -7.30 -5.61 18.28
N SER A 104 -7.21 -6.93 18.33
CA SER A 104 -8.00 -7.79 17.47
C SER A 104 -9.07 -8.53 18.29
N GLY A 105 -10.21 -7.87 18.49
CA GLY A 105 -11.29 -8.47 19.25
C GLY A 105 -11.31 -8.01 20.69
N SER A 106 -12.10 -6.97 20.97
CA SER A 106 -12.20 -6.44 22.32
C SER A 106 -12.18 -7.56 23.35
N GLY A 107 -11.44 -7.33 24.44
CA GLY A 107 -11.33 -8.33 25.49
C GLY A 107 -10.30 -7.97 26.53
N PRO A 108 -10.38 -8.62 27.70
CA PRO A 108 -9.46 -8.37 28.81
C PRO A 108 -8.05 -8.88 28.51
N SER A 109 -7.97 -10.06 27.90
CA SER A 109 -6.68 -10.66 27.55
C SER A 109 -5.80 -9.67 26.78
N SER A 110 -4.53 -9.60 27.15
CA SER A 110 -3.60 -8.70 26.49
C SER A 110 -2.59 -9.47 25.65
N GLY A 111 -1.79 -8.75 24.87
CA GLY A 111 -0.80 -9.39 24.04
C GLY A 111 0.31 -8.44 23.63
N GLY A 1 11.85 -3.46 -40.80
CA GLY A 1 10.70 -4.34 -40.94
C GLY A 1 10.43 -5.13 -39.67
N SER A 2 10.00 -4.44 -38.62
CA SER A 2 9.71 -5.09 -37.34
C SER A 2 8.44 -4.53 -36.73
N SER A 3 7.57 -5.43 -36.27
CA SER A 3 6.30 -5.03 -35.67
C SER A 3 6.51 -3.88 -34.69
N GLY A 4 5.42 -3.19 -34.36
CA GLY A 4 5.50 -2.06 -33.44
C GLY A 4 5.31 -2.48 -32.00
N SER A 5 6.16 -1.97 -31.11
CA SER A 5 6.08 -2.31 -29.69
C SER A 5 5.23 -1.29 -28.95
N SER A 6 4.71 -1.69 -27.79
CA SER A 6 3.88 -0.81 -26.98
C SER A 6 4.43 -0.70 -25.56
N GLY A 7 4.53 0.53 -25.06
CA GLY A 7 5.04 0.76 -23.73
C GLY A 7 4.26 1.81 -22.98
N ALA A 8 3.40 1.37 -22.06
CA ALA A 8 2.59 2.28 -21.26
C ALA A 8 2.77 2.02 -19.78
N GLY A 9 3.60 2.83 -19.13
CA GLY A 9 3.84 2.68 -17.71
C GLY A 9 5.32 2.73 -17.36
N ASP A 10 5.63 3.22 -16.16
CA ASP A 10 7.01 3.33 -15.71
C ASP A 10 7.08 3.34 -14.20
N PRO A 11 7.52 2.21 -13.61
CA PRO A 11 7.65 2.07 -12.16
C PRO A 11 8.78 2.91 -11.59
N GLY A 12 9.89 2.98 -12.32
CA GLY A 12 11.03 3.74 -11.88
C GLY A 12 10.67 5.19 -11.56
N LEU A 13 9.68 5.71 -12.27
CA LEU A 13 9.24 7.09 -12.07
C LEU A 13 8.08 7.14 -11.07
N VAL A 14 7.97 6.11 -10.24
CA VAL A 14 6.91 6.05 -9.23
C VAL A 14 7.49 5.83 -7.84
N SER A 15 6.96 6.56 -6.87
CA SER A 15 7.43 6.46 -5.50
C SER A 15 6.24 6.49 -4.52
N ALA A 16 6.46 5.95 -3.32
CA ALA A 16 5.43 5.92 -2.30
C ALA A 16 5.98 6.37 -0.95
N TYR A 17 5.21 7.20 -0.25
CA TYR A 17 5.62 7.70 1.05
C TYR A 17 4.42 7.81 1.99
N GLY A 18 4.67 7.56 3.28
CA GLY A 18 3.60 7.64 4.26
C GLY A 18 3.86 6.75 5.47
N PRO A 19 3.12 7.01 6.56
CA PRO A 19 3.25 6.23 7.80
C PRO A 19 2.74 4.80 7.65
N GLY A 20 2.02 4.55 6.56
CA GLY A 20 1.49 3.22 6.32
C GLY A 20 2.54 2.24 5.85
N LEU A 21 3.52 2.75 5.12
CA LEU A 21 4.61 1.91 4.59
C LEU A 21 5.64 1.63 5.67
N GLU A 22 6.03 2.65 6.42
CA GLU A 22 7.01 2.51 7.48
C GLU A 22 6.37 1.90 8.73
N GLY A 23 5.07 2.10 8.87
CA GLY A 23 4.36 1.56 10.02
C GLY A 23 3.81 2.66 10.91
N GLY A 24 3.02 2.26 11.90
CA GLY A 24 2.43 3.23 12.82
C GLY A 24 2.05 2.61 14.15
N THR A 25 0.75 2.45 14.38
CA THR A 25 0.25 1.87 15.62
C THR A 25 -0.98 1.02 15.38
N THR A 26 -1.25 0.09 16.29
CA THR A 26 -2.40 -0.79 16.18
C THR A 26 -3.70 -0.02 16.40
N GLY A 27 -4.76 -0.43 15.70
CA GLY A 27 -6.04 0.22 15.84
C GLY A 27 -6.00 1.67 15.37
N VAL A 28 -5.05 1.98 14.51
CA VAL A 28 -4.91 3.34 13.99
C VAL A 28 -4.87 3.34 12.46
N SER A 29 -5.81 4.04 11.85
CA SER A 29 -5.89 4.12 10.40
C SER A 29 -4.55 4.58 9.81
N SER A 30 -3.93 3.72 9.01
CA SER A 30 -2.66 4.02 8.39
C SER A 30 -2.78 4.02 6.87
N GLU A 31 -2.33 5.11 6.25
CA GLU A 31 -2.40 5.23 4.80
C GLU A 31 -1.06 5.74 4.24
N PHE A 32 -1.02 5.93 2.93
CA PHE A 32 0.19 6.41 2.26
C PHE A 32 -0.12 6.92 0.86
N ILE A 33 0.68 7.88 0.40
CA ILE A 33 0.49 8.45 -0.93
C ILE A 33 1.46 7.84 -1.93
N VAL A 34 0.97 7.57 -3.13
CA VAL A 34 1.79 6.99 -4.19
C VAL A 34 1.91 7.94 -5.38
N ASN A 35 3.06 8.59 -5.50
CA ASN A 35 3.31 9.53 -6.58
C ASN A 35 3.45 8.79 -7.91
N THR A 36 2.38 8.78 -8.70
CA THR A 36 2.39 8.12 -9.99
C THR A 36 2.19 9.11 -11.13
N LEU A 37 2.21 10.39 -10.80
CA LEU A 37 2.03 11.44 -11.79
C LEU A 37 3.17 11.45 -12.80
N ASN A 38 4.40 11.34 -12.30
CA ASN A 38 5.58 11.33 -13.16
C ASN A 38 5.47 10.22 -14.21
N ALA A 39 4.94 9.07 -13.80
CA ALA A 39 4.78 7.94 -14.71
C ALA A 39 3.78 8.27 -15.82
N GLY A 40 2.55 8.55 -15.43
CA GLY A 40 1.52 8.88 -16.41
C GLY A 40 0.25 8.06 -16.21
N SER A 41 0.33 6.78 -16.57
CA SER A 41 -0.82 5.88 -16.44
C SER A 41 -0.37 4.44 -16.34
N GLY A 42 -1.29 3.56 -15.94
CA GLY A 42 -0.97 2.15 -15.81
C GLY A 42 -1.71 1.49 -14.66
N ALA A 43 -1.79 0.16 -14.70
CA ALA A 43 -2.47 -0.59 -13.66
C ALA A 43 -1.67 -0.57 -12.36
N LEU A 44 -2.38 -0.35 -11.25
CA LEU A 44 -1.74 -0.31 -9.94
C LEU A 44 -2.16 -1.50 -9.08
N SER A 45 -1.25 -1.98 -8.25
CA SER A 45 -1.53 -3.12 -7.38
C SER A 45 -1.05 -2.85 -5.96
N VAL A 46 -1.96 -2.98 -5.00
CA VAL A 46 -1.64 -2.74 -3.60
C VAL A 46 -2.18 -3.86 -2.72
N THR A 47 -1.28 -4.56 -2.04
CA THR A 47 -1.67 -5.66 -1.16
C THR A 47 -0.90 -5.60 0.16
N ILE A 48 -1.49 -6.17 1.21
CA ILE A 48 -0.87 -6.17 2.52
C ILE A 48 -0.80 -7.60 3.08
N ASP A 49 0.30 -7.91 3.75
CA ASP A 49 0.49 -9.23 4.34
C ASP A 49 1.05 -9.12 5.75
N GLY A 50 0.26 -9.55 6.73
CA GLY A 50 0.70 -9.49 8.11
C GLY A 50 0.17 -10.65 8.94
N PRO A 51 0.35 -10.57 10.27
CA PRO A 51 -0.10 -11.62 11.19
C PRO A 51 -1.61 -11.68 11.30
N SER A 52 -2.29 -10.67 10.76
CA SER A 52 -3.75 -10.62 10.80
C SER A 52 -4.29 -9.80 9.62
N LYS A 53 -5.25 -10.37 8.92
CA LYS A 53 -5.87 -9.70 7.76
C LYS A 53 -6.14 -8.23 8.08
N VAL A 54 -6.00 -7.38 7.06
CA VAL A 54 -6.23 -5.95 7.22
C VAL A 54 -7.22 -5.44 6.19
N GLN A 55 -8.05 -4.48 6.59
CA GLN A 55 -9.04 -3.90 5.69
C GLN A 55 -8.51 -2.65 5.02
N LEU A 56 -8.09 -2.80 3.77
CA LEU A 56 -7.54 -1.67 3.00
C LEU A 56 -8.59 -1.09 2.06
N ASP A 57 -8.57 0.23 1.90
CA ASP A 57 -9.52 0.90 1.03
C ASP A 57 -8.79 1.80 0.02
N CYS A 58 -8.97 1.52 -1.26
CA CYS A 58 -8.33 2.30 -2.31
C CYS A 58 -9.07 3.60 -2.54
N ARG A 59 -8.33 4.71 -2.52
CA ARG A 59 -8.93 6.03 -2.72
C ARG A 59 -8.19 6.79 -3.82
N GLU A 60 -8.58 8.05 -4.03
CA GLU A 60 -7.96 8.88 -5.05
C GLU A 60 -7.41 10.17 -4.45
N CYS A 61 -6.14 10.45 -4.72
CA CYS A 61 -5.50 11.65 -4.20
C CYS A 61 -4.86 12.45 -5.33
N PRO A 62 -4.60 13.75 -5.06
CA PRO A 62 -3.98 14.65 -6.05
C PRO A 62 -2.52 14.30 -6.32
N GLU A 63 -2.03 13.27 -5.64
CA GLU A 63 -0.65 12.84 -5.79
C GLU A 63 -0.57 11.56 -6.62
N GLY A 64 -1.71 10.92 -6.81
CA GLY A 64 -1.75 9.68 -7.58
C GLY A 64 -2.70 8.67 -6.99
N HIS A 65 -2.16 7.67 -6.29
CA HIS A 65 -2.98 6.63 -5.69
C HIS A 65 -2.75 6.58 -4.18
N VAL A 66 -3.83 6.43 -3.42
CA VAL A 66 -3.76 6.36 -1.97
C VAL A 66 -4.59 5.21 -1.42
N VAL A 67 -4.14 4.65 -0.30
CA VAL A 67 -4.84 3.52 0.32
C VAL A 67 -4.85 3.66 1.84
N THR A 68 -5.96 3.31 2.46
CA THR A 68 -6.10 3.40 3.91
C THR A 68 -6.48 2.04 4.50
N TYR A 69 -5.71 1.60 5.50
CA TYR A 69 -5.96 0.33 6.16
C TYR A 69 -5.82 0.46 7.67
N THR A 70 -6.40 -0.50 8.39
CA THR A 70 -6.35 -0.50 9.85
C THR A 70 -5.77 -1.81 10.38
N PRO A 71 -4.68 -1.71 11.15
CA PRO A 71 -4.02 -2.87 11.73
C PRO A 71 -4.85 -3.53 12.83
N MET A 72 -4.61 -4.81 13.06
CA MET A 72 -5.34 -5.55 14.08
C MET A 72 -4.38 -6.22 15.06
N ALA A 73 -3.09 -6.19 14.72
CA ALA A 73 -2.07 -6.79 15.58
C ALA A 73 -0.70 -6.20 15.28
N PRO A 74 0.12 -6.04 16.34
CA PRO A 74 1.47 -5.48 16.22
C PRO A 74 2.43 -6.43 15.49
N GLY A 75 2.83 -6.04 14.29
CA GLY A 75 3.74 -6.86 13.52
C GLY A 75 4.29 -6.14 12.30
N ASN A 76 4.79 -6.89 11.33
CA ASN A 76 5.35 -6.31 10.11
C ASN A 76 4.47 -6.63 8.91
N TYR A 77 3.71 -5.64 8.46
CA TYR A 77 2.83 -5.81 7.31
C TYR A 77 3.55 -5.46 6.01
N LEU A 78 3.74 -6.47 5.16
CA LEU A 78 4.42 -6.27 3.89
C LEU A 78 3.48 -5.63 2.87
N ILE A 79 3.78 -4.39 2.50
CA ILE A 79 2.97 -3.66 1.53
C ILE A 79 3.57 -3.74 0.13
N ALA A 80 2.90 -4.46 -0.76
CA ALA A 80 3.37 -4.61 -2.14
C ALA A 80 2.76 -3.54 -3.04
N ILE A 81 3.62 -2.82 -3.75
CA ILE A 81 3.18 -1.77 -4.66
C ILE A 81 3.80 -1.94 -6.03
N LYS A 82 2.96 -2.27 -7.01
CA LYS A 82 3.42 -2.47 -8.39
C LYS A 82 2.73 -1.48 -9.33
N TYR A 83 3.27 -1.34 -10.54
CA TYR A 83 2.72 -0.44 -11.54
C TYR A 83 3.34 -0.68 -12.91
N GLY A 84 2.52 -0.66 -13.94
CA GLY A 84 3.00 -0.88 -15.29
C GLY A 84 4.06 -1.95 -15.35
N GLY A 85 3.78 -3.11 -14.78
CA GLY A 85 4.73 -4.20 -14.79
C GLY A 85 4.58 -5.11 -13.58
N PRO A 86 4.85 -6.41 -13.79
CA PRO A 86 4.74 -7.42 -12.73
C PRO A 86 5.83 -7.25 -11.67
N GLN A 87 6.78 -6.37 -11.94
CA GLN A 87 7.88 -6.12 -11.01
C GLN A 87 7.54 -4.98 -10.05
N HIS A 88 8.05 -5.06 -8.83
CA HIS A 88 7.80 -4.04 -7.82
C HIS A 88 8.50 -2.73 -8.20
N ILE A 89 7.84 -1.61 -7.89
CA ILE A 89 8.40 -0.30 -8.20
C ILE A 89 9.62 0.00 -7.34
N VAL A 90 10.34 1.06 -7.69
CA VAL A 90 11.53 1.45 -6.95
C VAL A 90 11.23 1.62 -5.45
N GLY A 91 11.84 0.78 -4.63
CA GLY A 91 11.61 0.86 -3.20
C GLY A 91 10.77 -0.29 -2.69
N SER A 92 9.77 -0.68 -3.47
CA SER A 92 8.88 -1.77 -3.09
C SER A 92 9.58 -3.12 -3.19
N PRO A 93 9.13 -4.09 -2.39
CA PRO A 93 8.00 -3.89 -1.47
C PRO A 93 8.38 -2.98 -0.30
N PHE A 94 7.39 -2.68 0.54
CA PHE A 94 7.61 -1.81 1.69
C PHE A 94 7.28 -2.54 2.99
N LYS A 95 8.14 -2.37 3.99
CA LYS A 95 7.93 -3.01 5.29
C LYS A 95 7.32 -2.03 6.28
N ALA A 96 6.14 -2.37 6.81
CA ALA A 96 5.47 -1.52 7.77
C ALA A 96 5.42 -2.18 9.15
N LYS A 97 6.19 -1.65 10.08
CA LYS A 97 6.23 -2.18 11.44
C LYS A 97 5.29 -1.42 12.36
N VAL A 98 4.17 -2.04 12.70
CA VAL A 98 3.19 -1.41 13.59
C VAL A 98 3.44 -1.79 15.04
N THR A 99 3.22 -0.84 15.95
CA THR A 99 3.41 -1.08 17.37
C THR A 99 2.12 -0.89 18.14
N GLY A 100 2.08 -1.40 19.38
CA GLY A 100 0.90 -1.28 20.20
C GLY A 100 0.26 -2.62 20.48
N PRO A 101 -0.62 -2.66 21.50
CA PRO A 101 -1.32 -3.88 21.90
C PRO A 101 -2.35 -4.32 20.86
N ARG A 102 -2.48 -5.63 20.68
CA ARG A 102 -3.43 -6.18 19.72
C ARG A 102 -4.80 -5.55 19.88
N LEU A 103 -5.19 -4.74 18.89
CA LEU A 103 -6.48 -4.06 18.93
C LEU A 103 -7.45 -4.69 17.92
N SER A 104 -8.37 -5.51 18.41
CA SER A 104 -9.34 -6.17 17.56
C SER A 104 -10.60 -6.54 18.36
N GLY A 105 -11.69 -6.77 17.64
CA GLY A 105 -12.94 -7.14 18.29
C GLY A 105 -14.15 -6.68 17.53
N SER A 106 -14.83 -5.66 18.04
CA SER A 106 -16.02 -5.12 17.40
C SER A 106 -15.64 -4.14 16.30
N GLY A 107 -14.73 -3.22 16.60
CA GLY A 107 -14.30 -2.24 15.62
C GLY A 107 -14.41 -0.82 16.13
N PRO A 108 -13.35 -0.34 16.79
CA PRO A 108 -13.31 1.01 17.35
C PRO A 108 -13.25 2.08 16.27
N SER A 109 -14.18 3.03 16.32
CA SER A 109 -14.24 4.11 15.33
C SER A 109 -14.22 5.47 16.03
N SER A 110 -13.56 6.44 15.40
CA SER A 110 -13.47 7.79 15.96
C SER A 110 -14.83 8.48 15.92
N GLY A 111 -15.38 8.63 14.72
CA GLY A 111 -16.67 9.28 14.56
C GLY A 111 -17.70 8.36 13.93
#